data_1MQW
# 
_entry.id   1MQW 
# 
_audit_conform.dict_name       mmcif_pdbx.dic 
_audit_conform.dict_version    5.386 
_audit_conform.dict_location   http://mmcif.pdb.org/dictionaries/ascii/mmcif_pdbx.dic 
# 
loop_
_database_2.database_id 
_database_2.database_code 
_database_2.pdbx_database_accession 
_database_2.pdbx_DOI 
PDB   1MQW         pdb_00001mqw 10.2210/pdb1mqw/pdb 
RCSB  RCSB017117   ?            ?                   
WWPDB D_1000017117 ?            ?                   
# 
loop_
_pdbx_audit_revision_history.ordinal 
_pdbx_audit_revision_history.data_content_type 
_pdbx_audit_revision_history.major_revision 
_pdbx_audit_revision_history.minor_revision 
_pdbx_audit_revision_history.revision_date 
1 'Structure model' 1 0 2003-08-05 
2 'Structure model' 1 1 2008-04-28 
3 'Structure model' 1 2 2011-07-13 
4 'Structure model' 1 3 2024-02-14 
# 
_pdbx_audit_revision_details.ordinal             1 
_pdbx_audit_revision_details.revision_ordinal    1 
_pdbx_audit_revision_details.data_content_type   'Structure model' 
_pdbx_audit_revision_details.provider            repository 
_pdbx_audit_revision_details.type                'Initial release' 
_pdbx_audit_revision_details.description         ? 
_pdbx_audit_revision_details.details             ? 
# 
loop_
_pdbx_audit_revision_group.ordinal 
_pdbx_audit_revision_group.revision_ordinal 
_pdbx_audit_revision_group.data_content_type 
_pdbx_audit_revision_group.group 
1 2 'Structure model' 'Version format compliance' 
2 3 'Structure model' 'Derived calculations'      
3 3 'Structure model' 'Version format compliance' 
4 4 'Structure model' Advisory                    
5 4 'Structure model' 'Data collection'           
6 4 'Structure model' 'Database references'       
7 4 'Structure model' 'Derived calculations'      
# 
loop_
_pdbx_audit_revision_category.ordinal 
_pdbx_audit_revision_category.revision_ordinal 
_pdbx_audit_revision_category.data_content_type 
_pdbx_audit_revision_category.category 
1 4 'Structure model' chem_comp_atom               
2 4 'Structure model' chem_comp_bond               
3 4 'Structure model' database_2                   
4 4 'Structure model' pdbx_struct_conn_angle       
5 4 'Structure model' pdbx_unobs_or_zero_occ_atoms 
6 4 'Structure model' struct_conn                  
7 4 'Structure model' struct_site                  
# 
loop_
_pdbx_audit_revision_item.ordinal 
_pdbx_audit_revision_item.revision_ordinal 
_pdbx_audit_revision_item.data_content_type 
_pdbx_audit_revision_item.item 
1  4 'Structure model' '_database_2.pdbx_DOI'                        
2  4 'Structure model' '_database_2.pdbx_database_accession'         
3  4 'Structure model' '_pdbx_struct_conn_angle.ptnr1_auth_comp_id'  
4  4 'Structure model' '_pdbx_struct_conn_angle.ptnr1_auth_seq_id'   
5  4 'Structure model' '_pdbx_struct_conn_angle.ptnr1_label_asym_id' 
6  4 'Structure model' '_pdbx_struct_conn_angle.ptnr1_label_atom_id' 
7  4 'Structure model' '_pdbx_struct_conn_angle.ptnr1_label_comp_id' 
8  4 'Structure model' '_pdbx_struct_conn_angle.ptnr1_label_seq_id'  
9  4 'Structure model' '_pdbx_struct_conn_angle.ptnr3_auth_comp_id'  
10 4 'Structure model' '_pdbx_struct_conn_angle.ptnr3_auth_seq_id'   
11 4 'Structure model' '_pdbx_struct_conn_angle.ptnr3_label_asym_id' 
12 4 'Structure model' '_pdbx_struct_conn_angle.ptnr3_label_atom_id' 
13 4 'Structure model' '_pdbx_struct_conn_angle.ptnr3_label_comp_id' 
14 4 'Structure model' '_pdbx_struct_conn_angle.ptnr3_label_seq_id'  
15 4 'Structure model' '_pdbx_struct_conn_angle.value'               
16 4 'Structure model' '_struct_conn.pdbx_dist_value'                
17 4 'Structure model' '_struct_conn.ptnr1_auth_comp_id'             
18 4 'Structure model' '_struct_conn.ptnr1_auth_seq_id'              
19 4 'Structure model' '_struct_conn.ptnr1_label_asym_id'            
20 4 'Structure model' '_struct_conn.ptnr1_label_atom_id'            
21 4 'Structure model' '_struct_conn.ptnr1_label_comp_id'            
22 4 'Structure model' '_struct_conn.ptnr1_label_seq_id'             
23 4 'Structure model' '_struct_conn.ptnr2_auth_comp_id'             
24 4 'Structure model' '_struct_conn.ptnr2_auth_seq_id'              
25 4 'Structure model' '_struct_conn.ptnr2_label_asym_id'            
26 4 'Structure model' '_struct_conn.ptnr2_label_atom_id'            
27 4 'Structure model' '_struct_conn.ptnr2_label_comp_id'            
28 4 'Structure model' '_struct_conn.ptnr2_label_seq_id'             
29 4 'Structure model' '_struct_site.pdbx_auth_asym_id'              
30 4 'Structure model' '_struct_site.pdbx_auth_comp_id'              
31 4 'Structure model' '_struct_site.pdbx_auth_seq_id'               
# 
_pdbx_database_status.status_code                     REL 
_pdbx_database_status.entry_id                        1MQW 
_pdbx_database_status.recvd_initial_deposition_date   2002-09-17 
_pdbx_database_status.deposit_site                    RCSB 
_pdbx_database_status.process_site                    RCSB 
_pdbx_database_status.SG_entry                        . 
_pdbx_database_status.pdb_format_compatible           Y 
_pdbx_database_status.status_code_mr                  ? 
_pdbx_database_status.status_code_sf                  ? 
_pdbx_database_status.status_code_cs                  ? 
_pdbx_database_status.status_code_nmr_data            ? 
_pdbx_database_status.methods_development_category    ? 
# 
loop_
_pdbx_database_related.db_name 
_pdbx_database_related.db_id 
_pdbx_database_related.details 
_pdbx_database_related.content_type 
PDB 1mk1 'The same protein complexed with ADPR'                       unspecified 
PDB 1mp2 'The same protein (apo enzyme)'                              unspecified 
PDB 1MQW 'The same protein complexed with three Mn2+ ions and AMP-CP' unspecified 
PDB 1MR2 'The same protein complexed with 1 Mn2+ ion and AMP-CP'      unspecified 
# 
loop_
_audit_author.name 
_audit_author.pdbx_ordinal 
'Kang, L.-W.'      1 
'Gabelli, S.B.'    2 
'Bianchet, M.A.'   3 
'Cunningham, J.E.' 4 
;O'Handley, S.F.
;
5 
'Amzel, L.M.'      6 
# 
_citation.id                        primary 
_citation.title                     'Structure and mechanism of MT-ADPRase, a Nudix hydrolase from Mycobacterium tuberculosis' 
_citation.journal_abbrev            Structure 
_citation.journal_volume            11 
_citation.page_first                1015 
_citation.page_last                 1023 
_citation.year                      2003 
_citation.journal_id_ASTM           STRUE6 
_citation.country                   UK 
_citation.journal_id_ISSN           0969-2126 
_citation.journal_id_CSD            2005 
_citation.book_publisher            ? 
_citation.pdbx_database_id_PubMed   12906832 
_citation.pdbx_database_id_DOI      '10.1016/S0969-2126(03)00154-0' 
# 
loop_
_citation_author.citation_id 
_citation_author.name 
_citation_author.ordinal 
_citation_author.identifier_ORCID 
primary 'Kang, L.-W.'      1 ? 
primary 'Gabelli, S.B.'    2 ? 
primary 'Cunningham, J.E.' 3 ? 
primary 
;O'Handley, S.F.
;
4 ? 
primary 'Amzel, L.M.'      5 ? 
# 
loop_
_entity.id 
_entity.type 
_entity.src_method 
_entity.pdbx_description 
_entity.formula_weight 
_entity.pdbx_number_of_molecules 
_entity.pdbx_ec 
_entity.pdbx_mutation 
_entity.pdbx_fragment 
_entity.details 
1 polymer     man 'ADPR pyrophosphatase'            22920.846 1  3.6.1.13 ? ? ? 
2 non-polymer syn 'MANGANESE (II) ION'              54.938    3  ?        ? ? ? 
3 non-polymer syn 'ALPHA-BETA METHYLENE ADP-RIBOSE' 557.343   1  ?        ? ? ? 
4 water       nat water                             18.015    69 ?        ? ? ? 
# 
_entity_name_com.entity_id   1 
_entity_name_com.name        'ADPRase, MutT/nudix family protein, Hypothetical protein Rv1700' 
# 
_entity_poly.entity_id                      1 
_entity_poly.type                           'polypeptide(L)' 
_entity_poly.nstd_linkage                   no 
_entity_poly.nstd_monomer                   no 
_entity_poly.pdbx_seq_one_letter_code       
;MAEHDFETISSETLHTGAIFALRRDQVRMPGGGIVTREVVEHFGAVAIVAMDDNGNIPMVYQYRHTYGRRLWELPAGLLD
VAGEPPHLTAARELREEVGLQASTWQVLVDLDTAPGFSDESVRVYLATGLREVGRPEAHHEEADMTMGWYPIAEAARRVL
RGEIVNSIAIAGVLAVHAVTTGFAQPRPLDTEWIDRPTAFAARRAER
;
_entity_poly.pdbx_seq_one_letter_code_can   
;MAEHDFETISSETLHTGAIFALRRDQVRMPGGGIVTREVVEHFGAVAIVAMDDNGNIPMVYQYRHTYGRRLWELPAGLLD
VAGEPPHLTAARELREEVGLQASTWQVLVDLDTAPGFSDESVRVYLATGLREVGRPEAHHEEADMTMGWYPIAEAARRVL
RGEIVNSIAIAGVLAVHAVTTGFAQPRPLDTEWIDRPTAFAARRAER
;
_entity_poly.pdbx_strand_id                 A 
_entity_poly.pdbx_target_identifier         ? 
# 
loop_
_pdbx_entity_nonpoly.entity_id 
_pdbx_entity_nonpoly.name 
_pdbx_entity_nonpoly.comp_id 
2 'MANGANESE (II) ION'              MN  
3 'ALPHA-BETA METHYLENE ADP-RIBOSE' ADV 
4 water                             HOH 
# 
loop_
_entity_poly_seq.entity_id 
_entity_poly_seq.num 
_entity_poly_seq.mon_id 
_entity_poly_seq.hetero 
1 1   MET n 
1 2   ALA n 
1 3   GLU n 
1 4   HIS n 
1 5   ASP n 
1 6   PHE n 
1 7   GLU n 
1 8   THR n 
1 9   ILE n 
1 10  SER n 
1 11  SER n 
1 12  GLU n 
1 13  THR n 
1 14  LEU n 
1 15  HIS n 
1 16  THR n 
1 17  GLY n 
1 18  ALA n 
1 19  ILE n 
1 20  PHE n 
1 21  ALA n 
1 22  LEU n 
1 23  ARG n 
1 24  ARG n 
1 25  ASP n 
1 26  GLN n 
1 27  VAL n 
1 28  ARG n 
1 29  MET n 
1 30  PRO n 
1 31  GLY n 
1 32  GLY n 
1 33  GLY n 
1 34  ILE n 
1 35  VAL n 
1 36  THR n 
1 37  ARG n 
1 38  GLU n 
1 39  VAL n 
1 40  VAL n 
1 41  GLU n 
1 42  HIS n 
1 43  PHE n 
1 44  GLY n 
1 45  ALA n 
1 46  VAL n 
1 47  ALA n 
1 48  ILE n 
1 49  VAL n 
1 50  ALA n 
1 51  MET n 
1 52  ASP n 
1 53  ASP n 
1 54  ASN n 
1 55  GLY n 
1 56  ASN n 
1 57  ILE n 
1 58  PRO n 
1 59  MET n 
1 60  VAL n 
1 61  TYR n 
1 62  GLN n 
1 63  TYR n 
1 64  ARG n 
1 65  HIS n 
1 66  THR n 
1 67  TYR n 
1 68  GLY n 
1 69  ARG n 
1 70  ARG n 
1 71  LEU n 
1 72  TRP n 
1 73  GLU n 
1 74  LEU n 
1 75  PRO n 
1 76  ALA n 
1 77  GLY n 
1 78  LEU n 
1 79  LEU n 
1 80  ASP n 
1 81  VAL n 
1 82  ALA n 
1 83  GLY n 
1 84  GLU n 
1 85  PRO n 
1 86  PRO n 
1 87  HIS n 
1 88  LEU n 
1 89  THR n 
1 90  ALA n 
1 91  ALA n 
1 92  ARG n 
1 93  GLU n 
1 94  LEU n 
1 95  ARG n 
1 96  GLU n 
1 97  GLU n 
1 98  VAL n 
1 99  GLY n 
1 100 LEU n 
1 101 GLN n 
1 102 ALA n 
1 103 SER n 
1 104 THR n 
1 105 TRP n 
1 106 GLN n 
1 107 VAL n 
1 108 LEU n 
1 109 VAL n 
1 110 ASP n 
1 111 LEU n 
1 112 ASP n 
1 113 THR n 
1 114 ALA n 
1 115 PRO n 
1 116 GLY n 
1 117 PHE n 
1 118 SER n 
1 119 ASP n 
1 120 GLU n 
1 121 SER n 
1 122 VAL n 
1 123 ARG n 
1 124 VAL n 
1 125 TYR n 
1 126 LEU n 
1 127 ALA n 
1 128 THR n 
1 129 GLY n 
1 130 LEU n 
1 131 ARG n 
1 132 GLU n 
1 133 VAL n 
1 134 GLY n 
1 135 ARG n 
1 136 PRO n 
1 137 GLU n 
1 138 ALA n 
1 139 HIS n 
1 140 HIS n 
1 141 GLU n 
1 142 GLU n 
1 143 ALA n 
1 144 ASP n 
1 145 MET n 
1 146 THR n 
1 147 MET n 
1 148 GLY n 
1 149 TRP n 
1 150 TYR n 
1 151 PRO n 
1 152 ILE n 
1 153 ALA n 
1 154 GLU n 
1 155 ALA n 
1 156 ALA n 
1 157 ARG n 
1 158 ARG n 
1 159 VAL n 
1 160 LEU n 
1 161 ARG n 
1 162 GLY n 
1 163 GLU n 
1 164 ILE n 
1 165 VAL n 
1 166 ASN n 
1 167 SER n 
1 168 ILE n 
1 169 ALA n 
1 170 ILE n 
1 171 ALA n 
1 172 GLY n 
1 173 VAL n 
1 174 LEU n 
1 175 ALA n 
1 176 VAL n 
1 177 HIS n 
1 178 ALA n 
1 179 VAL n 
1 180 THR n 
1 181 THR n 
1 182 GLY n 
1 183 PHE n 
1 184 ALA n 
1 185 GLN n 
1 186 PRO n 
1 187 ARG n 
1 188 PRO n 
1 189 LEU n 
1 190 ASP n 
1 191 THR n 
1 192 GLU n 
1 193 TRP n 
1 194 ILE n 
1 195 ASP n 
1 196 ARG n 
1 197 PRO n 
1 198 THR n 
1 199 ALA n 
1 200 PHE n 
1 201 ALA n 
1 202 ALA n 
1 203 ARG n 
1 204 ARG n 
1 205 ALA n 
1 206 GLU n 
1 207 ARG n 
# 
_entity_src_gen.entity_id                          1 
_entity_src_gen.pdbx_src_id                        1 
_entity_src_gen.pdbx_alt_source_flag               sample 
_entity_src_gen.pdbx_seq_type                      ? 
_entity_src_gen.pdbx_beg_seq_num                   ? 
_entity_src_gen.pdbx_end_seq_num                   ? 
_entity_src_gen.gene_src_common_name               ? 
_entity_src_gen.gene_src_genus                     Mycobacterium 
_entity_src_gen.pdbx_gene_src_gene                 Rv1700 
_entity_src_gen.gene_src_species                   ? 
_entity_src_gen.gene_src_strain                    ? 
_entity_src_gen.gene_src_tissue                    ? 
_entity_src_gen.gene_src_tissue_fraction           ? 
_entity_src_gen.gene_src_details                   ? 
_entity_src_gen.pdbx_gene_src_fragment             ? 
_entity_src_gen.pdbx_gene_src_scientific_name      'Mycobacterium tuberculosis' 
_entity_src_gen.pdbx_gene_src_ncbi_taxonomy_id     1773 
_entity_src_gen.pdbx_gene_src_variant              ? 
_entity_src_gen.pdbx_gene_src_cell_line            ? 
_entity_src_gen.pdbx_gene_src_atcc                 ? 
_entity_src_gen.pdbx_gene_src_organ                ? 
_entity_src_gen.pdbx_gene_src_organelle            ? 
_entity_src_gen.pdbx_gene_src_cell                 ? 
_entity_src_gen.pdbx_gene_src_cellular_location    ? 
_entity_src_gen.host_org_common_name               ? 
_entity_src_gen.pdbx_host_org_scientific_name      'Escherichia coli' 
_entity_src_gen.pdbx_host_org_ncbi_taxonomy_id     562 
_entity_src_gen.host_org_genus                     Escherichia 
_entity_src_gen.pdbx_host_org_gene                 ? 
_entity_src_gen.pdbx_host_org_organ                ? 
_entity_src_gen.host_org_species                   ? 
_entity_src_gen.pdbx_host_org_tissue               ? 
_entity_src_gen.pdbx_host_org_tissue_fraction      ? 
_entity_src_gen.pdbx_host_org_strain               'BLR(DE3)' 
_entity_src_gen.pdbx_host_org_variant              ? 
_entity_src_gen.pdbx_host_org_cell_line            ? 
_entity_src_gen.pdbx_host_org_atcc                 ? 
_entity_src_gen.pdbx_host_org_culture_collection   ? 
_entity_src_gen.pdbx_host_org_cell                 ? 
_entity_src_gen.pdbx_host_org_organelle            ? 
_entity_src_gen.pdbx_host_org_cellular_location    ? 
_entity_src_gen.pdbx_host_org_vector_type          plasmid 
_entity_src_gen.pdbx_host_org_vector               ? 
_entity_src_gen.host_org_details                   ? 
_entity_src_gen.expression_system_id               ? 
_entity_src_gen.plasmid_name                       pET11b 
_entity_src_gen.plasmid_details                    ? 
_entity_src_gen.pdbx_description                   ? 
# 
loop_
_chem_comp.id 
_chem_comp.type 
_chem_comp.mon_nstd_flag 
_chem_comp.name 
_chem_comp.pdbx_synonyms 
_chem_comp.formula 
_chem_comp.formula_weight 
ADV non-polymer         . 'ALPHA-BETA METHYLENE ADP-RIBOSE' 
;AMPCPR; {[5-(6-AMINO-PURIN-9-YL)-3,4-DIHYDROXY-TETRAHYDRO-FURAN-2-YLMETHOXY]-HYDROXY-PHOSPHORYLMETHYL}-PHOSPHONIC ACID MONO-(3,4,5-TRIHYDROXY-TETRAHYDRO-FURAN-2-YLMETHYL) ESTER
;
'C16 H25 N5 O13 P2' 557.343 
ALA 'L-peptide linking' y ALANINE                           ? 'C3 H7 N O2'        89.093  
ARG 'L-peptide linking' y ARGININE                          ? 'C6 H15 N4 O2 1'    175.209 
ASN 'L-peptide linking' y ASPARAGINE                        ? 'C4 H8 N2 O3'       132.118 
ASP 'L-peptide linking' y 'ASPARTIC ACID'                   ? 'C4 H7 N O4'        133.103 
GLN 'L-peptide linking' y GLUTAMINE                         ? 'C5 H10 N2 O3'      146.144 
GLU 'L-peptide linking' y 'GLUTAMIC ACID'                   ? 'C5 H9 N O4'        147.129 
GLY 'peptide linking'   y GLYCINE                           ? 'C2 H5 N O2'        75.067  
HIS 'L-peptide linking' y HISTIDINE                         ? 'C6 H10 N3 O2 1'    156.162 
HOH non-polymer         . WATER                             ? 'H2 O'              18.015  
ILE 'L-peptide linking' y ISOLEUCINE                        ? 'C6 H13 N O2'       131.173 
LEU 'L-peptide linking' y LEUCINE                           ? 'C6 H13 N O2'       131.173 
MET 'L-peptide linking' y METHIONINE                        ? 'C5 H11 N O2 S'     149.211 
MN  non-polymer         . 'MANGANESE (II) ION'              ? 'Mn 2'              54.938  
PHE 'L-peptide linking' y PHENYLALANINE                     ? 'C9 H11 N O2'       165.189 
PRO 'L-peptide linking' y PROLINE                           ? 'C5 H9 N O2'        115.130 
SER 'L-peptide linking' y SERINE                            ? 'C3 H7 N O3'        105.093 
THR 'L-peptide linking' y THREONINE                         ? 'C4 H9 N O3'        119.119 
TRP 'L-peptide linking' y TRYPTOPHAN                        ? 'C11 H12 N2 O2'     204.225 
TYR 'L-peptide linking' y TYROSINE                          ? 'C9 H11 N O3'       181.189 
VAL 'L-peptide linking' y VALINE                            ? 'C5 H11 N O2'       117.146 
# 
loop_
_pdbx_poly_seq_scheme.asym_id 
_pdbx_poly_seq_scheme.entity_id 
_pdbx_poly_seq_scheme.seq_id 
_pdbx_poly_seq_scheme.mon_id 
_pdbx_poly_seq_scheme.ndb_seq_num 
_pdbx_poly_seq_scheme.pdb_seq_num 
_pdbx_poly_seq_scheme.auth_seq_num 
_pdbx_poly_seq_scheme.pdb_mon_id 
_pdbx_poly_seq_scheme.auth_mon_id 
_pdbx_poly_seq_scheme.pdb_strand_id 
_pdbx_poly_seq_scheme.pdb_ins_code 
_pdbx_poly_seq_scheme.hetero 
A 1 1   MET 1   1   ?   ?   ?   A . n 
A 1 2   ALA 2   2   ?   ?   ?   A . n 
A 1 3   GLU 3   3   ?   ?   ?   A . n 
A 1 4   HIS 4   4   ?   ?   ?   A . n 
A 1 5   ASP 5   5   5   ASP ASP A . n 
A 1 6   PHE 6   6   6   PHE PHE A . n 
A 1 7   GLU 7   7   7   GLU GLU A . n 
A 1 8   THR 8   8   8   THR THR A . n 
A 1 9   ILE 9   9   9   ILE ILE A . n 
A 1 10  SER 10  10  10  SER SER A . n 
A 1 11  SER 11  11  11  SER SER A . n 
A 1 12  GLU 12  12  12  GLU GLU A . n 
A 1 13  THR 13  13  13  THR THR A . n 
A 1 14  LEU 14  14  14  LEU LEU A . n 
A 1 15  HIS 15  15  15  HIS HIS A . n 
A 1 16  THR 16  16  16  THR THR A . n 
A 1 17  GLY 17  17  17  GLY GLY A . n 
A 1 18  ALA 18  18  18  ALA ALA A . n 
A 1 19  ILE 19  19  19  ILE ILE A . n 
A 1 20  PHE 20  20  20  PHE PHE A . n 
A 1 21  ALA 21  21  21  ALA ALA A . n 
A 1 22  LEU 22  22  22  LEU LEU A . n 
A 1 23  ARG 23  23  23  ARG ARG A . n 
A 1 24  ARG 24  24  24  ARG ARG A . n 
A 1 25  ASP 25  25  25  ASP ASP A . n 
A 1 26  GLN 26  26  26  GLN GLN A . n 
A 1 27  VAL 27  27  27  VAL VAL A . n 
A 1 28  ARG 28  28  28  ARG ARG A . n 
A 1 29  MET 29  29  29  MET MET A . n 
A 1 30  PRO 30  30  30  PRO PRO A . n 
A 1 31  GLY 31  31  31  GLY GLY A . n 
A 1 32  GLY 32  32  32  GLY GLY A . n 
A 1 33  GLY 33  33  33  GLY GLY A . n 
A 1 34  ILE 34  34  34  ILE ILE A . n 
A 1 35  VAL 35  35  35  VAL VAL A . n 
A 1 36  THR 36  36  36  THR THR A . n 
A 1 37  ARG 37  37  37  ARG ARG A . n 
A 1 38  GLU 38  38  38  GLU GLU A . n 
A 1 39  VAL 39  39  39  VAL VAL A . n 
A 1 40  VAL 40  40  40  VAL VAL A . n 
A 1 41  GLU 41  41  41  GLU GLU A . n 
A 1 42  HIS 42  42  42  HIS HIS A . n 
A 1 43  PHE 43  43  43  PHE PHE A . n 
A 1 44  GLY 44  44  44  GLY GLY A . n 
A 1 45  ALA 45  45  45  ALA ALA A . n 
A 1 46  VAL 46  46  46  VAL VAL A . n 
A 1 47  ALA 47  47  47  ALA ALA A . n 
A 1 48  ILE 48  48  48  ILE ILE A . n 
A 1 49  VAL 49  49  49  VAL VAL A . n 
A 1 50  ALA 50  50  50  ALA ALA A . n 
A 1 51  MET 51  51  51  MET MET A . n 
A 1 52  ASP 52  52  52  ASP ASP A . n 
A 1 53  ASP 53  53  53  ASP ASP A . n 
A 1 54  ASN 54  54  54  ASN ASN A . n 
A 1 55  GLY 55  55  55  GLY GLY A . n 
A 1 56  ASN 56  56  56  ASN ASN A . n 
A 1 57  ILE 57  57  57  ILE ILE A . n 
A 1 58  PRO 58  58  58  PRO PRO A . n 
A 1 59  MET 59  59  59  MET MET A . n 
A 1 60  VAL 60  60  60  VAL VAL A . n 
A 1 61  TYR 61  61  61  TYR TYR A . n 
A 1 62  GLN 62  62  62  GLN GLN A . n 
A 1 63  TYR 63  63  63  TYR TYR A . n 
A 1 64  ARG 64  64  64  ARG ARG A . n 
A 1 65  HIS 65  65  65  HIS HIS A . n 
A 1 66  THR 66  66  66  THR THR A . n 
A 1 67  TYR 67  67  67  TYR TYR A . n 
A 1 68  GLY 68  68  68  GLY GLY A . n 
A 1 69  ARG 69  69  69  ARG ARG A . n 
A 1 70  ARG 70  70  70  ARG ARG A . n 
A 1 71  LEU 71  71  71  LEU LEU A . n 
A 1 72  TRP 72  72  72  TRP TRP A . n 
A 1 73  GLU 73  73  73  GLU GLU A . n 
A 1 74  LEU 74  74  74  LEU LEU A . n 
A 1 75  PRO 75  75  75  PRO PRO A . n 
A 1 76  ALA 76  76  76  ALA ALA A . n 
A 1 77  GLY 77  77  77  GLY GLY A . n 
A 1 78  LEU 78  78  78  LEU LEU A . n 
A 1 79  LEU 79  79  79  LEU LEU A . n 
A 1 80  ASP 80  80  80  ASP ASP A . n 
A 1 81  VAL 81  81  81  VAL VAL A . n 
A 1 82  ALA 82  82  82  ALA ALA A . n 
A 1 83  GLY 83  83  83  GLY GLY A . n 
A 1 84  GLU 84  84  84  GLU GLU A . n 
A 1 85  PRO 85  85  85  PRO PRO A . n 
A 1 86  PRO 86  86  86  PRO PRO A . n 
A 1 87  HIS 87  87  87  HIS HIS A . n 
A 1 88  LEU 88  88  88  LEU LEU A . n 
A 1 89  THR 89  89  89  THR THR A . n 
A 1 90  ALA 90  90  90  ALA ALA A . n 
A 1 91  ALA 91  91  91  ALA ALA A . n 
A 1 92  ARG 92  92  92  ARG ARG A . n 
A 1 93  GLU 93  93  93  GLU GLU A . n 
A 1 94  LEU 94  94  94  LEU LEU A . n 
A 1 95  ARG 95  95  95  ARG ARG A . n 
A 1 96  GLU 96  96  96  GLU GLU A . n 
A 1 97  GLU 97  97  97  GLU GLU A . n 
A 1 98  VAL 98  98  98  VAL VAL A . n 
A 1 99  GLY 99  99  99  GLY GLY A . n 
A 1 100 LEU 100 100 100 LEU LEU A . n 
A 1 101 GLN 101 101 101 GLN GLN A . n 
A 1 102 ALA 102 102 102 ALA ALA A . n 
A 1 103 SER 103 103 103 SER SER A . n 
A 1 104 THR 104 104 104 THR THR A . n 
A 1 105 TRP 105 105 105 TRP TRP A . n 
A 1 106 GLN 106 106 106 GLN GLN A . n 
A 1 107 VAL 107 107 107 VAL VAL A . n 
A 1 108 LEU 108 108 108 LEU LEU A . n 
A 1 109 VAL 109 109 109 VAL VAL A . n 
A 1 110 ASP 110 110 110 ASP ASP A . n 
A 1 111 LEU 111 111 111 LEU LEU A . n 
A 1 112 ASP 112 112 112 ASP ASP A . n 
A 1 113 THR 113 113 113 THR THR A . n 
A 1 114 ALA 114 114 114 ALA ALA A . n 
A 1 115 PRO 115 115 115 PRO PRO A . n 
A 1 116 GLY 116 116 116 GLY GLY A . n 
A 1 117 PHE 117 117 117 PHE PHE A . n 
A 1 118 SER 118 118 118 SER SER A . n 
A 1 119 ASP 119 119 119 ASP ASP A . n 
A 1 120 GLU 120 120 120 GLU GLU A . n 
A 1 121 SER 121 121 121 SER SER A . n 
A 1 122 VAL 122 122 122 VAL VAL A . n 
A 1 123 ARG 123 123 123 ARG ARG A . n 
A 1 124 VAL 124 124 124 VAL VAL A . n 
A 1 125 TYR 125 125 125 TYR TYR A . n 
A 1 126 LEU 126 126 126 LEU LEU A . n 
A 1 127 ALA 127 127 127 ALA ALA A . n 
A 1 128 THR 128 128 128 THR THR A . n 
A 1 129 GLY 129 129 129 GLY GLY A . n 
A 1 130 LEU 130 130 130 LEU LEU A . n 
A 1 131 ARG 131 131 131 ARG ARG A . n 
A 1 132 GLU 132 132 132 GLU GLU A . n 
A 1 133 VAL 133 133 133 VAL VAL A . n 
A 1 134 GLY 134 134 134 GLY GLY A . n 
A 1 135 ARG 135 135 135 ARG ARG A . n 
A 1 136 PRO 136 136 136 PRO PRO A . n 
A 1 137 GLU 137 137 137 GLU GLU A . n 
A 1 138 ALA 138 138 138 ALA ALA A . n 
A 1 139 HIS 139 139 139 HIS HIS A . n 
A 1 140 HIS 140 140 140 HIS HIS A . n 
A 1 141 GLU 141 141 141 GLU GLU A . n 
A 1 142 GLU 142 142 142 GLU GLU A . n 
A 1 143 ALA 143 143 143 ALA ALA A . n 
A 1 144 ASP 144 144 144 ASP ASP A . n 
A 1 145 MET 145 145 145 MET MET A . n 
A 1 146 THR 146 146 146 THR THR A . n 
A 1 147 MET 147 147 147 MET MET A . n 
A 1 148 GLY 148 148 148 GLY GLY A . n 
A 1 149 TRP 149 149 149 TRP TRP A . n 
A 1 150 TYR 150 150 150 TYR TYR A . n 
A 1 151 PRO 151 151 151 PRO PRO A . n 
A 1 152 ILE 152 152 152 ILE ILE A . n 
A 1 153 ALA 153 153 153 ALA ALA A . n 
A 1 154 GLU 154 154 154 GLU GLU A . n 
A 1 155 ALA 155 155 155 ALA ALA A . n 
A 1 156 ALA 156 156 156 ALA ALA A . n 
A 1 157 ARG 157 157 157 ARG ARG A . n 
A 1 158 ARG 158 158 158 ARG ARG A . n 
A 1 159 VAL 159 159 159 VAL VAL A . n 
A 1 160 LEU 160 160 160 LEU LEU A . n 
A 1 161 ARG 161 161 161 ARG ARG A . n 
A 1 162 GLY 162 162 162 GLY GLY A . n 
A 1 163 GLU 163 163 163 GLU GLU A . n 
A 1 164 ILE 164 164 164 ILE ILE A . n 
A 1 165 VAL 165 165 165 VAL VAL A . n 
A 1 166 ASN 166 166 166 ASN ASN A . n 
A 1 167 SER 167 167 167 SER SER A . n 
A 1 168 ILE 168 168 168 ILE ILE A . n 
A 1 169 ALA 169 169 169 ALA ALA A . n 
A 1 170 ILE 170 170 170 ILE ILE A . n 
A 1 171 ALA 171 171 171 ALA ALA A . n 
A 1 172 GLY 172 172 172 GLY GLY A . n 
A 1 173 VAL 173 173 173 VAL VAL A . n 
A 1 174 LEU 174 174 174 LEU LEU A . n 
A 1 175 ALA 175 175 175 ALA ALA A . n 
A 1 176 VAL 176 176 176 VAL VAL A . n 
A 1 177 HIS 177 177 177 HIS HIS A . n 
A 1 178 ALA 178 178 178 ALA ALA A . n 
A 1 179 VAL 179 179 179 VAL VAL A . n 
A 1 180 THR 180 180 180 THR THR A . n 
A 1 181 THR 181 181 181 THR THR A . n 
A 1 182 GLY 182 182 182 GLY GLY A . n 
A 1 183 PHE 183 183 183 PHE PHE A . n 
A 1 184 ALA 184 184 184 ALA ALA A . n 
A 1 185 GLN 185 185 185 GLN GLN A . n 
A 1 186 PRO 186 186 186 PRO PRO A . n 
A 1 187 ARG 187 187 187 ARG ARG A . n 
A 1 188 PRO 188 188 188 PRO PRO A . n 
A 1 189 LEU 189 189 189 LEU LEU A . n 
A 1 190 ASP 190 190 190 ASP ASP A . n 
A 1 191 THR 191 191 191 THR THR A . n 
A 1 192 GLU 192 192 192 GLU GLU A . n 
A 1 193 TRP 193 193 193 TRP TRP A . n 
A 1 194 ILE 194 194 194 ILE ILE A . n 
A 1 195 ASP 195 195 195 ASP ASP A . n 
A 1 196 ARG 196 196 196 ARG ARG A . n 
A 1 197 PRO 197 197 197 PRO PRO A . n 
A 1 198 THR 198 198 198 THR THR A . n 
A 1 199 ALA 199 199 199 ALA ALA A . n 
A 1 200 PHE 200 200 200 PHE PHE A . n 
A 1 201 ALA 201 201 201 ALA ALA A . n 
A 1 202 ALA 202 202 202 ALA ALA A . n 
A 1 203 ARG 203 203 203 ARG ARG A . n 
A 1 204 ARG 204 204 204 ARG ARG A . n 
A 1 205 ALA 205 205 ?   ?   ?   A . n 
A 1 206 GLU 206 206 ?   ?   ?   A . n 
A 1 207 ARG 207 207 ?   ?   ?   A . n 
# 
loop_
_pdbx_nonpoly_scheme.asym_id 
_pdbx_nonpoly_scheme.entity_id 
_pdbx_nonpoly_scheme.mon_id 
_pdbx_nonpoly_scheme.ndb_seq_num 
_pdbx_nonpoly_scheme.pdb_seq_num 
_pdbx_nonpoly_scheme.auth_seq_num 
_pdbx_nonpoly_scheme.pdb_mon_id 
_pdbx_nonpoly_scheme.auth_mon_id 
_pdbx_nonpoly_scheme.pdb_strand_id 
_pdbx_nonpoly_scheme.pdb_ins_code 
B 2 MN  1  401 401 MN  MN  A . 
C 2 MN  1  402 402 MN  MN  A . 
D 2 MN  1  403 403 MN  MN  A . 
E 3 ADV 1  301 301 ADV ADV A . 
F 4 HOH 1  404 1   HOH HOH A . 
F 4 HOH 2  405 2   HOH HOH A . 
F 4 HOH 3  406 4   HOH HOH A . 
F 4 HOH 4  407 5   HOH HOH A . 
F 4 HOH 5  408 6   HOH HOH A . 
F 4 HOH 6  409 7   HOH HOH A . 
F 4 HOH 7  410 8   HOH HOH A . 
F 4 HOH 8  411 9   HOH HOH A . 
F 4 HOH 9  412 10  HOH HOH A . 
F 4 HOH 10 413 11  HOH HOH A . 
F 4 HOH 11 414 12  HOH HOH A . 
F 4 HOH 12 415 13  HOH HOH A . 
F 4 HOH 13 416 14  HOH HOH A . 
F 4 HOH 14 417 15  HOH HOH A . 
F 4 HOH 15 418 16  HOH HOH A . 
F 4 HOH 16 419 17  HOH HOH A . 
F 4 HOH 17 420 18  HOH HOH A . 
F 4 HOH 18 421 19  HOH HOH A . 
F 4 HOH 19 422 20  HOH HOH A . 
F 4 HOH 20 423 21  HOH HOH A . 
F 4 HOH 21 424 22  HOH HOH A . 
F 4 HOH 22 425 23  HOH HOH A . 
F 4 HOH 23 426 24  HOH HOH A . 
F 4 HOH 24 427 25  HOH HOH A . 
F 4 HOH 25 428 26  HOH HOH A . 
F 4 HOH 26 429 27  HOH HOH A . 
F 4 HOH 27 430 28  HOH HOH A . 
F 4 HOH 28 431 29  HOH HOH A . 
F 4 HOH 29 432 30  HOH HOH A . 
F 4 HOH 30 433 32  HOH HOH A . 
F 4 HOH 31 434 33  HOH HOH A . 
F 4 HOH 32 435 34  HOH HOH A . 
F 4 HOH 33 436 35  HOH HOH A . 
F 4 HOH 34 437 36  HOH HOH A . 
F 4 HOH 35 438 37  HOH HOH A . 
F 4 HOH 36 439 38  HOH HOH A . 
F 4 HOH 37 440 39  HOH HOH A . 
F 4 HOH 38 441 40  HOH HOH A . 
F 4 HOH 39 442 41  HOH HOH A . 
F 4 HOH 40 443 42  HOH HOH A . 
F 4 HOH 41 444 43  HOH HOH A . 
F 4 HOH 42 445 44  HOH HOH A . 
F 4 HOH 43 446 46  HOH HOH A . 
F 4 HOH 44 447 47  HOH HOH A . 
F 4 HOH 45 448 48  HOH HOH A . 
F 4 HOH 46 449 49  HOH HOH A . 
F 4 HOH 47 450 50  HOH HOH A . 
F 4 HOH 48 451 51  HOH HOH A . 
F 4 HOH 49 452 52  HOH HOH A . 
F 4 HOH 50 453 53  HOH HOH A . 
F 4 HOH 51 454 54  HOH HOH A . 
F 4 HOH 52 455 55  HOH HOH A . 
F 4 HOH 53 456 56  HOH HOH A . 
F 4 HOH 54 457 57  HOH HOH A . 
F 4 HOH 55 458 58  HOH HOH A . 
F 4 HOH 56 459 59  HOH HOH A . 
F 4 HOH 57 460 60  HOH HOH A . 
F 4 HOH 58 461 61  HOH HOH A . 
F 4 HOH 59 462 62  HOH HOH A . 
F 4 HOH 60 463 63  HOH HOH A . 
F 4 HOH 61 464 64  HOH HOH A . 
F 4 HOH 62 465 65  HOH HOH A . 
F 4 HOH 63 466 66  HOH HOH A . 
F 4 HOH 64 467 67  HOH HOH A . 
F 4 HOH 65 468 68  HOH HOH A . 
F 4 HOH 66 469 69  HOH HOH A . 
F 4 HOH 67 470 70  HOH HOH A . 
F 4 HOH 68 471 71  HOH HOH A . 
F 4 HOH 69 472 73  HOH HOH A . 
# 
loop_
_pdbx_unobs_or_zero_occ_atoms.id 
_pdbx_unobs_or_zero_occ_atoms.PDB_model_num 
_pdbx_unobs_or_zero_occ_atoms.polymer_flag 
_pdbx_unobs_or_zero_occ_atoms.occupancy_flag 
_pdbx_unobs_or_zero_occ_atoms.auth_asym_id 
_pdbx_unobs_or_zero_occ_atoms.auth_comp_id 
_pdbx_unobs_or_zero_occ_atoms.auth_seq_id 
_pdbx_unobs_or_zero_occ_atoms.PDB_ins_code 
_pdbx_unobs_or_zero_occ_atoms.auth_atom_id 
_pdbx_unobs_or_zero_occ_atoms.label_alt_id 
_pdbx_unobs_or_zero_occ_atoms.label_asym_id 
_pdbx_unobs_or_zero_occ_atoms.label_comp_id 
_pdbx_unobs_or_zero_occ_atoms.label_seq_id 
_pdbx_unobs_or_zero_occ_atoms.label_atom_id 
1 1 Y 1 A ASP 53 ? CB  ? A ASP 53 CB  
2 1 Y 1 A ASP 53 ? CG  ? A ASP 53 CG  
3 1 Y 1 A ASP 53 ? OD1 ? A ASP 53 OD1 
4 1 Y 1 A ASP 53 ? OD2 ? A ASP 53 OD2 
# 
loop_
_software.name 
_software.classification 
_software.version 
_software.citation_id 
_software.pdbx_ordinal 
DENZO     'data reduction' . ? 1 
SCALEPACK 'data scaling'   . ? 2 
CNS       refinement       . ? 3 
CNS       phasing          . ? 4 
# 
_cell.entry_id           1MQW 
_cell.length_a           64.078 
_cell.length_b           64.078 
_cell.length_c           182.887 
_cell.angle_alpha        90.00 
_cell.angle_beta         90.00 
_cell.angle_gamma        120.00 
_cell.Z_PDB              12 
_cell.pdbx_unique_axis   ? 
# 
_symmetry.entry_id                         1MQW 
_symmetry.space_group_name_H-M             'P 61 2 2' 
_symmetry.pdbx_full_space_group_name_H-M   ? 
_symmetry.cell_setting                     ? 
_symmetry.Int_Tables_number                178 
# 
_exptl.entry_id          1MQW 
_exptl.method            'X-RAY DIFFRACTION' 
_exptl.crystals_number   1 
# 
_exptl_crystal.id                    1 
_exptl_crystal.density_meas          ? 
_exptl_crystal.density_percent_sol   47.95 
_exptl_crystal.density_Matthews      2.36 
_exptl_crystal.description           ? 
# 
_exptl_crystal_grow.crystal_id      1 
_exptl_crystal_grow.method          'VAPOR DIFFUSION, HANGING DROP' 
_exptl_crystal_grow.temp            298 
_exptl_crystal_grow.temp_details    ? 
_exptl_crystal_grow.pH              7.5 
_exptl_crystal_grow.pdbx_details    'Sodium formate, Tris HCl, pH 7.5, VAPOR DIFFUSION, HANGING DROP, temperature 298K' 
_exptl_crystal_grow.pdbx_pH_range   . 
# 
_diffrn.id                     1 
_diffrn.ambient_temp           93 
_diffrn.ambient_temp_details   ? 
_diffrn.crystal_id             1 
# 
_diffrn_detector.diffrn_id              1 
_diffrn_detector.detector               'IMAGE PLATE' 
_diffrn_detector.type                   'RIGAKU RAXIS IV' 
_diffrn_detector.pdbx_collection_date   2002-02-03 
_diffrn_detector.details                mirrors 
# 
_diffrn_radiation.diffrn_id                        1 
_diffrn_radiation.wavelength_id                    1 
_diffrn_radiation.pdbx_monochromatic_or_laue_m_l   M 
_diffrn_radiation.monochromator                    'Ni filter' 
_diffrn_radiation.pdbx_diffrn_protocol             'SINGLE WAVELENGTH' 
_diffrn_radiation.pdbx_scattering_type             x-ray 
# 
_diffrn_radiation_wavelength.id           1 
_diffrn_radiation_wavelength.wavelength   1.54 
_diffrn_radiation_wavelength.wt           1.0 
# 
_diffrn_source.diffrn_id                   1 
_diffrn_source.source                      'ROTATING ANODE' 
_diffrn_source.type                        'RIGAKU RU200' 
_diffrn_source.pdbx_synchrotron_site       ? 
_diffrn_source.pdbx_synchrotron_beamline   ? 
_diffrn_source.pdbx_wavelength             ? 
_diffrn_source.pdbx_wavelength_list        1.54 
# 
_reflns.entry_id                     1MQW 
_reflns.observed_criterion_sigma_F   0 
_reflns.observed_criterion_sigma_I   0 
_reflns.d_resolution_high            2.3 
_reflns.d_resolution_low             30 
_reflns.number_all                   10633 
_reflns.number_obs                   10275 
_reflns.percent_possible_obs         96.8 
_reflns.pdbx_Rmerge_I_obs            ? 
_reflns.pdbx_Rsym_value              0.139 
_reflns.pdbx_netI_over_sigmaI        9.0 
_reflns.B_iso_Wilson_estimate        ? 
_reflns.pdbx_redundancy              ? 
_reflns.R_free_details               ? 
_reflns.limit_h_max                  ? 
_reflns.limit_h_min                  ? 
_reflns.limit_k_max                  ? 
_reflns.limit_k_min                  ? 
_reflns.limit_l_max                  ? 
_reflns.limit_l_min                  ? 
_reflns.observed_criterion_F_max     ? 
_reflns.observed_criterion_F_min     ? 
_reflns.pdbx_ordinal                 1 
_reflns.pdbx_diffrn_id               1 
# 
_reflns_shell.d_res_high             2.3 
_reflns_shell.d_res_low              2.38 
_reflns_shell.percent_possible_all   95.5 
_reflns_shell.Rmerge_I_obs           ? 
_reflns_shell.pdbx_Rsym_value        0.446 
_reflns_shell.meanI_over_sigI_obs    4.9 
_reflns_shell.pdbx_redundancy        ? 
_reflns_shell.percent_possible_obs   ? 
_reflns_shell.number_unique_all      ? 
_reflns_shell.pdbx_ordinal           1 
_reflns_shell.pdbx_diffrn_id         1 
# 
_refine.entry_id                                 1MQW 
_refine.ls_d_res_high                            2.3 
_refine.ls_d_res_low                             30 
_refine.pdbx_ls_sigma_F                          0 
_refine.pdbx_ls_sigma_I                          ? 
_refine.ls_number_reflns_all                     10275 
_refine.ls_number_reflns_obs                     10275 
_refine.ls_number_reflns_R_free                  1027 
_refine.ls_percent_reflns_obs                    ? 
_refine.ls_R_factor_all                          ? 
_refine.ls_R_factor_obs                          ? 
_refine.ls_R_factor_R_work                       0.205 
_refine.ls_R_factor_R_free                       0.266 
_refine.ls_redundancy_reflns_obs                 ? 
_refine.pdbx_data_cutoff_high_absF               ? 
_refine.pdbx_data_cutoff_low_absF                ? 
_refine.ls_number_parameters                     ? 
_refine.ls_number_restraints                     ? 
_refine.ls_percent_reflns_R_free                 ? 
_refine.ls_R_factor_R_free_error                 ? 
_refine.ls_R_factor_R_free_error_details         ? 
_refine.pdbx_method_to_determine_struct          MIR 
_refine.pdbx_starting_model                      ? 
_refine.pdbx_ls_cross_valid_method               ? 
_refine.pdbx_R_Free_selection_details            random 
_refine.pdbx_stereochem_target_val_spec_case     ? 
_refine.pdbx_stereochemistry_target_values       'Engh & Huber' 
_refine.solvent_model_details                    ? 
_refine.solvent_model_param_bsol                 ? 
_refine.solvent_model_param_ksol                 ? 
_refine.occupancy_max                            ? 
_refine.occupancy_min                            ? 
_refine.pdbx_isotropic_thermal_model             ? 
_refine.B_iso_mean                               ? 
_refine.aniso_B[1][1]                            ? 
_refine.aniso_B[1][2]                            ? 
_refine.aniso_B[1][3]                            ? 
_refine.aniso_B[2][2]                            ? 
_refine.aniso_B[2][3]                            ? 
_refine.aniso_B[3][3]                            ? 
_refine.details                                  ? 
_refine.B_iso_min                                ? 
_refine.B_iso_max                                ? 
_refine.correlation_coeff_Fo_to_Fc               ? 
_refine.correlation_coeff_Fo_to_Fc_free          ? 
_refine.pdbx_solvent_vdw_probe_radii             ? 
_refine.pdbx_solvent_ion_probe_radii             ? 
_refine.pdbx_solvent_shrinkage_radii             ? 
_refine.overall_SU_R_Cruickshank_DPI             ? 
_refine.overall_SU_R_free                        ? 
_refine.overall_SU_B                             ? 
_refine.overall_SU_ML                            ? 
_refine.pdbx_overall_ESU_R                       ? 
_refine.pdbx_overall_ESU_R_Free                  ? 
_refine.pdbx_data_cutoff_high_rms_absF           ? 
_refine.pdbx_refine_id                           'X-RAY DIFFRACTION' 
_refine.pdbx_diffrn_id                           1 
_refine.pdbx_TLS_residual_ADP_flag               ? 
_refine.pdbx_overall_phase_error                 ? 
_refine.pdbx_overall_SU_R_free_Cruickshank_DPI   ? 
_refine.pdbx_overall_SU_R_Blow_DPI               ? 
_refine.pdbx_overall_SU_R_free_Blow_DPI          ? 
# 
_refine_hist.pdbx_refine_id                   'X-RAY DIFFRACTION' 
_refine_hist.cycle_id                         LAST 
_refine_hist.pdbx_number_atoms_protein        1552 
_refine_hist.pdbx_number_atoms_nucleic_acid   0 
_refine_hist.pdbx_number_atoms_ligand         30 
_refine_hist.number_atoms_solvent             69 
_refine_hist.number_atoms_total               1651 
_refine_hist.d_res_high                       2.3 
_refine_hist.d_res_low                        30 
# 
loop_
_refine_ls_restr.type 
_refine_ls_restr.dev_ideal 
_refine_ls_restr.dev_ideal_target 
_refine_ls_restr.weight 
_refine_ls_restr.number 
_refine_ls_restr.pdbx_refine_id 
_refine_ls_restr.pdbx_restraint_function 
c_bond_d     0.00907 ? ? ? 'X-RAY DIFFRACTION' ? 
c_angle_d    1.430   ? ? ? 'X-RAY DIFFRACTION' ? 
c_mcbond_it  1.166   ? ? ? 'X-RAY DIFFRACTION' ? 
c_mcangle_it 2.023   ? ? ? 'X-RAY DIFFRACTION' ? 
# 
_struct.entry_id                  1MQW 
_struct.title                     'Structure of the MT-ADPRase in complex with three Mn2+ ions and AMPCPR, a Nudix enzyme' 
_struct.pdbx_model_details        ? 
_struct.pdbx_CASP_flag            ? 
_struct.pdbx_model_type_details   ? 
# 
_struct_keywords.entry_id        1MQW 
_struct_keywords.pdbx_keywords   HYDROLASE 
_struct_keywords.text            'Nudix hydrolase, Rv1700, ADPR, Mycobacterium Tuberculosis, HYDROLASE' 
# 
loop_
_struct_asym.id 
_struct_asym.pdbx_blank_PDB_chainid_flag 
_struct_asym.pdbx_modified 
_struct_asym.entity_id 
_struct_asym.details 
A N N 1 ? 
B N N 2 ? 
C N N 2 ? 
D N N 2 ? 
E N N 3 ? 
F N N 4 ? 
# 
_struct_ref.id                         1 
_struct_ref.db_name                    UNP 
_struct_ref.db_code                    O33199_MYCTU 
_struct_ref.entity_id                  1 
_struct_ref.pdbx_seq_one_letter_code   
;MAEHDFETISSETLHTGAIFALRRDQVRMPGGGIVTREVVEHFGAVAIVAMDDNGNIPMVYQYRHTYGRRLWELPAGLLD
VAGEPPHLTAARELREEVGLQASTWQVLVDLDTAPGFSDESVRVYLATGLREVGRPEAHHEEADMTMGWYPIAEAARRVL
RGEIVNSIAIAGVLAVHAVTTGFAQPRPLDTEWIDRPTAFAARRAER
;
_struct_ref.pdbx_align_begin           1 
_struct_ref.pdbx_db_accession          O33199 
_struct_ref.pdbx_db_isoform            ? 
# 
_struct_ref_seq.align_id                      1 
_struct_ref_seq.ref_id                        1 
_struct_ref_seq.pdbx_PDB_id_code              1MQW 
_struct_ref_seq.pdbx_strand_id                A 
_struct_ref_seq.seq_align_beg                 1 
_struct_ref_seq.pdbx_seq_align_beg_ins_code   ? 
_struct_ref_seq.seq_align_end                 207 
_struct_ref_seq.pdbx_seq_align_end_ins_code   ? 
_struct_ref_seq.pdbx_db_accession             O33199 
_struct_ref_seq.db_align_beg                  1 
_struct_ref_seq.pdbx_db_align_beg_ins_code    ? 
_struct_ref_seq.db_align_end                  207 
_struct_ref_seq.pdbx_db_align_end_ins_code    ? 
_struct_ref_seq.pdbx_auth_seq_align_beg       1 
_struct_ref_seq.pdbx_auth_seq_align_end       207 
# 
_pdbx_struct_assembly.id                   1 
_pdbx_struct_assembly.details              author_and_software_defined_assembly 
_pdbx_struct_assembly.method_details       PISA,PQS 
_pdbx_struct_assembly.oligomeric_details   dimeric 
_pdbx_struct_assembly.oligomeric_count     2 
# 
loop_
_pdbx_struct_assembly_prop.biol_id 
_pdbx_struct_assembly_prop.type 
_pdbx_struct_assembly_prop.value 
_pdbx_struct_assembly_prop.details 
1 'ABSA (A^2)' 8410  ? 
1 MORE         -86   ? 
1 'SSA (A^2)'  15160 ? 
# 
_pdbx_struct_assembly_gen.assembly_id       1 
_pdbx_struct_assembly_gen.oper_expression   1,2 
_pdbx_struct_assembly_gen.asym_id_list      A,B,C,D,E,F 
# 
loop_
_pdbx_struct_oper_list.id 
_pdbx_struct_oper_list.type 
_pdbx_struct_oper_list.name 
_pdbx_struct_oper_list.symmetry_operation 
_pdbx_struct_oper_list.matrix[1][1] 
_pdbx_struct_oper_list.matrix[1][2] 
_pdbx_struct_oper_list.matrix[1][3] 
_pdbx_struct_oper_list.vector[1] 
_pdbx_struct_oper_list.matrix[2][1] 
_pdbx_struct_oper_list.matrix[2][2] 
_pdbx_struct_oper_list.matrix[2][3] 
_pdbx_struct_oper_list.vector[2] 
_pdbx_struct_oper_list.matrix[3][1] 
_pdbx_struct_oper_list.matrix[3][2] 
_pdbx_struct_oper_list.matrix[3][3] 
_pdbx_struct_oper_list.vector[3] 
1 'identity operation'         1_555  x,y,z        1.0000000000 0.0000000000  0.0000000000  0.0000000000  0.0000000000  1.0000000000  0.0000000000 0.0000000000  0.0000000000  0.0000000000 1.0000000000  0.0000000000  
2 'crystal symmetry operation' 12_555 x,x-y,-z+1/6 0.7230177880 -0.6362353305 -0.2691651584 -0.1021167853 -0.6362353305 -0.7650660379 0.0993909550 -6.9900039096 -0.2691651584 0.0993909550 -0.9579517501 15.8688384333 
# 
_struct_biol.id                    1 
_struct_biol.details               
;The second part of the biological assembly is generated 
by the two fold axis
;
_struct_biol.pdbx_parent_biol_id   ? 
# 
loop_
_struct_conf.conf_type_id 
_struct_conf.id 
_struct_conf.pdbx_PDB_helix_id 
_struct_conf.beg_label_comp_id 
_struct_conf.beg_label_asym_id 
_struct_conf.beg_label_seq_id 
_struct_conf.pdbx_beg_PDB_ins_code 
_struct_conf.end_label_comp_id 
_struct_conf.end_label_asym_id 
_struct_conf.end_label_seq_id 
_struct_conf.pdbx_end_PDB_ins_code 
_struct_conf.beg_auth_comp_id 
_struct_conf.beg_auth_asym_id 
_struct_conf.beg_auth_seq_id 
_struct_conf.end_auth_comp_id 
_struct_conf.end_auth_asym_id 
_struct_conf.end_auth_seq_id 
_struct_conf.pdbx_PDB_helix_class 
_struct_conf.details 
_struct_conf.pdbx_PDB_helix_length 
HELX_P HELX_P1 1 PRO A 85  ? GLY A 99  ? PRO A 85  GLY A 99  1 ? 15 
HELX_P HELX_P2 2 HIS A 140 ? MET A 145 ? HIS A 140 MET A 145 1 ? 6  
HELX_P HELX_P3 3 ILE A 152 ? ARG A 161 ? ILE A 152 ARG A 161 1 ? 10 
HELX_P HELX_P4 4 ASN A 166 ? THR A 181 ? ASN A 166 THR A 181 1 ? 16 
HELX_P HELX_P5 5 THR A 198 ? ARG A 204 ? THR A 198 ARG A 204 1 ? 7  
# 
_struct_conf_type.id          HELX_P 
_struct_conf_type.criteria    ? 
_struct_conf_type.reference   ? 
# 
loop_
_struct_conn.id 
_struct_conn.conn_type_id 
_struct_conn.pdbx_leaving_atom_flag 
_struct_conn.pdbx_PDB_id 
_struct_conn.ptnr1_label_asym_id 
_struct_conn.ptnr1_label_comp_id 
_struct_conn.ptnr1_label_seq_id 
_struct_conn.ptnr1_label_atom_id 
_struct_conn.pdbx_ptnr1_label_alt_id 
_struct_conn.pdbx_ptnr1_PDB_ins_code 
_struct_conn.pdbx_ptnr1_standard_comp_id 
_struct_conn.ptnr1_symmetry 
_struct_conn.ptnr2_label_asym_id 
_struct_conn.ptnr2_label_comp_id 
_struct_conn.ptnr2_label_seq_id 
_struct_conn.ptnr2_label_atom_id 
_struct_conn.pdbx_ptnr2_label_alt_id 
_struct_conn.pdbx_ptnr2_PDB_ins_code 
_struct_conn.ptnr1_auth_asym_id 
_struct_conn.ptnr1_auth_comp_id 
_struct_conn.ptnr1_auth_seq_id 
_struct_conn.ptnr2_auth_asym_id 
_struct_conn.ptnr2_auth_comp_id 
_struct_conn.ptnr2_auth_seq_id 
_struct_conn.ptnr2_symmetry 
_struct_conn.pdbx_ptnr3_label_atom_id 
_struct_conn.pdbx_ptnr3_label_seq_id 
_struct_conn.pdbx_ptnr3_label_comp_id 
_struct_conn.pdbx_ptnr3_label_asym_id 
_struct_conn.pdbx_ptnr3_label_alt_id 
_struct_conn.pdbx_ptnr3_PDB_ins_code 
_struct_conn.details 
_struct_conn.pdbx_dist_value 
_struct_conn.pdbx_value_order 
_struct_conn.pdbx_role 
metalc1  metalc ? ? A ALA 76  O   ? ? ? 1_555 B MN  . MN ? ? A ALA 76  A MN  401 1_555 ? ? ? ? ? ? ? 2.115 ? ? 
metalc2  metalc ? ? A GLU 93  OE1 ? ? ? 1_555 C MN  . MN ? ? A GLU 93  A MN  402 1_555 ? ? ? ? ? ? ? 2.121 ? ? 
metalc3  metalc ? ? A GLU 93  OE2 ? ? ? 1_555 D MN  . MN ? ? A GLU 93  A MN  403 1_555 ? ? ? ? ? ? ? 2.148 ? ? 
metalc4  metalc ? ? A GLU 97  OE2 ? ? ? 1_555 B MN  . MN ? ? A GLU 97  A MN  401 1_555 ? ? ? ? ? ? ? 2.144 ? ? 
metalc5  metalc ? ? A GLU 97  OE2 ? ? ? 1_555 C MN  . MN ? ? A GLU 97  A MN  402 1_555 ? ? ? ? ? ? ? 2.744 ? ? 
metalc6  metalc ? ? A GLU 142 OE2 ? ? ? 1_555 C MN  . MN ? ? A GLU 142 A MN  402 1_555 ? ? ? ? ? ? ? 2.133 ? ? 
metalc7  metalc ? ? E ADV .   OR5 ? ? ? 1_555 B MN  . MN ? ? A ADV 301 A MN  401 1_555 ? ? ? ? ? ? ? 2.069 ? ? 
metalc8  metalc ? ? E ADV .   O2A ? ? ? 1_555 B MN  . MN ? ? A ADV 301 A MN  401 1_555 ? ? ? ? ? ? ? 2.086 ? ? 
metalc9  metalc ? ? E ADV .   O2A ? ? ? 1_555 C MN  . MN ? ? A ADV 301 A MN  402 1_555 ? ? ? ? ? ? ? 2.059 ? ? 
metalc10 metalc ? ? E ADV .   O1A ? ? ? 1_555 D MN  . MN ? ? A ADV 301 A MN  403 1_555 ? ? ? ? ? ? ? 2.100 ? ? 
metalc11 metalc ? ? B MN  .   MN  ? ? ? 1_555 F HOH . O  ? ? A MN  401 A HOH 406 1_555 ? ? ? ? ? ? ? 2.124 ? ? 
metalc12 metalc ? ? B MN  .   MN  ? ? ? 1_555 F HOH . O  ? ? A MN  401 A HOH 412 1_555 ? ? ? ? ? ? ? 2.109 ? ? 
metalc13 metalc ? ? C MN  .   MN  ? ? ? 1_555 F HOH . O  ? ? A MN  402 A HOH 407 1_555 ? ? ? ? ? ? ? 2.178 ? ? 
metalc14 metalc ? ? D MN  .   MN  ? ? ? 1_555 F HOH . O  ? ? A MN  403 A HOH 404 1_555 ? ? ? ? ? ? ? 2.119 ? ? 
metalc15 metalc ? ? D MN  .   MN  ? ? ? 1_555 F HOH . O  ? ? A MN  403 A HOH 405 1_555 ? ? ? ? ? ? ? 2.137 ? ? 
metalc16 metalc ? ? D MN  .   MN  ? ? ? 1_555 F HOH . O  ? ? A MN  403 A HOH 407 1_555 ? ? ? ? ? ? ? 2.180 ? ? 
# 
_struct_conn_type.id          metalc 
_struct_conn_type.criteria    ? 
_struct_conn_type.reference   ? 
# 
loop_
_pdbx_struct_conn_angle.id 
_pdbx_struct_conn_angle.ptnr1_label_atom_id 
_pdbx_struct_conn_angle.ptnr1_label_alt_id 
_pdbx_struct_conn_angle.ptnr1_label_asym_id 
_pdbx_struct_conn_angle.ptnr1_label_comp_id 
_pdbx_struct_conn_angle.ptnr1_label_seq_id 
_pdbx_struct_conn_angle.ptnr1_auth_atom_id 
_pdbx_struct_conn_angle.ptnr1_auth_asym_id 
_pdbx_struct_conn_angle.ptnr1_auth_comp_id 
_pdbx_struct_conn_angle.ptnr1_auth_seq_id 
_pdbx_struct_conn_angle.ptnr1_PDB_ins_code 
_pdbx_struct_conn_angle.ptnr1_symmetry 
_pdbx_struct_conn_angle.ptnr2_label_atom_id 
_pdbx_struct_conn_angle.ptnr2_label_alt_id 
_pdbx_struct_conn_angle.ptnr2_label_asym_id 
_pdbx_struct_conn_angle.ptnr2_label_comp_id 
_pdbx_struct_conn_angle.ptnr2_label_seq_id 
_pdbx_struct_conn_angle.ptnr2_auth_atom_id 
_pdbx_struct_conn_angle.ptnr2_auth_asym_id 
_pdbx_struct_conn_angle.ptnr2_auth_comp_id 
_pdbx_struct_conn_angle.ptnr2_auth_seq_id 
_pdbx_struct_conn_angle.ptnr2_PDB_ins_code 
_pdbx_struct_conn_angle.ptnr2_symmetry 
_pdbx_struct_conn_angle.ptnr3_label_atom_id 
_pdbx_struct_conn_angle.ptnr3_label_alt_id 
_pdbx_struct_conn_angle.ptnr3_label_asym_id 
_pdbx_struct_conn_angle.ptnr3_label_comp_id 
_pdbx_struct_conn_angle.ptnr3_label_seq_id 
_pdbx_struct_conn_angle.ptnr3_auth_atom_id 
_pdbx_struct_conn_angle.ptnr3_auth_asym_id 
_pdbx_struct_conn_angle.ptnr3_auth_comp_id 
_pdbx_struct_conn_angle.ptnr3_auth_seq_id 
_pdbx_struct_conn_angle.ptnr3_PDB_ins_code 
_pdbx_struct_conn_angle.ptnr3_symmetry 
_pdbx_struct_conn_angle.value 
_pdbx_struct_conn_angle.value_esd 
1  O   ? A ALA 76  ? A ALA 76  ? 1_555 MN ? B MN . ? A MN 401 ? 1_555 OE2 ? A GLU 97  ? A GLU 97  ? 1_555 90.1  ? 
2  O   ? A ALA 76  ? A ALA 76  ? 1_555 MN ? B MN . ? A MN 401 ? 1_555 OR5 ? E ADV .   ? A ADV 301 ? 1_555 102.0 ? 
3  OE2 ? A GLU 97  ? A GLU 97  ? 1_555 MN ? B MN . ? A MN 401 ? 1_555 OR5 ? E ADV .   ? A ADV 301 ? 1_555 156.4 ? 
4  O   ? A ALA 76  ? A ALA 76  ? 1_555 MN ? B MN . ? A MN 401 ? 1_555 O2A ? E ADV .   ? A ADV 301 ? 1_555 97.1  ? 
5  OE2 ? A GLU 97  ? A GLU 97  ? 1_555 MN ? B MN . ? A MN 401 ? 1_555 O2A ? E ADV .   ? A ADV 301 ? 1_555 92.6  ? 
6  OR5 ? E ADV .   ? A ADV 301 ? 1_555 MN ? B MN . ? A MN 401 ? 1_555 O2A ? E ADV .   ? A ADV 301 ? 1_555 105.7 ? 
7  O   ? A ALA 76  ? A ALA 76  ? 1_555 MN ? B MN . ? A MN 401 ? 1_555 O   ? F HOH .   ? A HOH 406 ? 1_555 164.3 ? 
8  OE2 ? A GLU 97  ? A GLU 97  ? 1_555 MN ? B MN . ? A MN 401 ? 1_555 O   ? F HOH .   ? A HOH 406 ? 1_555 74.4  ? 
9  OR5 ? E ADV .   ? A ADV 301 ? 1_555 MN ? B MN . ? A MN 401 ? 1_555 O   ? F HOH .   ? A HOH 406 ? 1_555 92.0  ? 
10 O2A ? E ADV .   ? A ADV 301 ? 1_555 MN ? B MN . ? A MN 401 ? 1_555 O   ? F HOH .   ? A HOH 406 ? 1_555 85.8  ? 
11 O   ? A ALA 76  ? A ALA 76  ? 1_555 MN ? B MN . ? A MN 401 ? 1_555 O   ? F HOH .   ? A HOH 412 ? 1_555 83.6  ? 
12 OE2 ? A GLU 97  ? A GLU 97  ? 1_555 MN ? B MN . ? A MN 401 ? 1_555 O   ? F HOH .   ? A HOH 412 ? 1_555 69.5  ? 
13 OR5 ? E ADV .   ? A ADV 301 ? 1_555 MN ? B MN . ? A MN 401 ? 1_555 O   ? F HOH .   ? A HOH 412 ? 1_555 91.5  ? 
14 O2A ? E ADV .   ? A ADV 301 ? 1_555 MN ? B MN . ? A MN 401 ? 1_555 O   ? F HOH .   ? A HOH 412 ? 1_555 162.1 ? 
15 O   ? F HOH .   ? A HOH 406 ? 1_555 MN ? B MN . ? A MN 401 ? 1_555 O   ? F HOH .   ? A HOH 412 ? 1_555 88.9  ? 
16 OE1 ? A GLU 93  ? A GLU 93  ? 1_555 MN ? C MN . ? A MN 402 ? 1_555 OE2 ? A GLU 97  ? A GLU 97  ? 1_555 95.0  ? 
17 OE1 ? A GLU 93  ? A GLU 93  ? 1_555 MN ? C MN . ? A MN 402 ? 1_555 OE2 ? A GLU 142 ? A GLU 142 ? 1_555 163.9 ? 
18 OE2 ? A GLU 97  ? A GLU 97  ? 1_555 MN ? C MN . ? A MN 402 ? 1_555 OE2 ? A GLU 142 ? A GLU 142 ? 1_555 91.6  ? 
19 OE1 ? A GLU 93  ? A GLU 93  ? 1_555 MN ? C MN . ? A MN 402 ? 1_555 O2A ? E ADV .   ? A ADV 301 ? 1_555 111.4 ? 
20 OE2 ? A GLU 97  ? A GLU 97  ? 1_555 MN ? C MN . ? A MN 402 ? 1_555 O2A ? E ADV .   ? A ADV 301 ? 1_555 77.7  ? 
21 OE2 ? A GLU 142 ? A GLU 142 ? 1_555 MN ? C MN . ? A MN 402 ? 1_555 O2A ? E ADV .   ? A ADV 301 ? 1_555 84.4  ? 
22 OE1 ? A GLU 93  ? A GLU 93  ? 1_555 MN ? C MN . ? A MN 402 ? 1_555 O   ? F HOH .   ? A HOH 407 ? 1_555 95.9  ? 
23 OE2 ? A GLU 97  ? A GLU 97  ? 1_555 MN ? C MN . ? A MN 402 ? 1_555 O   ? F HOH .   ? A HOH 407 ? 1_555 163.3 ? 
24 OE2 ? A GLU 142 ? A GLU 142 ? 1_555 MN ? C MN . ? A MN 402 ? 1_555 O   ? F HOH .   ? A HOH 407 ? 1_555 81.2  ? 
25 O2A ? E ADV .   ? A ADV 301 ? 1_555 MN ? C MN . ? A MN 402 ? 1_555 O   ? F HOH .   ? A HOH 407 ? 1_555 86.6  ? 
26 OE2 ? A GLU 93  ? A GLU 93  ? 1_555 MN ? D MN . ? A MN 403 ? 1_555 O1A ? E ADV .   ? A ADV 301 ? 1_555 91.2  ? 
27 OE2 ? A GLU 93  ? A GLU 93  ? 1_555 MN ? D MN . ? A MN 403 ? 1_555 O   ? F HOH .   ? A HOH 404 ? 1_555 177.2 ? 
28 O1A ? E ADV .   ? A ADV 301 ? 1_555 MN ? D MN . ? A MN 403 ? 1_555 O   ? F HOH .   ? A HOH 404 ? 1_555 90.8  ? 
29 OE2 ? A GLU 93  ? A GLU 93  ? 1_555 MN ? D MN . ? A MN 403 ? 1_555 O   ? F HOH .   ? A HOH 405 ? 1_555 83.7  ? 
30 O1A ? E ADV .   ? A ADV 301 ? 1_555 MN ? D MN . ? A MN 403 ? 1_555 O   ? F HOH .   ? A HOH 405 ? 1_555 99.0  ? 
31 O   ? F HOH .   ? A HOH 404 ? 1_555 MN ? D MN . ? A MN 403 ? 1_555 O   ? F HOH .   ? A HOH 405 ? 1_555 94.0  ? 
32 OE2 ? A GLU 93  ? A GLU 93  ? 1_555 MN ? D MN . ? A MN 403 ? 1_555 O   ? F HOH .   ? A HOH 407 ? 1_555 83.7  ? 
33 O1A ? E ADV .   ? A ADV 301 ? 1_555 MN ? D MN . ? A MN 403 ? 1_555 O   ? F HOH .   ? A HOH 407 ? 1_555 92.8  ? 
34 O   ? F HOH .   ? A HOH 404 ? 1_555 MN ? D MN . ? A MN 403 ? 1_555 O   ? F HOH .   ? A HOH 407 ? 1_555 98.2  ? 
35 O   ? F HOH .   ? A HOH 405 ? 1_555 MN ? D MN . ? A MN 403 ? 1_555 O   ? F HOH .   ? A HOH 407 ? 1_555 162.9 ? 
# 
loop_
_struct_sheet.id 
_struct_sheet.type 
_struct_sheet.number_strands 
_struct_sheet.details 
A ? 3 ? 
B ? 4 ? 
C ? 3 ? 
# 
loop_
_struct_sheet_order.sheet_id 
_struct_sheet_order.range_id_1 
_struct_sheet_order.range_id_2 
_struct_sheet_order.offset 
_struct_sheet_order.sense 
A 1 2 ? anti-parallel 
A 2 3 ? anti-parallel 
B 1 2 ? anti-parallel 
B 2 3 ? parallel      
B 3 4 ? anti-parallel 
C 1 2 ? anti-parallel 
C 2 3 ? anti-parallel 
# 
loop_
_struct_sheet_range.sheet_id 
_struct_sheet_range.id 
_struct_sheet_range.beg_label_comp_id 
_struct_sheet_range.beg_label_asym_id 
_struct_sheet_range.beg_label_seq_id 
_struct_sheet_range.pdbx_beg_PDB_ins_code 
_struct_sheet_range.end_label_comp_id 
_struct_sheet_range.end_label_asym_id 
_struct_sheet_range.end_label_seq_id 
_struct_sheet_range.pdbx_end_PDB_ins_code 
_struct_sheet_range.beg_auth_comp_id 
_struct_sheet_range.beg_auth_asym_id 
_struct_sheet_range.beg_auth_seq_id 
_struct_sheet_range.end_auth_comp_id 
_struct_sheet_range.end_auth_asym_id 
_struct_sheet_range.end_auth_seq_id 
A 1 THR A 8   ? THR A 16  ? THR A 8   THR A 16  
A 2 PHE A 20  ? ARG A 28  ? PHE A 20  ARG A 28  
A 3 ILE A 34  ? HIS A 42  ? ILE A 34  HIS A 42  
B 1 ALA A 76  ? LEU A 78  ? ALA A 76  LEU A 78  
B 2 ALA A 45  ? ALA A 50  ? ALA A 45  ALA A 50  
B 3 VAL A 122 ? GLU A 132 ? VAL A 122 GLU A 132 
B 4 LEU A 100 ? LEU A 111 ? LEU A 100 LEU A 111 
C 1 ARG A 69  ? GLU A 73  ? ARG A 69  GLU A 73  
C 2 ASN A 56  ? ARG A 64  ? ASN A 56  ARG A 64  
C 3 THR A 146 ? PRO A 151 ? THR A 146 PRO A 151 
# 
loop_
_pdbx_struct_sheet_hbond.sheet_id 
_pdbx_struct_sheet_hbond.range_id_1 
_pdbx_struct_sheet_hbond.range_id_2 
_pdbx_struct_sheet_hbond.range_1_label_atom_id 
_pdbx_struct_sheet_hbond.range_1_label_comp_id 
_pdbx_struct_sheet_hbond.range_1_label_asym_id 
_pdbx_struct_sheet_hbond.range_1_label_seq_id 
_pdbx_struct_sheet_hbond.range_1_PDB_ins_code 
_pdbx_struct_sheet_hbond.range_1_auth_atom_id 
_pdbx_struct_sheet_hbond.range_1_auth_comp_id 
_pdbx_struct_sheet_hbond.range_1_auth_asym_id 
_pdbx_struct_sheet_hbond.range_1_auth_seq_id 
_pdbx_struct_sheet_hbond.range_2_label_atom_id 
_pdbx_struct_sheet_hbond.range_2_label_comp_id 
_pdbx_struct_sheet_hbond.range_2_label_asym_id 
_pdbx_struct_sheet_hbond.range_2_label_seq_id 
_pdbx_struct_sheet_hbond.range_2_PDB_ins_code 
_pdbx_struct_sheet_hbond.range_2_auth_atom_id 
_pdbx_struct_sheet_hbond.range_2_auth_comp_id 
_pdbx_struct_sheet_hbond.range_2_auth_asym_id 
_pdbx_struct_sheet_hbond.range_2_auth_seq_id 
A 1 2 N HIS A 15  ? N HIS A 15  O LEU A 22  ? O LEU A 22  
A 2 3 N ALA A 21  ? N ALA A 21  O GLU A 41  ? O GLU A 41  
B 1 2 O GLY A 77  ? O GLY A 77  N VAL A 46  ? N VAL A 46  
B 2 3 N VAL A 49  ? N VAL A 49  O TYR A 125 ? O TYR A 125 
B 3 4 O VAL A 124 ? O VAL A 124 N VAL A 109 ? N VAL A 109 
C 1 2 O ARG A 69  ? O ARG A 69  N ARG A 64  ? N ARG A 64  
C 2 3 N ILE A 57  ? N ILE A 57  O TYR A 150 ? O TYR A 150 
# 
loop_
_struct_site.id 
_struct_site.pdbx_evidence_code 
_struct_site.pdbx_auth_asym_id 
_struct_site.pdbx_auth_comp_id 
_struct_site.pdbx_auth_seq_id 
_struct_site.pdbx_auth_ins_code 
_struct_site.pdbx_num_residues 
_struct_site.details 
AC1 Software A MN  401 ? 6  'BINDING SITE FOR RESIDUE MN A 401'  
AC2 Software A MN  402 ? 6  'BINDING SITE FOR RESIDUE MN A 402'  
AC3 Software A MN  403 ? 6  'BINDING SITE FOR RESIDUE MN A 403'  
AC4 Software A ADV 301 ? 21 'BINDING SITE FOR RESIDUE ADV A 301' 
# 
loop_
_struct_site_gen.id 
_struct_site_gen.site_id 
_struct_site_gen.pdbx_num_res 
_struct_site_gen.label_comp_id 
_struct_site_gen.label_asym_id 
_struct_site_gen.label_seq_id 
_struct_site_gen.pdbx_auth_ins_code 
_struct_site_gen.auth_comp_id 
_struct_site_gen.auth_asym_id 
_struct_site_gen.auth_seq_id 
_struct_site_gen.label_atom_id 
_struct_site_gen.label_alt_id 
_struct_site_gen.symmetry 
_struct_site_gen.details 
1  AC1 6  ALA A 76  ? ALA A 76  . ? 1_555  ? 
2  AC1 6  GLU A 97  ? GLU A 97  . ? 1_555  ? 
3  AC1 6  ADV E .   ? ADV A 301 . ? 1_555  ? 
4  AC1 6  MN  C .   ? MN  A 402 . ? 1_555  ? 
5  AC1 6  HOH F .   ? HOH A 406 . ? 1_555  ? 
6  AC1 6  HOH F .   ? HOH A 412 . ? 1_555  ? 
7  AC2 6  GLU A 93  ? GLU A 93  . ? 1_555  ? 
8  AC2 6  GLU A 97  ? GLU A 97  . ? 1_555  ? 
9  AC2 6  GLU A 142 ? GLU A 142 . ? 1_555  ? 
10 AC2 6  ADV E .   ? ADV A 301 . ? 1_555  ? 
11 AC2 6  MN  B .   ? MN  A 401 . ? 1_555  ? 
12 AC2 6  HOH F .   ? HOH A 407 . ? 1_555  ? 
13 AC3 6  ARG A 92  ? ARG A 92  . ? 1_555  ? 
14 AC3 6  GLU A 93  ? GLU A 93  . ? 1_555  ? 
15 AC3 6  ADV E .   ? ADV A 301 . ? 1_555  ? 
16 AC3 6  HOH F .   ? HOH A 404 . ? 1_555  ? 
17 AC3 6  HOH F .   ? HOH A 405 . ? 1_555  ? 
18 AC3 6  HOH F .   ? HOH A 407 . ? 1_555  ? 
19 AC4 21 ARG A 37  ? ARG A 37  . ? 12_555 ? 
20 AC4 21 GLN A 62  ? GLN A 62  . ? 1_555  ? 
21 AC4 21 ARG A 64  ? ARG A 64  . ? 1_555  ? 
22 AC4 21 ALA A 76  ? ALA A 76  . ? 1_555  ? 
23 AC4 21 GLY A 77  ? GLY A 77  . ? 1_555  ? 
24 AC4 21 LEU A 78  ? LEU A 78  . ? 1_555  ? 
25 AC4 21 GLU A 93  ? GLU A 93  . ? 1_555  ? 
26 AC4 21 GLU A 97  ? GLU A 97  . ? 1_555  ? 
27 AC4 21 GLY A 116 ? GLY A 116 . ? 12_555 ? 
28 AC4 21 HIS A 139 ? HIS A 139 . ? 1_555  ? 
29 AC4 21 HIS A 140 ? HIS A 140 . ? 1_555  ? 
30 AC4 21 GLU A 142 ? GLU A 142 . ? 1_555  ? 
31 AC4 21 MN  B .   ? MN  A 401 . ? 1_555  ? 
32 AC4 21 MN  C .   ? MN  A 402 . ? 1_555  ? 
33 AC4 21 MN  D .   ? MN  A 403 . ? 1_555  ? 
34 AC4 21 HOH F .   ? HOH A 404 . ? 1_555  ? 
35 AC4 21 HOH F .   ? HOH A 406 . ? 1_555  ? 
36 AC4 21 HOH F .   ? HOH A 407 . ? 1_555  ? 
37 AC4 21 HOH F .   ? HOH A 410 . ? 1_555  ? 
38 AC4 21 HOH F .   ? HOH A 412 . ? 1_555  ? 
39 AC4 21 HOH F .   ? HOH A 413 . ? 1_555  ? 
# 
loop_
_pdbx_validate_torsion.id 
_pdbx_validate_torsion.PDB_model_num 
_pdbx_validate_torsion.auth_comp_id 
_pdbx_validate_torsion.auth_asym_id 
_pdbx_validate_torsion.auth_seq_id 
_pdbx_validate_torsion.PDB_ins_code 
_pdbx_validate_torsion.label_alt_id 
_pdbx_validate_torsion.phi 
_pdbx_validate_torsion.psi 
1 1 LEU A 79  ? ? -92.20  57.83   
2 1 LEU A 108 ? ? -92.45  -63.22  
3 1 HIS A 140 ? ? 52.24   -132.14 
4 1 THR A 198 ? ? -139.54 -30.43  
# 
loop_
_pdbx_unobs_or_zero_occ_residues.id 
_pdbx_unobs_or_zero_occ_residues.PDB_model_num 
_pdbx_unobs_or_zero_occ_residues.polymer_flag 
_pdbx_unobs_or_zero_occ_residues.occupancy_flag 
_pdbx_unobs_or_zero_occ_residues.auth_asym_id 
_pdbx_unobs_or_zero_occ_residues.auth_comp_id 
_pdbx_unobs_or_zero_occ_residues.auth_seq_id 
_pdbx_unobs_or_zero_occ_residues.PDB_ins_code 
_pdbx_unobs_or_zero_occ_residues.label_asym_id 
_pdbx_unobs_or_zero_occ_residues.label_comp_id 
_pdbx_unobs_or_zero_occ_residues.label_seq_id 
1 1 Y 1 A MET 1   ? A MET 1   
2 1 Y 1 A ALA 2   ? A ALA 2   
3 1 Y 1 A GLU 3   ? A GLU 3   
4 1 Y 1 A HIS 4   ? A HIS 4   
5 1 Y 1 A ALA 205 ? A ALA 205 
6 1 Y 1 A GLU 206 ? A GLU 206 
7 1 Y 1 A ARG 207 ? A ARG 207 
# 
loop_
_chem_comp_atom.comp_id 
_chem_comp_atom.atom_id 
_chem_comp_atom.type_symbol 
_chem_comp_atom.pdbx_aromatic_flag 
_chem_comp_atom.pdbx_stereo_config 
_chem_comp_atom.pdbx_ordinal 
ADV PA     P  N R 1   
ADV "O5'"  O  N N 2   
ADV "C5'"  C  N N 3   
ADV "C4'"  C  N R 4   
ADV "O4'"  O  N N 5   
ADV "C3'"  C  N S 6   
ADV "O3'"  O  N N 7   
ADV "C2'"  C  N R 8   
ADV "O2'"  O  N N 9   
ADV "C1'"  C  N R 10  
ADV N9     N  Y N 11  
ADV C8     C  Y N 12  
ADV N7     N  Y N 13  
ADV C5     C  Y N 14  
ADV C6     C  Y N 15  
ADV N6     N  N N 16  
ADV N1     N  Y N 17  
ADV C2     C  Y N 18  
ADV N3     N  Y N 19  
ADV C4     C  Y N 20  
ADV CX     C  N N 21  
ADV PB     P  N S 22  
ADV O1B    O  N N 23  
ADV OR5    O  N N 24  
ADV CR5    C  N N 25  
ADV CR4    C  N R 26  
ADV OR4    O  N N 27  
ADV CR3    C  N S 28  
ADV OR3    O  N N 29  
ADV CR2    C  N R 30  
ADV OR2    O  N N 31  
ADV CR1    C  N S 32  
ADV OR1    O  N N 33  
ADV O2A    O  N N 34  
ADV O2B    O  N N 35  
ADV O1A    O  N N 36  
ADV "H5'1" H  N N 37  
ADV "H5'2" H  N N 38  
ADV "H'4"  H  N N 39  
ADV "H'3"  H  N N 40  
ADV "HO'3" H  N N 41  
ADV "H'2"  H  N N 42  
ADV "HO'2" H  N N 43  
ADV "H'1"  H  N N 44  
ADV H8     H  N N 45  
ADV H61    H  N N 46  
ADV H62    H  N N 47  
ADV H2     H  N N 48  
ADV HX1    H  N N 49  
ADV HX2    H  N N 50  
ADV H5R1   H  N N 51  
ADV H5R2   H  N N 52  
ADV HR4    H  N N 53  
ADV HR3    H  N N 54  
ADV HOR3   H  N N 55  
ADV HR2    H  N N 56  
ADV HOR2   H  N N 57  
ADV HR1    H  N N 58  
ADV HOR1   H  N N 59  
ADV HOA2   H  N N 60  
ADV HOB2   H  N N 61  
ALA N      N  N N 62  
ALA CA     C  N S 63  
ALA C      C  N N 64  
ALA O      O  N N 65  
ALA CB     C  N N 66  
ALA OXT    O  N N 67  
ALA H      H  N N 68  
ALA H2     H  N N 69  
ALA HA     H  N N 70  
ALA HB1    H  N N 71  
ALA HB2    H  N N 72  
ALA HB3    H  N N 73  
ALA HXT    H  N N 74  
ARG N      N  N N 75  
ARG CA     C  N S 76  
ARG C      C  N N 77  
ARG O      O  N N 78  
ARG CB     C  N N 79  
ARG CG     C  N N 80  
ARG CD     C  N N 81  
ARG NE     N  N N 82  
ARG CZ     C  N N 83  
ARG NH1    N  N N 84  
ARG NH2    N  N N 85  
ARG OXT    O  N N 86  
ARG H      H  N N 87  
ARG H2     H  N N 88  
ARG HA     H  N N 89  
ARG HB2    H  N N 90  
ARG HB3    H  N N 91  
ARG HG2    H  N N 92  
ARG HG3    H  N N 93  
ARG HD2    H  N N 94  
ARG HD3    H  N N 95  
ARG HE     H  N N 96  
ARG HH11   H  N N 97  
ARG HH12   H  N N 98  
ARG HH21   H  N N 99  
ARG HH22   H  N N 100 
ARG HXT    H  N N 101 
ASN N      N  N N 102 
ASN CA     C  N S 103 
ASN C      C  N N 104 
ASN O      O  N N 105 
ASN CB     C  N N 106 
ASN CG     C  N N 107 
ASN OD1    O  N N 108 
ASN ND2    N  N N 109 
ASN OXT    O  N N 110 
ASN H      H  N N 111 
ASN H2     H  N N 112 
ASN HA     H  N N 113 
ASN HB2    H  N N 114 
ASN HB3    H  N N 115 
ASN HD21   H  N N 116 
ASN HD22   H  N N 117 
ASN HXT    H  N N 118 
ASP N      N  N N 119 
ASP CA     C  N S 120 
ASP C      C  N N 121 
ASP O      O  N N 122 
ASP CB     C  N N 123 
ASP CG     C  N N 124 
ASP OD1    O  N N 125 
ASP OD2    O  N N 126 
ASP OXT    O  N N 127 
ASP H      H  N N 128 
ASP H2     H  N N 129 
ASP HA     H  N N 130 
ASP HB2    H  N N 131 
ASP HB3    H  N N 132 
ASP HD2    H  N N 133 
ASP HXT    H  N N 134 
GLN N      N  N N 135 
GLN CA     C  N S 136 
GLN C      C  N N 137 
GLN O      O  N N 138 
GLN CB     C  N N 139 
GLN CG     C  N N 140 
GLN CD     C  N N 141 
GLN OE1    O  N N 142 
GLN NE2    N  N N 143 
GLN OXT    O  N N 144 
GLN H      H  N N 145 
GLN H2     H  N N 146 
GLN HA     H  N N 147 
GLN HB2    H  N N 148 
GLN HB3    H  N N 149 
GLN HG2    H  N N 150 
GLN HG3    H  N N 151 
GLN HE21   H  N N 152 
GLN HE22   H  N N 153 
GLN HXT    H  N N 154 
GLU N      N  N N 155 
GLU CA     C  N S 156 
GLU C      C  N N 157 
GLU O      O  N N 158 
GLU CB     C  N N 159 
GLU CG     C  N N 160 
GLU CD     C  N N 161 
GLU OE1    O  N N 162 
GLU OE2    O  N N 163 
GLU OXT    O  N N 164 
GLU H      H  N N 165 
GLU H2     H  N N 166 
GLU HA     H  N N 167 
GLU HB2    H  N N 168 
GLU HB3    H  N N 169 
GLU HG2    H  N N 170 
GLU HG3    H  N N 171 
GLU HE2    H  N N 172 
GLU HXT    H  N N 173 
GLY N      N  N N 174 
GLY CA     C  N N 175 
GLY C      C  N N 176 
GLY O      O  N N 177 
GLY OXT    O  N N 178 
GLY H      H  N N 179 
GLY H2     H  N N 180 
GLY HA2    H  N N 181 
GLY HA3    H  N N 182 
GLY HXT    H  N N 183 
HIS N      N  N N 184 
HIS CA     C  N S 185 
HIS C      C  N N 186 
HIS O      O  N N 187 
HIS CB     C  N N 188 
HIS CG     C  Y N 189 
HIS ND1    N  Y N 190 
HIS CD2    C  Y N 191 
HIS CE1    C  Y N 192 
HIS NE2    N  Y N 193 
HIS OXT    O  N N 194 
HIS H      H  N N 195 
HIS H2     H  N N 196 
HIS HA     H  N N 197 
HIS HB2    H  N N 198 
HIS HB3    H  N N 199 
HIS HD1    H  N N 200 
HIS HD2    H  N N 201 
HIS HE1    H  N N 202 
HIS HE2    H  N N 203 
HIS HXT    H  N N 204 
HOH O      O  N N 205 
HOH H1     H  N N 206 
HOH H2     H  N N 207 
ILE N      N  N N 208 
ILE CA     C  N S 209 
ILE C      C  N N 210 
ILE O      O  N N 211 
ILE CB     C  N S 212 
ILE CG1    C  N N 213 
ILE CG2    C  N N 214 
ILE CD1    C  N N 215 
ILE OXT    O  N N 216 
ILE H      H  N N 217 
ILE H2     H  N N 218 
ILE HA     H  N N 219 
ILE HB     H  N N 220 
ILE HG12   H  N N 221 
ILE HG13   H  N N 222 
ILE HG21   H  N N 223 
ILE HG22   H  N N 224 
ILE HG23   H  N N 225 
ILE HD11   H  N N 226 
ILE HD12   H  N N 227 
ILE HD13   H  N N 228 
ILE HXT    H  N N 229 
LEU N      N  N N 230 
LEU CA     C  N S 231 
LEU C      C  N N 232 
LEU O      O  N N 233 
LEU CB     C  N N 234 
LEU CG     C  N N 235 
LEU CD1    C  N N 236 
LEU CD2    C  N N 237 
LEU OXT    O  N N 238 
LEU H      H  N N 239 
LEU H2     H  N N 240 
LEU HA     H  N N 241 
LEU HB2    H  N N 242 
LEU HB3    H  N N 243 
LEU HG     H  N N 244 
LEU HD11   H  N N 245 
LEU HD12   H  N N 246 
LEU HD13   H  N N 247 
LEU HD21   H  N N 248 
LEU HD22   H  N N 249 
LEU HD23   H  N N 250 
LEU HXT    H  N N 251 
MET N      N  N N 252 
MET CA     C  N S 253 
MET C      C  N N 254 
MET O      O  N N 255 
MET CB     C  N N 256 
MET CG     C  N N 257 
MET SD     S  N N 258 
MET CE     C  N N 259 
MET OXT    O  N N 260 
MET H      H  N N 261 
MET H2     H  N N 262 
MET HA     H  N N 263 
MET HB2    H  N N 264 
MET HB3    H  N N 265 
MET HG2    H  N N 266 
MET HG3    H  N N 267 
MET HE1    H  N N 268 
MET HE2    H  N N 269 
MET HE3    H  N N 270 
MET HXT    H  N N 271 
MN  MN     MN N N 272 
PHE N      N  N N 273 
PHE CA     C  N S 274 
PHE C      C  N N 275 
PHE O      O  N N 276 
PHE CB     C  N N 277 
PHE CG     C  Y N 278 
PHE CD1    C  Y N 279 
PHE CD2    C  Y N 280 
PHE CE1    C  Y N 281 
PHE CE2    C  Y N 282 
PHE CZ     C  Y N 283 
PHE OXT    O  N N 284 
PHE H      H  N N 285 
PHE H2     H  N N 286 
PHE HA     H  N N 287 
PHE HB2    H  N N 288 
PHE HB3    H  N N 289 
PHE HD1    H  N N 290 
PHE HD2    H  N N 291 
PHE HE1    H  N N 292 
PHE HE2    H  N N 293 
PHE HZ     H  N N 294 
PHE HXT    H  N N 295 
PRO N      N  N N 296 
PRO CA     C  N S 297 
PRO C      C  N N 298 
PRO O      O  N N 299 
PRO CB     C  N N 300 
PRO CG     C  N N 301 
PRO CD     C  N N 302 
PRO OXT    O  N N 303 
PRO H      H  N N 304 
PRO HA     H  N N 305 
PRO HB2    H  N N 306 
PRO HB3    H  N N 307 
PRO HG2    H  N N 308 
PRO HG3    H  N N 309 
PRO HD2    H  N N 310 
PRO HD3    H  N N 311 
PRO HXT    H  N N 312 
SER N      N  N N 313 
SER CA     C  N S 314 
SER C      C  N N 315 
SER O      O  N N 316 
SER CB     C  N N 317 
SER OG     O  N N 318 
SER OXT    O  N N 319 
SER H      H  N N 320 
SER H2     H  N N 321 
SER HA     H  N N 322 
SER HB2    H  N N 323 
SER HB3    H  N N 324 
SER HG     H  N N 325 
SER HXT    H  N N 326 
THR N      N  N N 327 
THR CA     C  N S 328 
THR C      C  N N 329 
THR O      O  N N 330 
THR CB     C  N R 331 
THR OG1    O  N N 332 
THR CG2    C  N N 333 
THR OXT    O  N N 334 
THR H      H  N N 335 
THR H2     H  N N 336 
THR HA     H  N N 337 
THR HB     H  N N 338 
THR HG1    H  N N 339 
THR HG21   H  N N 340 
THR HG22   H  N N 341 
THR HG23   H  N N 342 
THR HXT    H  N N 343 
TRP N      N  N N 344 
TRP CA     C  N S 345 
TRP C      C  N N 346 
TRP O      O  N N 347 
TRP CB     C  N N 348 
TRP CG     C  Y N 349 
TRP CD1    C  Y N 350 
TRP CD2    C  Y N 351 
TRP NE1    N  Y N 352 
TRP CE2    C  Y N 353 
TRP CE3    C  Y N 354 
TRP CZ2    C  Y N 355 
TRP CZ3    C  Y N 356 
TRP CH2    C  Y N 357 
TRP OXT    O  N N 358 
TRP H      H  N N 359 
TRP H2     H  N N 360 
TRP HA     H  N N 361 
TRP HB2    H  N N 362 
TRP HB3    H  N N 363 
TRP HD1    H  N N 364 
TRP HE1    H  N N 365 
TRP HE3    H  N N 366 
TRP HZ2    H  N N 367 
TRP HZ3    H  N N 368 
TRP HH2    H  N N 369 
TRP HXT    H  N N 370 
TYR N      N  N N 371 
TYR CA     C  N S 372 
TYR C      C  N N 373 
TYR O      O  N N 374 
TYR CB     C  N N 375 
TYR CG     C  Y N 376 
TYR CD1    C  Y N 377 
TYR CD2    C  Y N 378 
TYR CE1    C  Y N 379 
TYR CE2    C  Y N 380 
TYR CZ     C  Y N 381 
TYR OH     O  N N 382 
TYR OXT    O  N N 383 
TYR H      H  N N 384 
TYR H2     H  N N 385 
TYR HA     H  N N 386 
TYR HB2    H  N N 387 
TYR HB3    H  N N 388 
TYR HD1    H  N N 389 
TYR HD2    H  N N 390 
TYR HE1    H  N N 391 
TYR HE2    H  N N 392 
TYR HH     H  N N 393 
TYR HXT    H  N N 394 
VAL N      N  N N 395 
VAL CA     C  N S 396 
VAL C      C  N N 397 
VAL O      O  N N 398 
VAL CB     C  N N 399 
VAL CG1    C  N N 400 
VAL CG2    C  N N 401 
VAL OXT    O  N N 402 
VAL H      H  N N 403 
VAL H2     H  N N 404 
VAL HA     H  N N 405 
VAL HB     H  N N 406 
VAL HG11   H  N N 407 
VAL HG12   H  N N 408 
VAL HG13   H  N N 409 
VAL HG21   H  N N 410 
VAL HG22   H  N N 411 
VAL HG23   H  N N 412 
VAL HXT    H  N N 413 
# 
loop_
_chem_comp_bond.comp_id 
_chem_comp_bond.atom_id_1 
_chem_comp_bond.atom_id_2 
_chem_comp_bond.value_order 
_chem_comp_bond.pdbx_aromatic_flag 
_chem_comp_bond.pdbx_stereo_config 
_chem_comp_bond.pdbx_ordinal 
ADV PA    "O5'"  sing N N 1   
ADV PA    CX     sing N N 2   
ADV PA    O2A    sing N N 3   
ADV PA    O1A    doub N N 4   
ADV "O5'" "C5'"  sing N N 5   
ADV "C5'" "C4'"  sing N N 6   
ADV "C5'" "H5'1" sing N N 7   
ADV "C5'" "H5'2" sing N N 8   
ADV "C4'" "O4'"  sing N N 9   
ADV "C4'" "C3'"  sing N N 10  
ADV "C4'" "H'4"  sing N N 11  
ADV "O4'" "C1'"  sing N N 12  
ADV "C3'" "O3'"  sing N N 13  
ADV "C3'" "C2'"  sing N N 14  
ADV "C3'" "H'3"  sing N N 15  
ADV "O3'" "HO'3" sing N N 16  
ADV "C2'" "O2'"  sing N N 17  
ADV "C2'" "C1'"  sing N N 18  
ADV "C2'" "H'2"  sing N N 19  
ADV "O2'" "HO'2" sing N N 20  
ADV "C1'" N9     sing N N 21  
ADV "C1'" "H'1"  sing N N 22  
ADV N9    C8     sing Y N 23  
ADV N9    C4     sing Y N 24  
ADV C8    N7     doub Y N 25  
ADV C8    H8     sing N N 26  
ADV N7    C5     sing Y N 27  
ADV C5    C6     doub Y N 28  
ADV C5    C4     sing Y N 29  
ADV C6    N6     sing N N 30  
ADV C6    N1     sing Y N 31  
ADV N6    H61    sing N N 32  
ADV N6    H62    sing N N 33  
ADV N1    C2     doub Y N 34  
ADV C2    N3     sing Y N 35  
ADV C2    H2     sing N N 36  
ADV N3    C4     doub Y N 37  
ADV CX    PB     sing N N 38  
ADV CX    HX1    sing N N 39  
ADV CX    HX2    sing N N 40  
ADV PB    O1B    doub N N 41  
ADV PB    OR5    sing N N 42  
ADV PB    O2B    sing N N 43  
ADV OR5   CR5    sing N N 44  
ADV CR5   CR4    sing N N 45  
ADV CR5   H5R1   sing N N 46  
ADV CR5   H5R2   sing N N 47  
ADV CR4   OR4    sing N N 48  
ADV CR4   CR3    sing N N 49  
ADV CR4   HR4    sing N N 50  
ADV OR4   CR1    sing N N 51  
ADV CR3   OR3    sing N N 52  
ADV CR3   CR2    sing N N 53  
ADV CR3   HR3    sing N N 54  
ADV OR3   HOR3   sing N N 55  
ADV CR2   OR2    sing N N 56  
ADV CR2   CR1    sing N N 57  
ADV CR2   HR2    sing N N 58  
ADV OR2   HOR2   sing N N 59  
ADV CR1   OR1    sing N N 60  
ADV CR1   HR1    sing N N 61  
ADV OR1   HOR1   sing N N 62  
ADV O2A   HOA2   sing N N 63  
ADV O2B   HOB2   sing N N 64  
ALA N     CA     sing N N 65  
ALA N     H      sing N N 66  
ALA N     H2     sing N N 67  
ALA CA    C      sing N N 68  
ALA CA    CB     sing N N 69  
ALA CA    HA     sing N N 70  
ALA C     O      doub N N 71  
ALA C     OXT    sing N N 72  
ALA CB    HB1    sing N N 73  
ALA CB    HB2    sing N N 74  
ALA CB    HB3    sing N N 75  
ALA OXT   HXT    sing N N 76  
ARG N     CA     sing N N 77  
ARG N     H      sing N N 78  
ARG N     H2     sing N N 79  
ARG CA    C      sing N N 80  
ARG CA    CB     sing N N 81  
ARG CA    HA     sing N N 82  
ARG C     O      doub N N 83  
ARG C     OXT    sing N N 84  
ARG CB    CG     sing N N 85  
ARG CB    HB2    sing N N 86  
ARG CB    HB3    sing N N 87  
ARG CG    CD     sing N N 88  
ARG CG    HG2    sing N N 89  
ARG CG    HG3    sing N N 90  
ARG CD    NE     sing N N 91  
ARG CD    HD2    sing N N 92  
ARG CD    HD3    sing N N 93  
ARG NE    CZ     sing N N 94  
ARG NE    HE     sing N N 95  
ARG CZ    NH1    sing N N 96  
ARG CZ    NH2    doub N N 97  
ARG NH1   HH11   sing N N 98  
ARG NH1   HH12   sing N N 99  
ARG NH2   HH21   sing N N 100 
ARG NH2   HH22   sing N N 101 
ARG OXT   HXT    sing N N 102 
ASN N     CA     sing N N 103 
ASN N     H      sing N N 104 
ASN N     H2     sing N N 105 
ASN CA    C      sing N N 106 
ASN CA    CB     sing N N 107 
ASN CA    HA     sing N N 108 
ASN C     O      doub N N 109 
ASN C     OXT    sing N N 110 
ASN CB    CG     sing N N 111 
ASN CB    HB2    sing N N 112 
ASN CB    HB3    sing N N 113 
ASN CG    OD1    doub N N 114 
ASN CG    ND2    sing N N 115 
ASN ND2   HD21   sing N N 116 
ASN ND2   HD22   sing N N 117 
ASN OXT   HXT    sing N N 118 
ASP N     CA     sing N N 119 
ASP N     H      sing N N 120 
ASP N     H2     sing N N 121 
ASP CA    C      sing N N 122 
ASP CA    CB     sing N N 123 
ASP CA    HA     sing N N 124 
ASP C     O      doub N N 125 
ASP C     OXT    sing N N 126 
ASP CB    CG     sing N N 127 
ASP CB    HB2    sing N N 128 
ASP CB    HB3    sing N N 129 
ASP CG    OD1    doub N N 130 
ASP CG    OD2    sing N N 131 
ASP OD2   HD2    sing N N 132 
ASP OXT   HXT    sing N N 133 
GLN N     CA     sing N N 134 
GLN N     H      sing N N 135 
GLN N     H2     sing N N 136 
GLN CA    C      sing N N 137 
GLN CA    CB     sing N N 138 
GLN CA    HA     sing N N 139 
GLN C     O      doub N N 140 
GLN C     OXT    sing N N 141 
GLN CB    CG     sing N N 142 
GLN CB    HB2    sing N N 143 
GLN CB    HB3    sing N N 144 
GLN CG    CD     sing N N 145 
GLN CG    HG2    sing N N 146 
GLN CG    HG3    sing N N 147 
GLN CD    OE1    doub N N 148 
GLN CD    NE2    sing N N 149 
GLN NE2   HE21   sing N N 150 
GLN NE2   HE22   sing N N 151 
GLN OXT   HXT    sing N N 152 
GLU N     CA     sing N N 153 
GLU N     H      sing N N 154 
GLU N     H2     sing N N 155 
GLU CA    C      sing N N 156 
GLU CA    CB     sing N N 157 
GLU CA    HA     sing N N 158 
GLU C     O      doub N N 159 
GLU C     OXT    sing N N 160 
GLU CB    CG     sing N N 161 
GLU CB    HB2    sing N N 162 
GLU CB    HB3    sing N N 163 
GLU CG    CD     sing N N 164 
GLU CG    HG2    sing N N 165 
GLU CG    HG3    sing N N 166 
GLU CD    OE1    doub N N 167 
GLU CD    OE2    sing N N 168 
GLU OE2   HE2    sing N N 169 
GLU OXT   HXT    sing N N 170 
GLY N     CA     sing N N 171 
GLY N     H      sing N N 172 
GLY N     H2     sing N N 173 
GLY CA    C      sing N N 174 
GLY CA    HA2    sing N N 175 
GLY CA    HA3    sing N N 176 
GLY C     O      doub N N 177 
GLY C     OXT    sing N N 178 
GLY OXT   HXT    sing N N 179 
HIS N     CA     sing N N 180 
HIS N     H      sing N N 181 
HIS N     H2     sing N N 182 
HIS CA    C      sing N N 183 
HIS CA    CB     sing N N 184 
HIS CA    HA     sing N N 185 
HIS C     O      doub N N 186 
HIS C     OXT    sing N N 187 
HIS CB    CG     sing N N 188 
HIS CB    HB2    sing N N 189 
HIS CB    HB3    sing N N 190 
HIS CG    ND1    sing Y N 191 
HIS CG    CD2    doub Y N 192 
HIS ND1   CE1    doub Y N 193 
HIS ND1   HD1    sing N N 194 
HIS CD2   NE2    sing Y N 195 
HIS CD2   HD2    sing N N 196 
HIS CE1   NE2    sing Y N 197 
HIS CE1   HE1    sing N N 198 
HIS NE2   HE2    sing N N 199 
HIS OXT   HXT    sing N N 200 
HOH O     H1     sing N N 201 
HOH O     H2     sing N N 202 
ILE N     CA     sing N N 203 
ILE N     H      sing N N 204 
ILE N     H2     sing N N 205 
ILE CA    C      sing N N 206 
ILE CA    CB     sing N N 207 
ILE CA    HA     sing N N 208 
ILE C     O      doub N N 209 
ILE C     OXT    sing N N 210 
ILE CB    CG1    sing N N 211 
ILE CB    CG2    sing N N 212 
ILE CB    HB     sing N N 213 
ILE CG1   CD1    sing N N 214 
ILE CG1   HG12   sing N N 215 
ILE CG1   HG13   sing N N 216 
ILE CG2   HG21   sing N N 217 
ILE CG2   HG22   sing N N 218 
ILE CG2   HG23   sing N N 219 
ILE CD1   HD11   sing N N 220 
ILE CD1   HD12   sing N N 221 
ILE CD1   HD13   sing N N 222 
ILE OXT   HXT    sing N N 223 
LEU N     CA     sing N N 224 
LEU N     H      sing N N 225 
LEU N     H2     sing N N 226 
LEU CA    C      sing N N 227 
LEU CA    CB     sing N N 228 
LEU CA    HA     sing N N 229 
LEU C     O      doub N N 230 
LEU C     OXT    sing N N 231 
LEU CB    CG     sing N N 232 
LEU CB    HB2    sing N N 233 
LEU CB    HB3    sing N N 234 
LEU CG    CD1    sing N N 235 
LEU CG    CD2    sing N N 236 
LEU CG    HG     sing N N 237 
LEU CD1   HD11   sing N N 238 
LEU CD1   HD12   sing N N 239 
LEU CD1   HD13   sing N N 240 
LEU CD2   HD21   sing N N 241 
LEU CD2   HD22   sing N N 242 
LEU CD2   HD23   sing N N 243 
LEU OXT   HXT    sing N N 244 
MET N     CA     sing N N 245 
MET N     H      sing N N 246 
MET N     H2     sing N N 247 
MET CA    C      sing N N 248 
MET CA    CB     sing N N 249 
MET CA    HA     sing N N 250 
MET C     O      doub N N 251 
MET C     OXT    sing N N 252 
MET CB    CG     sing N N 253 
MET CB    HB2    sing N N 254 
MET CB    HB3    sing N N 255 
MET CG    SD     sing N N 256 
MET CG    HG2    sing N N 257 
MET CG    HG3    sing N N 258 
MET SD    CE     sing N N 259 
MET CE    HE1    sing N N 260 
MET CE    HE2    sing N N 261 
MET CE    HE3    sing N N 262 
MET OXT   HXT    sing N N 263 
PHE N     CA     sing N N 264 
PHE N     H      sing N N 265 
PHE N     H2     sing N N 266 
PHE CA    C      sing N N 267 
PHE CA    CB     sing N N 268 
PHE CA    HA     sing N N 269 
PHE C     O      doub N N 270 
PHE C     OXT    sing N N 271 
PHE CB    CG     sing N N 272 
PHE CB    HB2    sing N N 273 
PHE CB    HB3    sing N N 274 
PHE CG    CD1    doub Y N 275 
PHE CG    CD2    sing Y N 276 
PHE CD1   CE1    sing Y N 277 
PHE CD1   HD1    sing N N 278 
PHE CD2   CE2    doub Y N 279 
PHE CD2   HD2    sing N N 280 
PHE CE1   CZ     doub Y N 281 
PHE CE1   HE1    sing N N 282 
PHE CE2   CZ     sing Y N 283 
PHE CE2   HE2    sing N N 284 
PHE CZ    HZ     sing N N 285 
PHE OXT   HXT    sing N N 286 
PRO N     CA     sing N N 287 
PRO N     CD     sing N N 288 
PRO N     H      sing N N 289 
PRO CA    C      sing N N 290 
PRO CA    CB     sing N N 291 
PRO CA    HA     sing N N 292 
PRO C     O      doub N N 293 
PRO C     OXT    sing N N 294 
PRO CB    CG     sing N N 295 
PRO CB    HB2    sing N N 296 
PRO CB    HB3    sing N N 297 
PRO CG    CD     sing N N 298 
PRO CG    HG2    sing N N 299 
PRO CG    HG3    sing N N 300 
PRO CD    HD2    sing N N 301 
PRO CD    HD3    sing N N 302 
PRO OXT   HXT    sing N N 303 
SER N     CA     sing N N 304 
SER N     H      sing N N 305 
SER N     H2     sing N N 306 
SER CA    C      sing N N 307 
SER CA    CB     sing N N 308 
SER CA    HA     sing N N 309 
SER C     O      doub N N 310 
SER C     OXT    sing N N 311 
SER CB    OG     sing N N 312 
SER CB    HB2    sing N N 313 
SER CB    HB3    sing N N 314 
SER OG    HG     sing N N 315 
SER OXT   HXT    sing N N 316 
THR N     CA     sing N N 317 
THR N     H      sing N N 318 
THR N     H2     sing N N 319 
THR CA    C      sing N N 320 
THR CA    CB     sing N N 321 
THR CA    HA     sing N N 322 
THR C     O      doub N N 323 
THR C     OXT    sing N N 324 
THR CB    OG1    sing N N 325 
THR CB    CG2    sing N N 326 
THR CB    HB     sing N N 327 
THR OG1   HG1    sing N N 328 
THR CG2   HG21   sing N N 329 
THR CG2   HG22   sing N N 330 
THR CG2   HG23   sing N N 331 
THR OXT   HXT    sing N N 332 
TRP N     CA     sing N N 333 
TRP N     H      sing N N 334 
TRP N     H2     sing N N 335 
TRP CA    C      sing N N 336 
TRP CA    CB     sing N N 337 
TRP CA    HA     sing N N 338 
TRP C     O      doub N N 339 
TRP C     OXT    sing N N 340 
TRP CB    CG     sing N N 341 
TRP CB    HB2    sing N N 342 
TRP CB    HB3    sing N N 343 
TRP CG    CD1    doub Y N 344 
TRP CG    CD2    sing Y N 345 
TRP CD1   NE1    sing Y N 346 
TRP CD1   HD1    sing N N 347 
TRP CD2   CE2    doub Y N 348 
TRP CD2   CE3    sing Y N 349 
TRP NE1   CE2    sing Y N 350 
TRP NE1   HE1    sing N N 351 
TRP CE2   CZ2    sing Y N 352 
TRP CE3   CZ3    doub Y N 353 
TRP CE3   HE3    sing N N 354 
TRP CZ2   CH2    doub Y N 355 
TRP CZ2   HZ2    sing N N 356 
TRP CZ3   CH2    sing Y N 357 
TRP CZ3   HZ3    sing N N 358 
TRP CH2   HH2    sing N N 359 
TRP OXT   HXT    sing N N 360 
TYR N     CA     sing N N 361 
TYR N     H      sing N N 362 
TYR N     H2     sing N N 363 
TYR CA    C      sing N N 364 
TYR CA    CB     sing N N 365 
TYR CA    HA     sing N N 366 
TYR C     O      doub N N 367 
TYR C     OXT    sing N N 368 
TYR CB    CG     sing N N 369 
TYR CB    HB2    sing N N 370 
TYR CB    HB3    sing N N 371 
TYR CG    CD1    doub Y N 372 
TYR CG    CD2    sing Y N 373 
TYR CD1   CE1    sing Y N 374 
TYR CD1   HD1    sing N N 375 
TYR CD2   CE2    doub Y N 376 
TYR CD2   HD2    sing N N 377 
TYR CE1   CZ     doub Y N 378 
TYR CE1   HE1    sing N N 379 
TYR CE2   CZ     sing Y N 380 
TYR CE2   HE2    sing N N 381 
TYR CZ    OH     sing N N 382 
TYR OH    HH     sing N N 383 
TYR OXT   HXT    sing N N 384 
VAL N     CA     sing N N 385 
VAL N     H      sing N N 386 
VAL N     H2     sing N N 387 
VAL CA    C      sing N N 388 
VAL CA    CB     sing N N 389 
VAL CA    HA     sing N N 390 
VAL C     O      doub N N 391 
VAL C     OXT    sing N N 392 
VAL CB    CG1    sing N N 393 
VAL CB    CG2    sing N N 394 
VAL CB    HB     sing N N 395 
VAL CG1   HG11   sing N N 396 
VAL CG1   HG12   sing N N 397 
VAL CG1   HG13   sing N N 398 
VAL CG2   HG21   sing N N 399 
VAL CG2   HG22   sing N N 400 
VAL CG2   HG23   sing N N 401 
VAL OXT   HXT    sing N N 402 
# 
_atom_sites.entry_id                    1MQW 
_atom_sites.fract_transf_matrix[1][1]   -0.01672587 
_atom_sites.fract_transf_matrix[1][2]   0.00617616 
_atom_sites.fract_transf_matrix[1][3]   0.00261298 
_atom_sites.fract_transf_matrix[2][1]   -0.01159496 
_atom_sites.fract_transf_matrix[2][2]   0.00071558 
_atom_sites.fract_transf_matrix[2][3]   -0.01377553 
_atom_sites.fract_transf_matrix[3][1]   -0.00169064 
_atom_sites.fract_transf_matrix[3][2]   -0.00506911 
_atom_sites.fract_transf_matrix[3][3]   0.00115970 
_atom_sites.fract_transf_vector[1]      0.458678 
_atom_sites.fract_transf_vector[2]      0.340547 
_atom_sites.fract_transf_vector[3]      0.056331 
# 
loop_
_atom_type.symbol 
C  
MN 
N  
O  
P  
S  
# 
loop_
_atom_site.group_PDB 
_atom_site.id 
_atom_site.type_symbol 
_atom_site.label_atom_id 
_atom_site.label_alt_id 
_atom_site.label_comp_id 
_atom_site.label_asym_id 
_atom_site.label_entity_id 
_atom_site.label_seq_id 
_atom_site.pdbx_PDB_ins_code 
_atom_site.Cartn_x 
_atom_site.Cartn_y 
_atom_site.Cartn_z 
_atom_site.occupancy 
_atom_site.B_iso_or_equiv 
_atom_site.pdbx_formal_charge 
_atom_site.auth_seq_id 
_atom_site.auth_comp_id 
_atom_site.auth_asym_id 
_atom_site.auth_atom_id 
_atom_site.pdbx_PDB_model_num 
ATOM   1    N  N     . ASP A 1 5   ? -17.612 -23.872 7.190   1.00 76.75 ? 5   ASP A N     1 
ATOM   2    C  CA    . ASP A 1 5   ? -18.154 -23.062 8.318   1.00 76.17 ? 5   ASP A CA    1 
ATOM   3    C  C     . ASP A 1 5   ? -18.163 -21.580 7.909   1.00 75.12 ? 5   ASP A C     1 
ATOM   4    O  O     . ASP A 1 5   ? -18.099 -21.251 6.719   1.00 75.23 ? 5   ASP A O     1 
ATOM   5    C  CB    . ASP A 1 5   ? -17.274 -23.263 9.566   1.00 76.97 ? 5   ASP A CB    1 
ATOM   6    C  CG    . ASP A 1 5   ? -18.045 -23.101 10.874  1.00 77.72 ? 5   ASP A CG    1 
ATOM   7    O  OD1   . ASP A 1 5   ? -18.613 -22.012 11.125  1.00 76.94 ? 5   ASP A OD1   1 
ATOM   8    O  OD2   . ASP A 1 5   ? -18.076 -24.074 11.657  1.00 78.07 ? 5   ASP A OD2   1 
ATOM   9    N  N     . PHE A 1 6   ? -18.263 -20.702 8.908   1.00 72.95 ? 6   PHE A N     1 
ATOM   10   C  CA    . PHE A 1 6   ? -18.252 -19.249 8.726   1.00 69.32 ? 6   PHE A CA    1 
ATOM   11   C  C     . PHE A 1 6   ? -19.107 -18.698 7.594   1.00 67.87 ? 6   PHE A C     1 
ATOM   12   O  O     . PHE A 1 6   ? -18.585 -18.089 6.663   1.00 67.83 ? 6   PHE A O     1 
ATOM   13   C  CB    . PHE A 1 6   ? -16.810 -18.770 8.530   1.00 66.76 ? 6   PHE A CB    1 
ATOM   14   C  CG    . PHE A 1 6   ? -15.895 -19.106 9.671   1.00 63.08 ? 6   PHE A CG    1 
ATOM   15   C  CD1   . PHE A 1 6   ? -16.109 -18.567 10.929  1.00 61.38 ? 6   PHE A CD1   1 
ATOM   16   C  CD2   . PHE A 1 6   ? -14.800 -19.942 9.477   1.00 62.22 ? 6   PHE A CD2   1 
ATOM   17   C  CE1   . PHE A 1 6   ? -15.247 -18.849 11.975  1.00 61.32 ? 6   PHE A CE1   1 
ATOM   18   C  CE2   . PHE A 1 6   ? -13.929 -20.231 10.519  1.00 61.39 ? 6   PHE A CE2   1 
ATOM   19   C  CZ    . PHE A 1 6   ? -14.151 -19.683 11.770  1.00 61.41 ? 6   PHE A CZ    1 
ATOM   20   N  N     . GLU A 1 7   ? -20.417 -18.884 7.674   1.00 66.78 ? 7   GLU A N     1 
ATOM   21   C  CA    . GLU A 1 7   ? -21.283 -18.372 6.626   1.00 66.23 ? 7   GLU A CA    1 
ATOM   22   C  C     . GLU A 1 7   ? -21.875 -17.028 7.029   1.00 63.80 ? 7   GLU A C     1 
ATOM   23   O  O     . GLU A 1 7   ? -22.261 -16.835 8.182   1.00 63.06 ? 7   GLU A O     1 
ATOM   24   C  CB    . GLU A 1 7   ? -22.405 -19.372 6.317   1.00 69.58 ? 7   GLU A CB    1 
ATOM   25   C  CG    . GLU A 1 7   ? -23.188 -19.049 5.039   1.00 73.62 ? 7   GLU A CG    1 
ATOM   26   C  CD    . GLU A 1 7   ? -22.285 -18.899 3.801   1.00 75.43 ? 7   GLU A CD    1 
ATOM   27   O  OE1   . GLU A 1 7   ? -21.733 -19.919 3.320   1.00 75.03 ? 7   GLU A OE1   1 
ATOM   28   O  OE2   . GLU A 1 7   ? -22.126 -17.752 3.316   1.00 75.67 ? 7   GLU A OE2   1 
ATOM   29   N  N     . THR A 1 8   ? -21.928 -16.094 6.081   1.00 61.62 ? 8   THR A N     1 
ATOM   30   C  CA    . THR A 1 8   ? -22.492 -14.776 6.356   1.00 59.79 ? 8   THR A CA    1 
ATOM   31   C  C     . THR A 1 8   ? -24.009 -14.881 6.310   1.00 59.22 ? 8   THR A C     1 
ATOM   32   O  O     . THR A 1 8   ? -24.590 -15.212 5.275   1.00 59.19 ? 8   THR A O     1 
ATOM   33   C  CB    . THR A 1 8   ? -22.040 -13.713 5.326   1.00 58.22 ? 8   THR A CB    1 
ATOM   34   O  OG1   . THR A 1 8   ? -20.615 -13.593 5.345   1.00 57.80 ? 8   THR A OG1   1 
ATOM   35   C  CG2   . THR A 1 8   ? -22.636 -12.363 5.673   1.00 57.13 ? 8   THR A CG2   1 
ATOM   36   N  N     . ILE A 1 9   ? -24.643 -14.602 7.441   1.00 58.55 ? 9   ILE A N     1 
ATOM   37   C  CA    . ILE A 1 9   ? -26.092 -14.678 7.536   1.00 58.26 ? 9   ILE A CA    1 
ATOM   38   C  C     . ILE A 1 9   ? -26.763 -13.374 7.099   1.00 58.13 ? 9   ILE A C     1 
ATOM   39   O  O     . ILE A 1 9   ? -27.811 -13.403 6.449   1.00 59.39 ? 9   ILE A O     1 
ATOM   40   C  CB    . ILE A 1 9   ? -26.522 -15.032 8.979   1.00 58.17 ? 9   ILE A CB    1 
ATOM   41   C  CG1   . ILE A 1 9   ? -25.715 -16.236 9.481   1.00 58.05 ? 9   ILE A CG1   1 
ATOM   42   C  CG2   . ILE A 1 9   ? -28.008 -15.343 9.022   1.00 57.95 ? 9   ILE A CG2   1 
ATOM   43   C  CD1   . ILE A 1 9   ? -25.805 -17.466 8.596   1.00 59.10 ? 9   ILE A CD1   1 
ATOM   44   N  N     . SER A 1 10  ? -26.161 -12.236 7.442   1.00 56.70 ? 10  SER A N     1 
ATOM   45   C  CA    . SER A 1 10  ? -26.726 -10.940 7.067   1.00 54.40 ? 10  SER A CA    1 
ATOM   46   C  C     . SER A 1 10  ? -25.681 -9.834  6.950   1.00 52.91 ? 10  SER A C     1 
ATOM   47   O  O     . SER A 1 10  ? -24.692 -9.827  7.680   1.00 52.62 ? 10  SER A O     1 
ATOM   48   C  CB    . SER A 1 10  ? -27.811 -10.519 8.074   1.00 54.38 ? 10  SER A CB    1 
ATOM   49   O  OG    . SER A 1 10  ? -27.318 -10.463 9.405   1.00 53.12 ? 10  SER A OG    1 
ATOM   50   N  N     . SER A 1 11  ? -25.913 -8.909  6.020   1.00 51.72 ? 11  SER A N     1 
ATOM   51   C  CA    . SER A 1 11  ? -25.024 -7.771  5.795   1.00 50.90 ? 11  SER A CA    1 
ATOM   52   C  C     . SER A 1 11  ? -25.781 -6.460  5.919   1.00 50.02 ? 11  SER A C     1 
ATOM   53   O  O     . SER A 1 11  ? -26.800 -6.249  5.265   1.00 49.26 ? 11  SER A O     1 
ATOM   54   C  CB    . SER A 1 11  ? -24.379 -7.829  4.410   1.00 52.20 ? 11  SER A CB    1 
ATOM   55   O  OG    . SER A 1 11  ? -23.146 -8.520  4.439   1.00 54.45 ? 11  SER A OG    1 
ATOM   56   N  N     . GLU A 1 12  ? -25.253 -5.574  6.751   1.00 49.45 ? 12  GLU A N     1 
ATOM   57   C  CA    . GLU A 1 12  ? -25.855 -4.275  6.997   1.00 48.37 ? 12  GLU A CA    1 
ATOM   58   C  C     . GLU A 1 12  ? -24.776 -3.200  6.871   1.00 46.59 ? 12  GLU A C     1 
ATOM   59   O  O     . GLU A 1 12  ? -23.749 -3.268  7.546   1.00 45.69 ? 12  GLU A O     1 
ATOM   60   C  CB    . GLU A 1 12  ? -26.437 -4.267  8.406   1.00 50.44 ? 12  GLU A CB    1 
ATOM   61   C  CG    . GLU A 1 12  ? -27.062 -2.970  8.852   1.00 54.27 ? 12  GLU A CG    1 
ATOM   62   C  CD    . GLU A 1 12  ? -27.227 -2.922  10.361  1.00 57.87 ? 12  GLU A CD    1 
ATOM   63   O  OE1   . GLU A 1 12  ? -27.114 -3.994  11.004  1.00 58.68 ? 12  GLU A OE1   1 
ATOM   64   O  OE2   . GLU A 1 12  ? -27.472 -1.821  10.905  1.00 59.95 ? 12  GLU A OE2   1 
ATOM   65   N  N     . THR A 1 13  ? -25.000 -2.219  6.001   1.00 44.39 ? 13  THR A N     1 
ATOM   66   C  CA    . THR A 1 13  ? -24.035 -1.141  5.824   1.00 42.25 ? 13  THR A CA    1 
ATOM   67   C  C     . THR A 1 13  ? -24.289 -0.063  6.865   1.00 41.28 ? 13  THR A C     1 
ATOM   68   O  O     . THR A 1 13  ? -25.354 0.525   6.902   1.00 40.90 ? 13  THR A O     1 
ATOM   69   C  CB    . THR A 1 13  ? -24.135 -0.514  4.429   1.00 41.57 ? 13  THR A CB    1 
ATOM   70   O  OG1   . THR A 1 13  ? -23.883 -1.517  3.439   1.00 41.32 ? 13  THR A OG1   1 
ATOM   71   C  CG2   . THR A 1 13  ? -23.112 0.604   4.273   1.00 41.25 ? 13  THR A CG2   1 
ATOM   72   N  N     . LEU A 1 14  ? -23.295 0.185   7.709   1.00 41.70 ? 14  LEU A N     1 
ATOM   73   C  CA    . LEU A 1 14  ? -23.390 1.174   8.773   1.00 41.92 ? 14  LEU A CA    1 
ATOM   74   C  C     . LEU A 1 14  ? -22.912 2.569   8.377   1.00 43.40 ? 14  LEU A C     1 
ATOM   75   O  O     . LEU A 1 14  ? -23.382 3.566   8.924   1.00 45.45 ? 14  LEU A O     1 
ATOM   76   C  CB    . LEU A 1 14  ? -22.593 0.698   9.986   1.00 41.08 ? 14  LEU A CB    1 
ATOM   77   C  CG    . LEU A 1 14  ? -23.254 -0.316  10.921  1.00 41.88 ? 14  LEU A CG    1 
ATOM   78   C  CD1   . LEU A 1 14  ? -24.016 -1.372  10.132  1.00 40.75 ? 14  LEU A CD1   1 
ATOM   79   C  CD2   . LEU A 1 14  ? -22.171 -0.937  11.799  1.00 41.89 ? 14  LEU A CD2   1 
ATOM   80   N  N     . HIS A 1 15  ? -21.983 2.646   7.430   1.00 43.44 ? 15  HIS A N     1 
ATOM   81   C  CA    . HIS A 1 15  ? -21.461 3.934   7.001   1.00 42.29 ? 15  HIS A CA    1 
ATOM   82   C  C     . HIS A 1 15  ? -20.713 3.878   5.683   1.00 43.20 ? 15  HIS A C     1 
ATOM   83   O  O     . HIS A 1 15  ? -19.983 2.931   5.406   1.00 45.49 ? 15  HIS A O     1 
ATOM   84   C  CB    . HIS A 1 15  ? -20.519 4.491   8.069   1.00 41.33 ? 15  HIS A CB    1 
ATOM   85   C  CG    . HIS A 1 15  ? -19.781 5.727   7.648   1.00 40.19 ? 15  HIS A CG    1 
ATOM   86   N  ND1   . HIS A 1 15  ? -20.393 6.955   7.513   1.00 39.59 ? 15  HIS A ND1   1 
ATOM   87   C  CD2   . HIS A 1 15  ? -18.478 5.921   7.336   1.00 38.50 ? 15  HIS A CD2   1 
ATOM   88   C  CE1   . HIS A 1 15  ? -19.499 7.852   7.138   1.00 37.93 ? 15  HIS A CE1   1 
ATOM   89   N  NE2   . HIS A 1 15  ? -18.330 7.250   7.025   1.00 38.35 ? 15  HIS A NE2   1 
ATOM   90   N  N     . THR A 1 16  ? -20.908 4.906   4.869   1.00 43.74 ? 16  THR A N     1 
ATOM   91   C  CA    . THR A 1 16  ? -20.208 5.027   3.601   1.00 43.17 ? 16  THR A CA    1 
ATOM   92   C  C     . THR A 1 16  ? -19.552 6.397   3.635   1.00 42.83 ? 16  THR A C     1 
ATOM   93   O  O     . THR A 1 16  ? -20.231 7.415   3.758   1.00 43.03 ? 16  THR A O     1 
ATOM   94   C  CB    . THR A 1 16  ? -21.158 4.948   2.409   1.00 43.94 ? 16  THR A CB    1 
ATOM   95   O  OG1   . THR A 1 16  ? -21.588 3.590   2.242   1.00 45.01 ? 16  THR A OG1   1 
ATOM   96   C  CG2   . THR A 1 16  ? -20.459 5.415   1.144   1.00 45.18 ? 16  THR A CG2   1 
ATOM   97   N  N     . GLY A 1 17  ? -18.227 6.411   3.560   1.00 41.84 ? 17  GLY A N     1 
ATOM   98   C  CA    . GLY A 1 17  ? -17.513 7.667   3.597   1.00 41.25 ? 17  GLY A CA    1 
ATOM   99   C  C     . GLY A 1 17  ? -16.791 7.923   2.299   1.00 41.87 ? 17  GLY A C     1 
ATOM   100  O  O     . GLY A 1 17  ? -17.133 7.357   1.253   1.00 42.27 ? 17  GLY A O     1 
ATOM   101  N  N     . ALA A 1 18  ? -15.776 8.775   2.371   1.00 42.17 ? 18  ALA A N     1 
ATOM   102  C  CA    . ALA A 1 18  ? -14.985 9.135   1.206   1.00 41.55 ? 18  ALA A CA    1 
ATOM   103  C  C     . ALA A 1 18  ? -14.099 8.007   0.674   1.00 42.17 ? 18  ALA A C     1 
ATOM   104  O  O     . ALA A 1 18  ? -14.027 7.800   -0.542  1.00 43.95 ? 18  ALA A O     1 
ATOM   105  C  CB    . ALA A 1 18  ? -14.134 10.355  1.528   1.00 42.69 ? 18  ALA A CB    1 
ATOM   106  N  N     . ILE A 1 19  ? -13.436 7.267   1.566   1.00 41.16 ? 19  ILE A N     1 
ATOM   107  C  CA    . ILE A 1 19  ? -12.546 6.199   1.116   1.00 39.86 ? 19  ILE A CA    1 
ATOM   108  C  C     . ILE A 1 19  ? -12.820 4.788   1.615   1.00 38.89 ? 19  ILE A C     1 
ATOM   109  O  O     . ILE A 1 19  ? -12.087 3.861   1.273   1.00 38.91 ? 19  ILE A O     1 
ATOM   110  C  CB    . ILE A 1 19  ? -11.070 6.528   1.430   1.00 40.95 ? 19  ILE A CB    1 
ATOM   111  C  CG1   . ILE A 1 19  ? -10.823 6.463   2.935   1.00 40.37 ? 19  ILE A CG1   1 
ATOM   112  C  CG2   . ILE A 1 19  ? -10.725 7.905   0.884   1.00 39.39 ? 19  ILE A CG2   1 
ATOM   113  C  CD1   . ILE A 1 19  ? -9.367  6.623   3.302   1.00 41.73 ? 19  ILE A CD1   1 
ATOM   114  N  N     . PHE A 1 20  ? -13.851 4.609   2.428   1.00 37.73 ? 20  PHE A N     1 
ATOM   115  C  CA    . PHE A 1 20  ? -14.175 3.267   2.898   1.00 36.69 ? 20  PHE A CA    1 
ATOM   116  C  C     . PHE A 1 20  ? -15.602 3.206   3.382   1.00 36.29 ? 20  PHE A C     1 
ATOM   117  O  O     . PHE A 1 20  ? -16.205 4.233   3.695   1.00 37.75 ? 20  PHE A O     1 
ATOM   118  C  CB    . PHE A 1 20  ? -13.216 2.810   4.012   1.00 37.01 ? 20  PHE A CB    1 
ATOM   119  C  CG    . PHE A 1 20  ? -13.286 3.631   5.274   1.00 37.18 ? 20  PHE A CG    1 
ATOM   120  C  CD1   . PHE A 1 20  ? -14.402 3.577   6.103   1.00 38.50 ? 20  PHE A CD1   1 
ATOM   121  C  CD2   . PHE A 1 20  ? -12.224 4.451   5.641   1.00 36.45 ? 20  PHE A CD2   1 
ATOM   122  C  CE1   . PHE A 1 20  ? -14.460 4.326   7.282   1.00 37.72 ? 20  PHE A CE1   1 
ATOM   123  C  CE2   . PHE A 1 20  ? -12.270 5.200   6.813   1.00 37.50 ? 20  PHE A CE2   1 
ATOM   124  C  CZ    . PHE A 1 20  ? -13.389 5.138   7.636   1.00 38.51 ? 20  PHE A CZ    1 
ATOM   125  N  N     . ALA A 1 21  ? -16.145 1.998   3.420   1.00 34.13 ? 21  ALA A N     1 
ATOM   126  C  CA    . ALA A 1 21  ? -17.503 1.791   3.887   1.00 32.44 ? 21  ALA A CA    1 
ATOM   127  C  C     . ALA A 1 21  ? -17.423 0.893   5.112   1.00 31.84 ? 21  ALA A C     1 
ATOM   128  O  O     . ALA A 1 21  ? -16.550 0.032   5.208   1.00 31.55 ? 21  ALA A O     1 
ATOM   129  C  CB    . ALA A 1 21  ? -18.330 1.126   2.806   1.00 29.66 ? 21  ALA A CB    1 
ATOM   130  N  N     . LEU A 1 22  ? -18.317 1.110   6.061   1.00 31.53 ? 22  LEU A N     1 
ATOM   131  C  CA    . LEU A 1 22  ? -18.343 0.281   7.253   1.00 32.67 ? 22  LEU A CA    1 
ATOM   132  C  C     . LEU A 1 22  ? -19.536 -0.648  7.120   1.00 33.24 ? 22  LEU A C     1 
ATOM   133  O  O     . LEU A 1 22  ? -20.666 -0.195  6.957   1.00 32.98 ? 22  LEU A O     1 
ATOM   134  C  CB    . LEU A 1 22  ? -18.475 1.140   8.517   1.00 32.51 ? 22  LEU A CB    1 
ATOM   135  C  CG    . LEU A 1 22  ? -18.544 0.385   9.851   1.00 31.09 ? 22  LEU A CG    1 
ATOM   136  C  CD1   . LEU A 1 22  ? -17.318 -0.501  10.029  1.00 28.64 ? 22  LEU A CD1   1 
ATOM   137  C  CD2   . LEU A 1 22  ? -18.651 1.391   10.983  1.00 32.63 ? 22  LEU A CD2   1 
ATOM   138  N  N     . ARG A 1 23  ? -19.276 -1.949  7.195   1.00 34.66 ? 23  ARG A N     1 
ATOM   139  C  CA    . ARG A 1 23  ? -20.318 -2.956  7.054   1.00 34.47 ? 23  ARG A CA    1 
ATOM   140  C  C     . ARG A 1 23  ? -20.327 -3.916  8.252   1.00 35.74 ? 23  ARG A C     1 
ATOM   141  O  O     . ARG A 1 23  ? -19.272 -4.333  8.715   1.00 35.50 ? 23  ARG A O     1 
ATOM   142  C  CB    . ARG A 1 23  ? -20.058 -3.727  5.762   1.00 32.62 ? 23  ARG A CB    1 
ATOM   143  C  CG    . ARG A 1 23  ? -21.217 -4.524  5.241   1.00 33.22 ? 23  ARG A CG    1 
ATOM   144  C  CD    . ARG A 1 23  ? -20.756 -5.367  4.073   1.00 32.18 ? 23  ARG A CD    1 
ATOM   145  N  NE    . ARG A 1 23  ? -19.919 -6.478  4.519   1.00 31.98 ? 23  ARG A NE    1 
ATOM   146  C  CZ    . ARG A 1 23  ? -18.692 -6.732  4.078   1.00 30.98 ? 23  ARG A CZ    1 
ATOM   147  N  NH1   . ARG A 1 23  ? -18.132 -5.949  3.166   1.00 31.41 ? 23  ARG A NH1   1 
ATOM   148  N  NH2   . ARG A 1 23  ? -18.026 -7.780  4.544   1.00 31.33 ? 23  ARG A NH2   1 
ATOM   149  N  N     . ARG A 1 24  ? -21.513 -4.250  8.764   1.00 37.92 ? 24  ARG A N     1 
ATOM   150  C  CA    . ARG A 1 24  ? -21.618 -5.186  9.888   1.00 38.08 ? 24  ARG A CA    1 
ATOM   151  C  C     . ARG A 1 24  ? -22.270 -6.464  9.402   1.00 38.10 ? 24  ARG A C     1 
ATOM   152  O  O     . ARG A 1 24  ? -23.420 -6.460  8.968   1.00 37.38 ? 24  ARG A O     1 
ATOM   153  C  CB    . ARG A 1 24  ? -22.465 -4.624  11.039  1.00 39.22 ? 24  ARG A CB    1 
ATOM   154  C  CG    . ARG A 1 24  ? -22.566 -5.580  12.237  1.00 38.48 ? 24  ARG A CG    1 
ATOM   155  C  CD    . ARG A 1 24  ? -23.734 -5.255  13.157  1.00 39.15 ? 24  ARG A CD    1 
ATOM   156  N  NE    . ARG A 1 24  ? -23.625 -3.954  13.819  1.00 40.92 ? 24  ARG A NE    1 
ATOM   157  C  CZ    . ARG A 1 24  ? -24.575 -3.016  13.781  1.00 41.38 ? 24  ARG A CZ    1 
ATOM   158  N  NH1   . ARG A 1 24  ? -25.699 -3.231  13.108  1.00 40.24 ? 24  ARG A NH1   1 
ATOM   159  N  NH2   . ARG A 1 24  ? -24.418 -1.872  14.433  1.00 41.38 ? 24  ARG A NH2   1 
ATOM   160  N  N     . ASP A 1 25  ? -21.526 -7.559  9.473   1.00 39.80 ? 25  ASP A N     1 
ATOM   161  C  CA    . ASP A 1 25  ? -22.037 -8.855  9.047   1.00 40.68 ? 25  ASP A CA    1 
ATOM   162  C  C     . ASP A 1 25  ? -22.309 -9.734  10.261  1.00 41.49 ? 25  ASP A C     1 
ATOM   163  O  O     . ASP A 1 25  ? -21.752 -9.512  11.342  1.00 40.84 ? 25  ASP A O     1 
ATOM   164  C  CB    . ASP A 1 25  ? -21.033 -9.570  8.128   1.00 38.21 ? 25  ASP A CB    1 
ATOM   165  C  CG    . ASP A 1 25  ? -20.773 -8.812  6.847   1.00 36.11 ? 25  ASP A CG    1 
ATOM   166  O  OD1   . ASP A 1 25  ? -21.617 -7.971  6.490   1.00 36.01 ? 25  ASP A OD1   1 
ATOM   167  O  OD2   . ASP A 1 25  ? -19.740 -9.061  6.193   1.00 34.18 ? 25  ASP A OD2   1 
ATOM   168  N  N     . GLN A 1 26  ? -23.188 -10.714 10.080  1.00 42.36 ? 26  GLN A N     1 
ATOM   169  C  CA    . GLN A 1 26  ? -23.503 -11.663 11.135  1.00 42.92 ? 26  GLN A CA    1 
ATOM   170  C  C     . GLN A 1 26  ? -22.922 -12.959 10.590  1.00 44.80 ? 26  GLN A C     1 
ATOM   171  O  O     . GLN A 1 26  ? -23.360 -13.460 9.556   1.00 44.05 ? 26  GLN A O     1 
ATOM   172  C  CB    . GLN A 1 26  ? -25.014 -11.763 11.343  1.00 42.00 ? 26  GLN A CB    1 
ATOM   173  C  CG    . GLN A 1 26  ? -25.658 -10.496 11.913  1.00 40.38 ? 26  GLN A CG    1 
ATOM   174  C  CD    . GLN A 1 26  ? -25.008 -10.021 13.209  1.00 41.15 ? 26  GLN A CD    1 
ATOM   175  O  OE1   . GLN A 1 26  ? -24.600 -10.826 14.044  1.00 43.03 ? 26  GLN A OE1   1 
ATOM   176  N  NE2   . GLN A 1 26  ? -24.927 -8.708  13.387  1.00 39.35 ? 26  GLN A NE2   1 
ATOM   177  N  N     . VAL A 1 27  ? -21.908 -13.475 11.278  1.00 47.52 ? 27  VAL A N     1 
ATOM   178  C  CA    . VAL A 1 27  ? -21.203 -14.684 10.856  1.00 50.37 ? 27  VAL A CA    1 
ATOM   179  C  C     . VAL A 1 27  ? -21.432 -15.879 11.778  1.00 53.29 ? 27  VAL A C     1 
ATOM   180  O  O     . VAL A 1 27  ? -21.415 -15.738 13.003  1.00 53.12 ? 27  VAL A O     1 
ATOM   181  C  CB    . VAL A 1 27  ? -19.680 -14.402 10.777  1.00 49.01 ? 27  VAL A CB    1 
ATOM   182  C  CG1   . VAL A 1 27  ? -18.934 -15.614 10.240  1.00 47.90 ? 27  VAL A CG1   1 
ATOM   183  C  CG2   . VAL A 1 27  ? -19.435 -13.188 9.908   1.00 48.07 ? 27  VAL A CG2   1 
ATOM   184  N  N     . ARG A 1 28  ? -21.632 -17.055 11.184  1.00 56.40 ? 28  ARG A N     1 
ATOM   185  C  CA    . ARG A 1 28  ? -21.855 -18.270 11.962  1.00 59.46 ? 28  ARG A CA    1 
ATOM   186  C  C     . ARG A 1 28  ? -20.514 -18.860 12.400  1.00 60.52 ? 28  ARG A C     1 
ATOM   187  O  O     . ARG A 1 28  ? -19.663 -19.204 11.578  1.00 60.08 ? 28  ARG A O     1 
ATOM   188  C  CB    . ARG A 1 28  ? -22.645 -19.288 11.138  1.00 61.23 ? 28  ARG A CB    1 
ATOM   189  C  CG    . ARG A 1 28  ? -23.381 -20.341 11.968  1.00 64.25 ? 28  ARG A CG    1 
ATOM   190  C  CD    . ARG A 1 28  ? -24.753 -20.637 11.354  1.00 66.82 ? 28  ARG A CD    1 
ATOM   191  N  NE    . ARG A 1 28  ? -24.659 -20.789 9.899   1.00 69.00 ? 28  ARG A NE    1 
ATOM   192  C  CZ    . ARG A 1 28  ? -25.698 -20.774 9.065   1.00 69.56 ? 28  ARG A CZ    1 
ATOM   193  N  NH1   . ARG A 1 28  ? -26.930 -20.618 9.533   1.00 69.37 ? 28  ARG A NH1   1 
ATOM   194  N  NH2   . ARG A 1 28  ? -25.502 -20.888 7.755   1.00 69.79 ? 28  ARG A NH2   1 
ATOM   195  N  N     . MET A 1 29  ? -20.338 -18.963 13.711  1.00 61.94 ? 29  MET A N     1 
ATOM   196  C  CA    . MET A 1 29  ? -19.113 -19.487 14.295  1.00 62.62 ? 29  MET A CA    1 
ATOM   197  C  C     . MET A 1 29  ? -19.103 -21.014 14.397  1.00 63.44 ? 29  MET A C     1 
ATOM   198  O  O     . MET A 1 29  ? -20.131 -21.671 14.185  1.00 62.48 ? 29  MET A O     1 
ATOM   199  C  CB    . MET A 1 29  ? -18.906 -18.862 15.680  1.00 63.27 ? 29  MET A CB    1 
ATOM   200  C  CG    . MET A 1 29  ? -18.553 -17.372 15.656  1.00 63.38 ? 29  MET A CG    1 
ATOM   201  S  SD    . MET A 1 29  ? -16.920 -17.006 14.949  1.00 63.24 ? 29  MET A SD    1 
ATOM   202  C  CE    . MET A 1 29  ? -17.381 -16.449 13.272  1.00 62.39 ? 29  MET A CE    1 
ATOM   203  N  N     . PRO A 1 30  ? -17.929 -21.598 14.720  1.00 64.34 ? 30  PRO A N     1 
ATOM   204  C  CA    . PRO A 1 30  ? -17.752 -23.050 14.858  1.00 64.08 ? 30  PRO A CA    1 
ATOM   205  C  C     . PRO A 1 30  ? -18.751 -23.700 15.817  1.00 63.86 ? 30  PRO A C     1 
ATOM   206  O  O     . PRO A 1 30  ? -19.376 -24.709 15.482  1.00 64.23 ? 30  PRO A O     1 
ATOM   207  C  CB    . PRO A 1 30  ? -16.311 -23.172 15.353  1.00 63.74 ? 30  PRO A CB    1 
ATOM   208  C  CG    . PRO A 1 30  ? -15.637 -22.015 14.697  1.00 63.64 ? 30  PRO A CG    1 
ATOM   209  C  CD    . PRO A 1 30  ? -16.640 -20.905 14.919  1.00 64.09 ? 30  PRO A CD    1 
ATOM   210  N  N     . GLY A 1 31  ? -18.895 -23.117 17.005  1.00 63.01 ? 31  GLY A N     1 
ATOM   211  C  CA    . GLY A 1 31  ? -19.815 -23.655 17.992  1.00 62.84 ? 31  GLY A CA    1 
ATOM   212  C  C     . GLY A 1 31  ? -21.267 -23.705 17.540  1.00 62.85 ? 31  GLY A C     1 
ATOM   213  O  O     . GLY A 1 31  ? -22.083 -24.418 18.137  1.00 62.75 ? 31  GLY A O     1 
ATOM   214  N  N     . GLY A 1 32  ? -21.591 -22.954 16.487  1.00 62.21 ? 32  GLY A N     1 
ATOM   215  C  CA    . GLY A 1 32  ? -22.953 -22.922 15.976  1.00 60.92 ? 32  GLY A CA    1 
ATOM   216  C  C     . GLY A 1 32  ? -23.591 -21.567 16.225  1.00 60.32 ? 32  GLY A C     1 
ATOM   217  O  O     . GLY A 1 32  ? -24.705 -21.284 15.770  1.00 60.78 ? 32  GLY A O     1 
ATOM   218  N  N     . GLY A 1 33  ? -22.869 -20.724 16.956  1.00 59.31 ? 33  GLY A N     1 
ATOM   219  C  CA    . GLY A 1 33  ? -23.361 -19.398 17.263  1.00 57.22 ? 33  GLY A CA    1 
ATOM   220  C  C     . GLY A 1 33  ? -23.203 -18.424 16.111  1.00 56.04 ? 33  GLY A C     1 
ATOM   221  O  O     . GLY A 1 33  ? -22.613 -18.740 15.075  1.00 54.72 ? 33  GLY A O     1 
ATOM   222  N  N     . ILE A 1 34  ? -23.748 -17.228 16.300  1.00 55.20 ? 34  ILE A N     1 
ATOM   223  C  CA    . ILE A 1 34  ? -23.688 -16.176 15.294  1.00 54.34 ? 34  ILE A CA    1 
ATOM   224  C  C     . ILE A 1 34  ? -23.112 -14.923 15.954  1.00 52.43 ? 34  ILE A C     1 
ATOM   225  O  O     . ILE A 1 34  ? -23.533 -14.535 17.047  1.00 50.90 ? 34  ILE A O     1 
ATOM   226  C  CB    . ILE A 1 34  ? -25.099 -15.881 14.720  1.00 54.77 ? 34  ILE A CB    1 
ATOM   227  C  CG1   . ILE A 1 34  ? -25.713 -17.177 14.179  1.00 55.42 ? 34  ILE A CG1   1 
ATOM   228  C  CG2   . ILE A 1 34  ? -25.010 -14.837 13.604  1.00 53.81 ? 34  ILE A CG2   1 
ATOM   229  C  CD1   . ILE A 1 34  ? -27.178 -17.053 13.811  1.00 57.52 ? 34  ILE A CD1   1 
ATOM   230  N  N     . VAL A 1 35  ? -22.151 -14.294 15.283  1.00 51.24 ? 35  VAL A N     1 
ATOM   231  C  CA    . VAL A 1 35  ? -21.495 -13.106 15.824  1.00 49.41 ? 35  VAL A CA    1 
ATOM   232  C  C     . VAL A 1 35  ? -21.360 -11.908 14.879  1.00 47.49 ? 35  VAL A C     1 
ATOM   233  O  O     . VAL A 1 35  ? -21.417 -12.030 13.654  1.00 46.40 ? 35  VAL A O     1 
ATOM   234  C  CB    . VAL A 1 35  ? -20.071 -13.461 16.335  1.00 49.57 ? 35  VAL A CB    1 
ATOM   235  C  CG1   . VAL A 1 35  ? -20.163 -14.486 17.445  1.00 49.08 ? 35  VAL A CG1   1 
ATOM   236  C  CG2   . VAL A 1 35  ? -19.212 -13.999 15.182  1.00 47.61 ? 35  VAL A CG2   1 
ATOM   237  N  N     . THR A 1 36  ? -21.177 -10.741 15.481  1.00 45.08 ? 36  THR A N     1 
ATOM   238  C  CA    . THR A 1 36  ? -20.987 -9.525  14.725  1.00 43.22 ? 36  THR A CA    1 
ATOM   239  C  C     . THR A 1 36  ? -19.542 -9.539  14.230  1.00 42.45 ? 36  THR A C     1 
ATOM   240  O  O     . THR A 1 36  ? -18.599 -9.820  14.983  1.00 41.65 ? 36  THR A O     1 
ATOM   241  C  CB    . THR A 1 36  ? -21.195 -8.263  15.600  1.00 42.88 ? 36  THR A CB    1 
ATOM   242  O  OG1   . THR A 1 36  ? -22.550 -8.204  16.051  1.00 44.16 ? 36  THR A OG1   1 
ATOM   243  C  CG2   . THR A 1 36  ? -20.890 -7.007  14.810  1.00 42.98 ? 36  THR A CG2   1 
ATOM   244  N  N     . ARG A 1 37  ? -19.387 -9.259  12.946  1.00 40.50 ? 37  ARG A N     1 
ATOM   245  C  CA    . ARG A 1 37  ? -18.090 -9.176  12.315  1.00 37.46 ? 37  ARG A CA    1 
ATOM   246  C  C     . ARG A 1 37  ? -18.174 -7.924  11.452  1.00 37.82 ? 37  ARG A C     1 
ATOM   247  O  O     . ARG A 1 37  ? -18.792 -7.919  10.384  1.00 37.30 ? 37  ARG A O     1 
ATOM   248  C  CB    . ARG A 1 37  ? -17.826 -10.427 11.483  1.00 37.61 ? 37  ARG A CB    1 
ATOM   249  C  CG    . ARG A 1 37  ? -17.358 -11.616 12.323  1.00 39.62 ? 37  ARG A CG    1 
ATOM   250  C  CD    . ARG A 1 37  ? -15.928 -11.406 12.817  1.00 38.65 ? 37  ARG A CD    1 
ATOM   251  N  NE    . ARG A 1 37  ? -15.448 -12.476 13.690  1.00 39.27 ? 37  ARG A NE    1 
ATOM   252  C  CZ    . ARG A 1 37  ? -15.832 -12.651 14.953  1.00 39.89 ? 37  ARG A CZ    1 
ATOM   253  N  NH1   . ARG A 1 37  ? -16.715 -11.828 15.505  1.00 39.70 ? 37  ARG A NH1   1 
ATOM   254  N  NH2   . ARG A 1 37  ? -15.315 -13.640 15.675  1.00 40.89 ? 37  ARG A NH2   1 
ATOM   255  N  N     . GLU A 1 38  ? -17.581 -6.847  11.955  1.00 36.97 ? 38  GLU A N     1 
ATOM   256  C  CA    . GLU A 1 38  ? -17.589 -5.575  11.266  1.00 36.65 ? 38  GLU A CA    1 
ATOM   257  C  C     . GLU A 1 38  ? -16.365 -5.463  10.382  1.00 36.20 ? 38  GLU A C     1 
ATOM   258  O  O     . GLU A 1 38  ? -15.241 -5.712  10.811  1.00 36.35 ? 38  GLU A O     1 
ATOM   259  C  CB    . GLU A 1 38  ? -17.662 -4.446  12.292  1.00 38.52 ? 38  GLU A CB    1 
ATOM   260  C  CG    . GLU A 1 38  ? -18.964 -4.518  13.097  1.00 45.69 ? 38  GLU A CG    1 
ATOM   261  C  CD    . GLU A 1 38  ? -19.019 -3.579  14.292  1.00 49.04 ? 38  GLU A CD    1 
ATOM   262  O  OE1   . GLU A 1 38  ? -18.919 -2.355  14.082  1.00 52.12 ? 38  GLU A OE1   1 
ATOM   263  O  OE2   . GLU A 1 38  ? -19.172 -4.063  15.439  1.00 52.20 ? 38  GLU A OE2   1 
ATOM   264  N  N     . VAL A 1 39  ? -16.616 -5.108  9.125   1.00 34.97 ? 39  VAL A N     1 
ATOM   265  C  CA    . VAL A 1 39  ? -15.581 -4.974  8.115   1.00 32.43 ? 39  VAL A CA    1 
ATOM   266  C  C     . VAL A 1 39  ? -15.543 -3.571  7.520   1.00 32.40 ? 39  VAL A C     1 
ATOM   267  O  O     . VAL A 1 39  ? -16.577 -2.964  7.230   1.00 31.76 ? 39  VAL A O     1 
ATOM   268  C  CB    . VAL A 1 39  ? -15.819 -5.988  6.967   1.00 30.77 ? 39  VAL A CB    1 
ATOM   269  C  CG1   . VAL A 1 39  ? -14.769 -5.825  5.884   1.00 27.35 ? 39  VAL A CG1   1 
ATOM   270  C  CG2   . VAL A 1 39  ? -15.804 -7.402  7.519   1.00 30.32 ? 39  VAL A CG2   1 
ATOM   271  N  N     . VAL A 1 40  ? -14.335 -3.057  7.350   1.00 31.97 ? 40  VAL A N     1 
ATOM   272  C  CA    . VAL A 1 40  ? -14.152 -1.752  6.751   1.00 31.08 ? 40  VAL A CA    1 
ATOM   273  C  C     . VAL A 1 40  ? -13.770 -2.004  5.301   1.00 31.27 ? 40  VAL A C     1 
ATOM   274  O  O     . VAL A 1 40  ? -12.686 -2.518  5.029   1.00 31.26 ? 40  VAL A O     1 
ATOM   275  C  CB    . VAL A 1 40  ? -13.017 -0.981  7.436   1.00 30.72 ? 40  VAL A CB    1 
ATOM   276  C  CG1   . VAL A 1 40  ? -12.821 0.360   6.750   1.00 31.10 ? 40  VAL A CG1   1 
ATOM   277  C  CG2   . VAL A 1 40  ? -13.333 -0.794  8.916   1.00 29.55 ? 40  VAL A CG2   1 
ATOM   278  N  N     . GLU A 1 41  ? -14.671 -1.681  4.377   1.00 32.14 ? 41  GLU A N     1 
ATOM   279  C  CA    . GLU A 1 41  ? -14.402 -1.865  2.950   1.00 34.62 ? 41  GLU A CA    1 
ATOM   280  C  C     . GLU A 1 41  ? -13.481 -0.732  2.466   1.00 35.28 ? 41  GLU A C     1 
ATOM   281  O  O     . GLU A 1 41  ? -13.762 0.454   2.674   1.00 35.86 ? 41  GLU A O     1 
ATOM   282  C  CB    . GLU A 1 41  ? -15.711 -1.860  2.152   1.00 35.53 ? 41  GLU A CB    1 
ATOM   283  C  CG    . GLU A 1 41  ? -16.693 -2.964  2.532   1.00 36.91 ? 41  GLU A CG    1 
ATOM   284  C  CD    . GLU A 1 41  ? -17.959 -2.934  1.684   1.00 37.90 ? 41  GLU A CD    1 
ATOM   285  O  OE1   . GLU A 1 41  ? -18.238 -1.867  1.103   1.00 38.45 ? 41  GLU A OE1   1 
ATOM   286  O  OE2   . GLU A 1 41  ? -18.680 -3.958  1.606   1.00 36.74 ? 41  GLU A OE2   1 
ATOM   287  N  N     . HIS A 1 42  ? -12.386 -1.104  1.810   1.00 34.12 ? 42  HIS A N     1 
ATOM   288  C  CA    . HIS A 1 42  ? -11.402 -0.133  1.345   1.00 32.67 ? 42  HIS A CA    1 
ATOM   289  C  C     . HIS A 1 42  ? -11.108 -0.353  -0.140  1.00 33.72 ? 42  HIS A C     1 
ATOM   290  O  O     . HIS A 1 42  ? -11.217 -1.475  -0.634  1.00 34.92 ? 42  HIS A O     1 
ATOM   291  C  CB    . HIS A 1 42  ? -10.134 -0.316  2.191   1.00 31.86 ? 42  HIS A CB    1 
ATOM   292  C  CG    . HIS A 1 42  ? -9.157  0.816   2.109   1.00 30.04 ? 42  HIS A CG    1 
ATOM   293  N  ND1   . HIS A 1 42  ? -8.179  0.893   1.140   1.00 28.82 ? 42  HIS A ND1   1 
ATOM   294  C  CD2   . HIS A 1 42  ? -8.974  1.892   2.910   1.00 29.31 ? 42  HIS A CD2   1 
ATOM   295  C  CE1   . HIS A 1 42  ? -7.436  1.963   1.350   1.00 28.12 ? 42  HIS A CE1   1 
ATOM   296  N  NE2   . HIS A 1 42  ? -7.896  2.587   2.418   1.00 28.67 ? 42  HIS A NE2   1 
ATOM   297  N  N     . PHE A 1 43  ? -10.753 0.717   -0.850  1.00 33.51 ? 43  PHE A N     1 
ATOM   298  C  CA    . PHE A 1 43  ? -10.431 0.629   -2.276  1.00 33.12 ? 43  PHE A CA    1 
ATOM   299  C  C     . PHE A 1 43  ? -9.284  -0.342  -2.489  1.00 32.16 ? 43  PHE A C     1 
ATOM   300  O  O     . PHE A 1 43  ? -9.275  -1.146  -3.423  1.00 33.35 ? 43  PHE A O     1 
ATOM   301  C  CB    . PHE A 1 43  ? -9.977  1.990   -2.823  1.00 34.22 ? 43  PHE A CB    1 
ATOM   302  C  CG    . PHE A 1 43  ? -11.097 2.939   -3.153  1.00 36.67 ? 43  PHE A CG    1 
ATOM   303  C  CD1   . PHE A 1 43  ? -12.075 2.589   -4.084  1.00 37.63 ? 43  PHE A CD1   1 
ATOM   304  C  CD2   . PHE A 1 43  ? -11.148 4.205   -2.572  1.00 37.12 ? 43  PHE A CD2   1 
ATOM   305  C  CE1   . PHE A 1 43  ? -13.084 3.490   -4.431  1.00 37.32 ? 43  PHE A CE1   1 
ATOM   306  C  CE2   . PHE A 1 43  ? -12.152 5.113   -2.911  1.00 37.55 ? 43  PHE A CE2   1 
ATOM   307  C  CZ    . PHE A 1 43  ? -13.121 4.754   -3.844  1.00 36.97 ? 43  PHE A CZ    1 
ATOM   308  N  N     . GLY A 1 44  ? -8.316  -0.250  -1.591  1.00 32.22 ? 44  GLY A N     1 
ATOM   309  C  CA    . GLY A 1 44  ? -7.111  -1.050  -1.683  1.00 31.37 ? 44  GLY A CA    1 
ATOM   310  C  C     . GLY A 1 44  ? -6.105  -0.008  -2.133  1.00 30.35 ? 44  GLY A C     1 
ATOM   311  O  O     . GLY A 1 44  ? -6.506  1.112   -2.459  1.00 30.77 ? 44  GLY A O     1 
ATOM   312  N  N     . ALA A 1 45  ? -4.818  -0.328  -2.152  1.00 28.60 ? 45  ALA A N     1 
ATOM   313  C  CA    . ALA A 1 45  ? -3.847  0.663   -2.586  1.00 25.88 ? 45  ALA A CA    1 
ATOM   314  C  C     . ALA A 1 45  ? -2.629  -0.009  -3.174  1.00 25.62 ? 45  ALA A C     1 
ATOM   315  O  O     . ALA A 1 45  ? -2.556  -1.230  -3.223  1.00 24.53 ? 45  ALA A O     1 
ATOM   316  C  CB    . ALA A 1 45  ? -3.453  1.555   -1.411  1.00 24.40 ? 45  ALA A CB    1 
ATOM   317  N  N     . VAL A 1 46  ? -1.678  0.798   -3.634  1.00 27.47 ? 46  VAL A N     1 
ATOM   318  C  CA    . VAL A 1 46  ? -0.427  0.297   -4.206  1.00 28.29 ? 46  VAL A CA    1 
ATOM   319  C  C     . VAL A 1 46  ? 0.714   1.168   -3.690  1.00 28.85 ? 46  VAL A C     1 
ATOM   320  O  O     . VAL A 1 46  ? 0.498   2.336   -3.369  1.00 29.59 ? 46  VAL A O     1 
ATOM   321  C  CB    . VAL A 1 46  ? -0.435  0.363   -5.755  1.00 29.40 ? 46  VAL A CB    1 
ATOM   322  C  CG1   . VAL A 1 46  ? -1.579  -0.486  -6.311  1.00 29.93 ? 46  VAL A CG1   1 
ATOM   323  C  CG2   . VAL A 1 46  ? -0.563  1.814   -6.214  1.00 27.24 ? 46  VAL A CG2   1 
ATOM   324  N  N     . ALA A 1 47  ? 1.916   0.606   -3.584  1.00 28.45 ? 47  ALA A N     1 
ATOM   325  C  CA    . ALA A 1 47  ? 3.067   1.379   -3.114  1.00 27.43 ? 47  ALA A CA    1 
ATOM   326  C  C     . ALA A 1 47  ? 4.241   1.074   -4.029  1.00 27.62 ? 47  ALA A C     1 
ATOM   327  O  O     . ALA A 1 47  ? 4.213   0.078   -4.757  1.00 28.07 ? 47  ALA A O     1 
ATOM   328  C  CB    . ALA A 1 47  ? 3.407   1.013   -1.673  1.00 28.10 ? 47  ALA A CB    1 
ATOM   329  N  N     . ILE A 1 48  ? 5.262   1.925   -4.015  1.00 26.35 ? 48  ILE A N     1 
ATOM   330  C  CA    . ILE A 1 48  ? 6.414   1.686   -4.868  1.00 26.47 ? 48  ILE A CA    1 
ATOM   331  C  C     . ILE A 1 48  ? 7.776   1.778   -4.188  1.00 27.41 ? 48  ILE A C     1 
ATOM   332  O  O     . ILE A 1 48  ? 8.087   2.743   -3.481  1.00 26.49 ? 48  ILE A O     1 
ATOM   333  C  CB    . ILE A 1 48  ? 6.476   2.664   -6.080  1.00 25.57 ? 48  ILE A CB    1 
ATOM   334  C  CG1   . ILE A 1 48  ? 5.110   2.791   -6.747  1.00 24.78 ? 48  ILE A CG1   1 
ATOM   335  C  CG2   . ILE A 1 48  ? 7.527   2.172   -7.087  1.00 24.13 ? 48  ILE A CG2   1 
ATOM   336  C  CD1   . ILE A 1 48  ? 4.215   3.866   -6.130  1.00 23.61 ? 48  ILE A CD1   1 
ATOM   337  N  N     . VAL A 1 49  ? 8.583   0.753   -4.417  1.00 27.81 ? 49  VAL A N     1 
ATOM   338  C  CA    . VAL A 1 49  ? 9.944   0.725   -3.925  1.00 27.33 ? 49  VAL A CA    1 
ATOM   339  C  C     . VAL A 1 49  ? 10.728  0.988   -5.209  1.00 28.99 ? 49  VAL A C     1 
ATOM   340  O  O     . VAL A 1 49  ? 10.990  0.072   -5.984  1.00 30.64 ? 49  VAL A O     1 
ATOM   341  C  CB    . VAL A 1 49  ? 10.333  -0.652  -3.369  1.00 25.65 ? 49  VAL A CB    1 
ATOM   342  C  CG1   . VAL A 1 49  ? 11.836  -0.712  -3.145  1.00 26.32 ? 49  VAL A CG1   1 
ATOM   343  C  CG2   . VAL A 1 49  ? 9.600   -0.913  -2.072  1.00 24.19 ? 49  VAL A CG2   1 
ATOM   344  N  N     . ALA A 1 50  ? 11.055  2.251   -5.460  1.00 29.94 ? 50  ALA A N     1 
ATOM   345  C  CA    . ALA A 1 50  ? 11.803  2.614   -6.658  1.00 30.79 ? 50  ALA A CA    1 
ATOM   346  C  C     . ALA A 1 50  ? 13.288  2.580   -6.334  1.00 31.95 ? 50  ALA A C     1 
ATOM   347  O  O     . ALA A 1 50  ? 13.806  3.495   -5.707  1.00 33.46 ? 50  ALA A O     1 
ATOM   348  C  CB    . ALA A 1 50  ? 11.396  3.999   -7.122  1.00 28.99 ? 50  ALA A CB    1 
ATOM   349  N  N     . MET A 1 51  ? 13.969  1.522   -6.759  1.00 33.38 ? 51  MET A N     1 
ATOM   350  C  CA    . MET A 1 51  ? 15.396  1.379   -6.485  1.00 34.53 ? 51  MET A CA    1 
ATOM   351  C  C     . MET A 1 51  ? 16.271  1.885   -7.626  1.00 35.35 ? 51  MET A C     1 
ATOM   352  O  O     . MET A 1 51  ? 16.076  1.494   -8.778  1.00 36.54 ? 51  MET A O     1 
ATOM   353  C  CB    . MET A 1 51  ? 15.722  -0.089  -6.201  1.00 35.13 ? 51  MET A CB    1 
ATOM   354  C  CG    . MET A 1 51  ? 17.197  -0.356  -6.014  1.00 35.00 ? 51  MET A CG    1 
ATOM   355  S  SD    . MET A 1 51  ? 17.533  -2.055  -5.586  1.00 37.50 ? 51  MET A SD    1 
ATOM   356  C  CE    . MET A 1 51  ? 17.073  -2.884  -7.082  1.00 36.52 ? 51  MET A CE    1 
ATOM   357  N  N     . ASP A 1 52  ? 17.246  2.738   -7.306  1.00 34.65 ? 52  ASP A N     1 
ATOM   358  C  CA    . ASP A 1 52  ? 18.126  3.280   -8.333  1.00 35.15 ? 52  ASP A CA    1 
ATOM   359  C  C     . ASP A 1 52  ? 19.391  2.435   -8.567  1.00 35.80 ? 52  ASP A C     1 
ATOM   360  O  O     . ASP A 1 52  ? 19.630  1.445   -7.870  1.00 34.83 ? 52  ASP A O     1 
ATOM   361  C  CB    . ASP A 1 52  ? 18.484  4.738   -8.007  1.00 34.40 ? 52  ASP A CB    1 
ATOM   362  C  CG    . ASP A 1 52  ? 19.544  4.868   -6.932  1.00 33.99 ? 52  ASP A CG    1 
ATOM   363  O  OD1   . ASP A 1 52  ? 19.998  3.840   -6.399  1.00 34.78 ? 52  ASP A OD1   1 
ATOM   364  O  OD2   . ASP A 1 52  ? 19.929  6.015   -6.620  1.00 33.03 ? 52  ASP A OD2   1 
ATOM   365  N  N     . ASP A 1 53  ? 20.186  2.834   -9.559  1.00 37.34 ? 53  ASP A N     1 
ATOM   366  C  CA    . ASP A 1 53  ? 21.397  2.109   -9.914  1.00 39.01 ? 53  ASP A CA    1 
ATOM   367  C  C     . ASP A 1 53  ? 22.418  1.838   -8.822  1.00 40.71 ? 53  ASP A C     1 
ATOM   368  O  O     . ASP A 1 53  ? 23.322  1.024   -9.010  1.00 41.04 ? 53  ASP A O     1 
ATOM   369  N  N     . ASN A 1 54  ? 22.292  2.504   -7.680  1.00 41.70 ? 54  ASN A N     1 
ATOM   370  C  CA    . ASN A 1 54  ? 23.243  2.301   -6.589  1.00 41.74 ? 54  ASN A CA    1 
ATOM   371  C  C     . ASN A 1 54  ? 22.628  1.706   -5.322  1.00 41.04 ? 54  ASN A C     1 
ATOM   372  O  O     . ASN A 1 54  ? 23.262  1.711   -4.262  1.00 40.90 ? 54  ASN A O     1 
ATOM   373  C  CB    . ASN A 1 54  ? 23.942  3.619   -6.245  1.00 43.07 ? 54  ASN A CB    1 
ATOM   374  C  CG    . ASN A 1 54  ? 24.826  4.120   -7.371  1.00 44.97 ? 54  ASN A CG    1 
ATOM   375  O  OD1   . ASN A 1 54  ? 25.739  3.419   -7.820  1.00 46.24 ? 54  ASN A OD1   1 
ATOM   376  N  ND2   . ASN A 1 54  ? 24.564  5.339   -7.835  1.00 43.50 ? 54  ASN A ND2   1 
ATOM   377  N  N     . GLY A 1 55  ? 21.401  1.199   -5.429  1.00 38.64 ? 55  GLY A N     1 
ATOM   378  C  CA    . GLY A 1 55  ? 20.753  0.601   -4.278  1.00 35.65 ? 55  GLY A CA    1 
ATOM   379  C  C     . GLY A 1 55  ? 20.024  1.562   -3.353  1.00 34.51 ? 55  GLY A C     1 
ATOM   380  O  O     . GLY A 1 55  ? 19.751  1.216   -2.206  1.00 34.03 ? 55  GLY A O     1 
ATOM   381  N  N     . ASN A 1 56  ? 19.706  2.760   -3.842  1.00 32.76 ? 56  ASN A N     1 
ATOM   382  C  CA    . ASN A 1 56  ? 18.994  3.748   -3.038  1.00 33.34 ? 56  ASN A CA    1 
ATOM   383  C  C     . ASN A 1 56  ? 17.523  3.782   -3.437  1.00 33.88 ? 56  ASN A C     1 
ATOM   384  O  O     . ASN A 1 56  ? 17.173  3.442   -4.564  1.00 34.76 ? 56  ASN A O     1 
ATOM   385  C  CB    . ASN A 1 56  ? 19.583  5.150   -3.238  1.00 35.07 ? 56  ASN A CB    1 
ATOM   386  C  CG    . ASN A 1 56  ? 21.075  5.216   -2.954  1.00 36.66 ? 56  ASN A CG    1 
ATOM   387  O  OD1   . ASN A 1 56  ? 21.529  4.867   -1.864  1.00 37.50 ? 56  ASN A OD1   1 
ATOM   388  N  ND2   . ASN A 1 56  ? 21.844  5.676   -3.937  1.00 35.76 ? 56  ASN A ND2   1 
ATOM   389  N  N     . ILE A 1 57  ? 16.661  4.196   -2.514  1.00 32.76 ? 57  ILE A N     1 
ATOM   390  C  CA    . ILE A 1 57  ? 15.237  4.290   -2.799  1.00 32.26 ? 57  ILE A CA    1 
ATOM   391  C  C     . ILE A 1 57  ? 14.671  5.568   -2.188  1.00 33.24 ? 57  ILE A C     1 
ATOM   392  O  O     . ILE A 1 57  ? 15.203  6.090   -1.208  1.00 34.32 ? 57  ILE A O     1 
ATOM   393  C  CB    . ILE A 1 57  ? 14.449  3.097   -2.219  1.00 32.45 ? 57  ILE A CB    1 
ATOM   394  C  CG1   . ILE A 1 57  ? 14.448  3.171   -0.692  1.00 32.72 ? 57  ILE A CG1   1 
ATOM   395  C  CG2   . ILE A 1 57  ? 15.056  1.783   -2.685  1.00 30.50 ? 57  ILE A CG2   1 
ATOM   396  C  CD1   . ILE A 1 57  ? 13.554  2.147   -0.031  1.00 33.25 ? 57  ILE A CD1   1 
ATOM   397  N  N     . PRO A 1 58  ? 13.579  6.094   -2.765  1.00 33.28 ? 58  PRO A N     1 
ATOM   398  C  CA    . PRO A 1 58  ? 12.957  7.317   -2.250  1.00 33.05 ? 58  PRO A CA    1 
ATOM   399  C  C     . PRO A 1 58  ? 11.827  7.052   -1.241  1.00 33.06 ? 58  PRO A C     1 
ATOM   400  O  O     . PRO A 1 58  ? 10.996  6.160   -1.432  1.00 34.07 ? 58  PRO A O     1 
ATOM   401  C  CB    . PRO A 1 58  ? 12.432  7.972   -3.515  1.00 32.04 ? 58  PRO A CB    1 
ATOM   402  C  CG    . PRO A 1 58  ? 11.909  6.774   -4.276  1.00 31.24 ? 58  PRO A CG    1 
ATOM   403  C  CD    . PRO A 1 58  ? 13.016  5.741   -4.085  1.00 32.72 ? 58  PRO A CD    1 
ATOM   404  N  N     . MET A 1 59  ? 11.797  7.825   -0.166  1.00 31.09 ? 59  MET A N     1 
ATOM   405  C  CA    . MET A 1 59  ? 10.734  7.674   0.810   1.00 30.39 ? 59  MET A CA    1 
ATOM   406  C  C     . MET A 1 59  ? 10.166  9.054   1.061   1.00 30.37 ? 59  MET A C     1 
ATOM   407  O  O     . MET A 1 59  ? 10.861  10.051  0.871   1.00 29.84 ? 59  MET A O     1 
ATOM   408  C  CB    . MET A 1 59  ? 11.262  7.045   2.104   1.00 29.97 ? 59  MET A CB    1 
ATOM   409  C  CG    . MET A 1 59  ? 11.699  5.596   1.910   1.00 29.46 ? 59  MET A CG    1 
ATOM   410  S  SD    . MET A 1 59  ? 11.930  4.647   3.427   1.00 29.81 ? 59  MET A SD    1 
ATOM   411  C  CE    . MET A 1 59  ? 10.220  4.159   3.839   1.00 28.19 ? 59  MET A CE    1 
ATOM   412  N  N     . VAL A 1 60  ? 8.896   9.117   1.449   1.00 30.53 ? 60  VAL A N     1 
ATOM   413  C  CA    . VAL A 1 60  ? 8.251   10.397  1.724   1.00 29.70 ? 60  VAL A CA    1 
ATOM   414  C  C     . VAL A 1 60  ? 7.930   10.536  3.217   1.00 30.81 ? 60  VAL A C     1 
ATOM   415  O  O     . VAL A 1 60  ? 7.682   9.541   3.906   1.00 32.10 ? 60  VAL A O     1 
ATOM   416  C  CB    . VAL A 1 60  ? 6.943   10.567  0.880   1.00 29.00 ? 60  VAL A CB    1 
ATOM   417  C  CG1   . VAL A 1 60  ? 7.289   10.647  -0.606  1.00 28.26 ? 60  VAL A CG1   1 
ATOM   418  C  CG2   . VAL A 1 60  ? 5.978   9.411   1.140   1.00 26.60 ? 60  VAL A CG2   1 
ATOM   419  N  N     . TYR A 1 61  ? 7.968   11.768  3.719   1.00 31.00 ? 61  TYR A N     1 
ATOM   420  C  CA    . TYR A 1 61  ? 7.657   12.052  5.121   1.00 30.83 ? 61  TYR A CA    1 
ATOM   421  C  C     . TYR A 1 61  ? 6.278   12.703  5.065   1.00 30.88 ? 61  TYR A C     1 
ATOM   422  O  O     . TYR A 1 61  ? 6.151   13.893  4.767   1.00 32.39 ? 61  TYR A O     1 
ATOM   423  C  CB    . TYR A 1 61  ? 8.701   13.016  5.700   1.00 31.31 ? 61  TYR A CB    1 
ATOM   424  C  CG    . TYR A 1 61  ? 8.703   13.142  7.211   1.00 30.68 ? 61  TYR A CG    1 
ATOM   425  C  CD1   . TYR A 1 61  ? 8.725   12.012  8.031   1.00 31.01 ? 61  TYR A CD1   1 
ATOM   426  C  CD2   . TYR A 1 61  ? 8.722   14.395  7.822   1.00 30.52 ? 61  TYR A CD2   1 
ATOM   427  C  CE1   . TYR A 1 61  ? 8.770   12.131  9.425   1.00 31.40 ? 61  TYR A CE1   1 
ATOM   428  C  CE2   . TYR A 1 61  ? 8.767   14.524  9.210   1.00 29.50 ? 61  TYR A CE2   1 
ATOM   429  C  CZ    . TYR A 1 61  ? 8.791   13.395  10.004  1.00 30.50 ? 61  TYR A CZ    1 
ATOM   430  O  OH    . TYR A 1 61  ? 8.842   13.527  11.370  1.00 30.26 ? 61  TYR A OH    1 
ATOM   431  N  N     . GLN A 1 62  ? 5.247   11.916  5.342   1.00 29.81 ? 62  GLN A N     1 
ATOM   432  C  CA    . GLN A 1 62  ? 3.882   12.408  5.248   1.00 29.99 ? 62  GLN A CA    1 
ATOM   433  C  C     . GLN A 1 62  ? 3.132   12.421  6.568   1.00 30.14 ? 62  GLN A C     1 
ATOM   434  O  O     . GLN A 1 62  ? 3.207   11.476  7.355   1.00 29.47 ? 62  GLN A O     1 
ATOM   435  C  CB    . GLN A 1 62  ? 3.130   11.558  4.217   1.00 29.56 ? 62  GLN A CB    1 
ATOM   436  C  CG    . GLN A 1 62  ? 1.698   11.973  3.939   1.00 30.12 ? 62  GLN A CG    1 
ATOM   437  C  CD    . GLN A 1 62  ? 1.131   11.237  2.739   1.00 30.28 ? 62  GLN A CD    1 
ATOM   438  O  OE1   . GLN A 1 62  ? 1.558   10.122  2.430   1.00 30.27 ? 62  GLN A OE1   1 
ATOM   439  N  NE2   . GLN A 1 62  ? 0.161   11.848  2.063   1.00 29.60 ? 62  GLN A NE2   1 
ATOM   440  N  N     . TYR A 1 63  ? 2.403   13.505  6.803   1.00 30.71 ? 63  TYR A N     1 
ATOM   441  C  CA    . TYR A 1 63  ? 1.627   13.634  8.024   1.00 31.85 ? 63  TYR A CA    1 
ATOM   442  C  C     . TYR A 1 63  ? 0.420   12.704  7.975   1.00 32.85 ? 63  TYR A C     1 
ATOM   443  O  O     . TYR A 1 63  ? -0.313  12.665  6.980   1.00 32.79 ? 63  TYR A O     1 
ATOM   444  C  CB    . TYR A 1 63  ? 1.151   15.081  8.215   1.00 33.73 ? 63  TYR A CB    1 
ATOM   445  C  CG    . TYR A 1 63  ? 0.167   15.255  9.359   1.00 36.34 ? 63  TYR A CG    1 
ATOM   446  C  CD1   . TYR A 1 63  ? 0.605   15.430  10.676  1.00 36.73 ? 63  TYR A CD1   1 
ATOM   447  C  CD2   . TYR A 1 63  ? -1.210  15.195  9.125   1.00 38.75 ? 63  TYR A CD2   1 
ATOM   448  C  CE1   . TYR A 1 63  ? -0.320  15.539  11.737  1.00 39.30 ? 63  TYR A CE1   1 
ATOM   449  C  CE2   . TYR A 1 63  ? -2.138  15.300  10.168  1.00 40.72 ? 63  TYR A CE2   1 
ATOM   450  C  CZ    . TYR A 1 63  ? -1.691  15.470  11.469  1.00 41.48 ? 63  TYR A CZ    1 
ATOM   451  O  OH    . TYR A 1 63  ? -2.628  15.564  12.482  1.00 44.08 ? 63  TYR A OH    1 
ATOM   452  N  N     . ARG A 1 64  ? 0.233   11.950  9.056   1.00 33.48 ? 64  ARG A N     1 
ATOM   453  C  CA    . ARG A 1 64  ? -0.887  11.027  9.187   1.00 32.10 ? 64  ARG A CA    1 
ATOM   454  C  C     . ARG A 1 64  ? -1.729  11.491  10.361  1.00 32.96 ? 64  ARG A C     1 
ATOM   455  O  O     . ARG A 1 64  ? -1.301  11.416  11.514  1.00 33.07 ? 64  ARG A O     1 
ATOM   456  C  CB    . ARG A 1 64  ? -0.393  9.601   9.444   1.00 31.20 ? 64  ARG A CB    1 
ATOM   457  C  CG    . ARG A 1 64  ? 0.282   8.957   8.255   1.00 28.82 ? 64  ARG A CG    1 
ATOM   458  C  CD    . ARG A 1 64  ? -0.664  8.883   7.085   1.00 26.96 ? 64  ARG A CD    1 
ATOM   459  N  NE    . ARG A 1 64  ? -0.055  8.209   5.949   1.00 27.47 ? 64  ARG A NE    1 
ATOM   460  C  CZ    . ARG A 1 64  ? -0.628  8.102   4.758   1.00 26.96 ? 64  ARG A CZ    1 
ATOM   461  N  NH1   . ARG A 1 64  ? -1.827  8.628   4.549   1.00 27.19 ? 64  ARG A NH1   1 
ATOM   462  N  NH2   . ARG A 1 64  ? -0.002  7.468   3.778   1.00 27.80 ? 64  ARG A NH2   1 
ATOM   463  N  N     . HIS A 1 65  ? -2.929  11.972  10.060  1.00 33.73 ? 65  HIS A N     1 
ATOM   464  C  CA    . HIS A 1 65  ? -3.829  12.462  11.086  1.00 33.72 ? 65  HIS A CA    1 
ATOM   465  C  C     . HIS A 1 65  ? -4.203  11.391  12.109  1.00 34.75 ? 65  HIS A C     1 
ATOM   466  O  O     . HIS A 1 65  ? -4.447  11.691  13.285  1.00 34.48 ? 65  HIS A O     1 
ATOM   467  C  CB    . HIS A 1 65  ? -5.092  13.020  10.443  1.00 34.07 ? 65  HIS A CB    1 
ATOM   468  C  CG    . HIS A 1 65  ? -6.078  13.544  11.433  1.00 32.71 ? 65  HIS A CG    1 
ATOM   469  N  ND1   . HIS A 1 65  ? -7.332  12.999  11.594  1.00 33.24 ? 65  HIS A ND1   1 
ATOM   470  C  CD2   . HIS A 1 65  ? -5.970  14.525  12.358  1.00 32.27 ? 65  HIS A CD2   1 
ATOM   471  C  CE1   . HIS A 1 65  ? -7.955  13.620  12.580  1.00 33.81 ? 65  HIS A CE1   1 
ATOM   472  N  NE2   . HIS A 1 65  ? -7.148  14.550  13.061  1.00 33.02 ? 65  HIS A NE2   1 
ATOM   473  N  N     . THR A 1 66  ? -4.258  10.142  11.658  1.00 34.36 ? 66  THR A N     1 
ATOM   474  C  CA    . THR A 1 66  ? -4.596  9.040   12.547  1.00 33.75 ? 66  THR A CA    1 
ATOM   475  C  C     . THR A 1 66  ? -3.650  8.998   13.745  1.00 33.69 ? 66  THR A C     1 
ATOM   476  O  O     . THR A 1 66  ? -4.057  8.646   14.855  1.00 34.87 ? 66  THR A O     1 
ATOM   477  C  CB    . THR A 1 66  ? -4.505  7.692   11.822  1.00 33.04 ? 66  THR A CB    1 
ATOM   478  O  OG1   . THR A 1 66  ? -3.206  7.566   11.231  1.00 32.32 ? 66  THR A OG1   1 
ATOM   479  C  CG2   . THR A 1 66  ? -5.584  7.583   10.750  1.00 31.48 ? 66  THR A CG2   1 
ATOM   480  N  N     . TYR A 1 67  ? -2.391  9.364   13.517  1.00 32.66 ? 67  TYR A N     1 
ATOM   481  C  CA    . TYR A 1 67  ? -1.391  9.349   14.578  1.00 31.09 ? 67  TYR A CA    1 
ATOM   482  C  C     . TYR A 1 67  ? -1.007  10.740  15.030  1.00 31.22 ? 67  TYR A C     1 
ATOM   483  O  O     . TYR A 1 67  ? -0.287  10.895  16.012  1.00 33.88 ? 67  TYR A O     1 
ATOM   484  C  CB    . TYR A 1 67  ? -0.141  8.601   14.113  1.00 29.22 ? 67  TYR A CB    1 
ATOM   485  C  CG    . TYR A 1 67  ? -0.414  7.162   13.751  1.00 27.83 ? 67  TYR A CG    1 
ATOM   486  C  CD1   . TYR A 1 67  ? -0.799  6.245   14.724  1.00 25.68 ? 67  TYR A CD1   1 
ATOM   487  C  CD2   . TYR A 1 67  ? -0.314  6.721   12.430  1.00 26.67 ? 67  TYR A CD2   1 
ATOM   488  C  CE1   . TYR A 1 67  ? -1.081  4.925   14.392  1.00 27.02 ? 67  TYR A CE1   1 
ATOM   489  C  CE2   . TYR A 1 67  ? -0.592  5.404   12.088  1.00 26.36 ? 67  TYR A CE2   1 
ATOM   490  C  CZ    . TYR A 1 67  ? -0.974  4.512   13.075  1.00 27.64 ? 67  TYR A CZ    1 
ATOM   491  O  OH    . TYR A 1 67  ? -1.250  3.206   12.752  1.00 31.42 ? 67  TYR A OH    1 
ATOM   492  N  N     . GLY A 1 68  ? -1.489  11.751  14.316  1.00 30.92 ? 68  GLY A N     1 
ATOM   493  C  CA    . GLY A 1 68  ? -1.173  13.120  14.673  1.00 29.79 ? 68  GLY A CA    1 
ATOM   494  C  C     . GLY A 1 68  ? 0.291   13.469  14.474  1.00 30.09 ? 68  GLY A C     1 
ATOM   495  O  O     . GLY A 1 68  ? 0.843   14.300  15.197  1.00 31.43 ? 68  GLY A O     1 
ATOM   496  N  N     . ARG A 1 69  ? 0.930   12.842  13.492  1.00 29.24 ? 69  ARG A N     1 
ATOM   497  C  CA    . ARG A 1 69  ? 2.334   13.107  13.219  1.00 26.76 ? 69  ARG A CA    1 
ATOM   498  C  C     . ARG A 1 69  ? 2.725   12.589  11.836  1.00 26.40 ? 69  ARG A C     1 
ATOM   499  O  O     . ARG A 1 69  ? 1.924   11.929  11.166  1.00 24.48 ? 69  ARG A O     1 
ATOM   500  C  CB    . ARG A 1 69  ? 3.208   12.462  14.308  1.00 26.44 ? 69  ARG A CB    1 
ATOM   501  C  CG    . ARG A 1 69  ? 3.245   10.945  14.290  1.00 25.80 ? 69  ARG A CG    1 
ATOM   502  C  CD    . ARG A 1 69  ? 4.075   10.406  15.436  1.00 25.36 ? 69  ARG A CD    1 
ATOM   503  N  NE    . ARG A 1 69  ? 4.358   8.980   15.293  1.00 26.65 ? 69  ARG A NE    1 
ATOM   504  C  CZ    . ARG A 1 69  ? 5.439   8.481   14.696  1.00 27.90 ? 69  ARG A CZ    1 
ATOM   505  N  NH1   . ARG A 1 69  ? 6.361   9.285   14.180  1.00 27.02 ? 69  ARG A NH1   1 
ATOM   506  N  NH2   . ARG A 1 69  ? 5.596   7.167   14.605  1.00 27.88 ? 69  ARG A NH2   1 
ATOM   507  N  N     . ARG A 1 70  ? 3.951   12.899  11.413  1.00 26.59 ? 70  ARG A N     1 
ATOM   508  C  CA    . ARG A 1 70  ? 4.454   12.473  10.110  1.00 28.32 ? 70  ARG A CA    1 
ATOM   509  C  C     . ARG A 1 70  ? 5.247   11.180  10.208  1.00 29.24 ? 70  ARG A C     1 
ATOM   510  O  O     . ARG A 1 70  ? 6.028   10.976  11.150  1.00 28.39 ? 70  ARG A O     1 
ATOM   511  C  CB    . ARG A 1 70  ? 5.336   13.556  9.491   1.00 29.76 ? 70  ARG A CB    1 
ATOM   512  C  CG    . ARG A 1 70  ? 4.621   14.857  9.250   1.00 32.03 ? 70  ARG A CG    1 
ATOM   513  C  CD    . ARG A 1 70  ? 5.609   15.971  9.011   1.00 37.83 ? 70  ARG A CD    1 
ATOM   514  N  NE    . ARG A 1 70  ? 5.063   17.238  9.484   1.00 44.64 ? 70  ARG A NE    1 
ATOM   515  C  CZ    . ARG A 1 70  ? 4.106   17.912  8.858   1.00 47.64 ? 70  ARG A CZ    1 
ATOM   516  N  NH1   . ARG A 1 70  ? 3.602   17.439  7.724   1.00 51.98 ? 70  ARG A NH1   1 
ATOM   517  N  NH2   . ARG A 1 70  ? 3.629   19.035  9.376   1.00 47.42 ? 70  ARG A NH2   1 
ATOM   518  N  N     . LEU A 1 71  ? 5.038   10.318  9.214   1.00 28.61 ? 71  LEU A N     1 
ATOM   519  C  CA    . LEU A 1 71  ? 5.694   9.023   9.142   1.00 27.18 ? 71  LEU A CA    1 
ATOM   520  C  C     . LEU A 1 71  ? 6.487   8.921   7.859   1.00 27.43 ? 71  LEU A C     1 
ATOM   521  O  O     . LEU A 1 71  ? 6.162   9.568   6.870   1.00 28.24 ? 71  LEU A O     1 
ATOM   522  C  CB    . LEU A 1 71  ? 4.654   7.895   9.144   1.00 25.93 ? 71  LEU A CB    1 
ATOM   523  C  CG    . LEU A 1 71  ? 3.568   7.839   10.218  1.00 24.83 ? 71  LEU A CG    1 
ATOM   524  C  CD1   . LEU A 1 71  ? 2.727   6.607   9.991   1.00 22.26 ? 71  LEU A CD1   1 
ATOM   525  C  CD2   . LEU A 1 71  ? 4.196   7.800   11.606  1.00 25.68 ? 71  LEU A CD2   1 
ATOM   526  N  N     . TRP A 1 72  ? 7.536   8.109   7.879   1.00 28.86 ? 72  TRP A N     1 
ATOM   527  C  CA    . TRP A 1 72  ? 8.334   7.879   6.685   1.00 28.14 ? 72  TRP A CA    1 
ATOM   528  C  C     . TRP A 1 72  ? 7.679   6.708   5.974   1.00 29.11 ? 72  TRP A C     1 
ATOM   529  O  O     . TRP A 1 72  ? 7.499   5.631   6.553   1.00 28.85 ? 72  TRP A O     1 
ATOM   530  C  CB    . TRP A 1 72  ? 9.775   7.550   7.047   1.00 27.07 ? 72  TRP A CB    1 
ATOM   531  C  CG    . TRP A 1 72  ? 10.541  8.770   7.338   1.00 28.24 ? 72  TRP A CG    1 
ATOM   532  C  CD1   . TRP A 1 72  ? 10.792  9.308   8.565   1.00 27.24 ? 72  TRP A CD1   1 
ATOM   533  C  CD2   . TRP A 1 72  ? 11.098  9.675   6.375   1.00 29.75 ? 72  TRP A CD2   1 
ATOM   534  N  NE1   . TRP A 1 72  ? 11.471  10.497  8.428   1.00 29.01 ? 72  TRP A NE1   1 
ATOM   535  C  CE2   . TRP A 1 72  ? 11.672  10.748  7.094   1.00 29.63 ? 72  TRP A CE2   1 
ATOM   536  C  CE3   . TRP A 1 72  ? 11.164  9.686   4.970   1.00 29.43 ? 72  TRP A CE3   1 
ATOM   537  C  CZ2   . TRP A 1 72  ? 12.310  11.828  6.454   1.00 28.75 ? 72  TRP A CZ2   1 
ATOM   538  C  CZ3   . TRP A 1 72  ? 11.799  10.762  4.332   1.00 27.55 ? 72  TRP A CZ3   1 
ATOM   539  C  CH2   . TRP A 1 72  ? 12.363  11.815  5.080   1.00 28.14 ? 72  TRP A CH2   1 
ATOM   540  N  N     . GLU A 1 73  ? 7.316   6.922   4.716   1.00 28.60 ? 73  GLU A N     1 
ATOM   541  C  CA    . GLU A 1 73  ? 6.626   5.889   3.965   1.00 28.59 ? 73  GLU A CA    1 
ATOM   542  C  C     . GLU A 1 73  ? 7.110   5.762   2.532   1.00 28.52 ? 73  GLU A C     1 
ATOM   543  O  O     . GLU A 1 73  ? 7.938   6.540   2.063   1.00 28.84 ? 73  GLU A O     1 
ATOM   544  C  CB    . GLU A 1 73  ? 5.133   6.207   3.961   1.00 27.85 ? 73  GLU A CB    1 
ATOM   545  C  CG    . GLU A 1 73  ? 4.662   6.942   5.208   1.00 26.28 ? 73  GLU A CG    1 
ATOM   546  C  CD    . GLU A 1 73  ? 3.188   7.239   5.174   1.00 26.61 ? 73  GLU A CD    1 
ATOM   547  O  OE1   . GLU A 1 73  ? 2.696   7.652   4.106   1.00 27.86 ? 73  GLU A OE1   1 
ATOM   548  O  OE2   . GLU A 1 73  ? 2.516   7.066   6.211   1.00 27.18 ? 73  GLU A OE2   1 
ATOM   549  N  N     . LEU A 1 74  ? 6.587   4.763   1.838   1.00 28.93 ? 74  LEU A N     1 
ATOM   550  C  CA    . LEU A 1 74  ? 6.935   4.571   0.443   1.00 29.24 ? 74  LEU A CA    1 
ATOM   551  C  C     . LEU A 1 74  ? 5.936   5.376   -0.370  1.00 30.17 ? 74  LEU A C     1 
ATOM   552  O  O     . LEU A 1 74  ? 4.854   5.739   0.117   1.00 31.13 ? 74  LEU A O     1 
ATOM   553  C  CB    . LEU A 1 74  ? 6.793   3.105   0.031   1.00 27.23 ? 74  LEU A CB    1 
ATOM   554  C  CG    . LEU A 1 74  ? 7.773   2.071   0.564   1.00 28.25 ? 74  LEU A CG    1 
ATOM   555  C  CD1   . LEU A 1 74  ? 7.402   0.709   0.018   1.00 26.05 ? 74  LEU A CD1   1 
ATOM   556  C  CD2   . LEU A 1 74  ? 9.179   2.444   0.149   1.00 28.93 ? 74  LEU A CD2   1 
ATOM   557  N  N     . PRO A 1 75  ? 6.291   5.697   -1.613  1.00 29.75 ? 75  PRO A N     1 
ATOM   558  C  CA    . PRO A 1 75  ? 5.305   6.450   -2.378  1.00 29.35 ? 75  PRO A CA    1 
ATOM   559  C  C     . PRO A 1 75  ? 4.113   5.485   -2.517  1.00 29.37 ? 75  PRO A C     1 
ATOM   560  O  O     . PRO A 1 75  ? 4.311   4.285   -2.717  1.00 28.62 ? 75  PRO A O     1 
ATOM   561  C  CB    . PRO A 1 75  ? 6.030   6.698   -3.698  1.00 29.69 ? 75  PRO A CB    1 
ATOM   562  C  CG    . PRO A 1 75  ? 7.450   6.808   -3.272  1.00 29.16 ? 75  PRO A CG    1 
ATOM   563  C  CD    . PRO A 1 75  ? 7.586   5.658   -2.309  1.00 28.95 ? 75  PRO A CD    1 
ATOM   564  N  N     . ALA A 1 76  ? 2.891   5.990   -2.389  1.00 28.66 ? 76  ALA A N     1 
ATOM   565  C  CA    . ALA A 1 76  ? 1.726   5.128   -2.491  1.00 29.66 ? 76  ALA A CA    1 
ATOM   566  C  C     . ALA A 1 76  ? 0.425   5.877   -2.739  1.00 30.82 ? 76  ALA A C     1 
ATOM   567  O  O     . ALA A 1 76  ? 0.286   7.044   -2.373  1.00 33.86 ? 76  ALA A O     1 
ATOM   568  C  CB    . ALA A 1 76  ? 1.601   4.300   -1.241  1.00 30.23 ? 76  ALA A CB    1 
ATOM   569  N  N     . GLY A 1 77  ? -0.528  5.187   -3.353  1.00 29.91 ? 77  GLY A N     1 
ATOM   570  C  CA    . GLY A 1 77  ? -1.812  5.787   -3.648  1.00 31.11 ? 77  GLY A CA    1 
ATOM   571  C  C     . GLY A 1 77  ? -2.969  4.803   -3.618  1.00 32.81 ? 77  GLY A C     1 
ATOM   572  O  O     . GLY A 1 77  ? -2.774  3.596   -3.807  1.00 33.65 ? 77  GLY A O     1 
ATOM   573  N  N     . LEU A 1 78  ? -4.172  5.328   -3.374  1.00 33.38 ? 78  LEU A N     1 
ATOM   574  C  CA    . LEU A 1 78  ? -5.402  4.535   -3.320  1.00 32.43 ? 78  LEU A CA    1 
ATOM   575  C  C     . LEU A 1 78  ? -5.823  4.106   -4.706  1.00 33.09 ? 78  LEU A C     1 
ATOM   576  O  O     . LEU A 1 78  ? -5.478  4.760   -5.686  1.00 33.63 ? 78  LEU A O     1 
ATOM   577  C  CB    . LEU A 1 78  ? -6.546  5.365   -2.756  1.00 31.55 ? 78  LEU A CB    1 
ATOM   578  C  CG    . LEU A 1 78  ? -6.471  5.879   -1.335  1.00 31.86 ? 78  LEU A CG    1 
ATOM   579  C  CD1   . LEU A 1 78  ? -7.641  6.800   -1.085  1.00 31.32 ? 78  LEU A CD1   1 
ATOM   580  C  CD2   . LEU A 1 78  ? -6.487  4.706   -0.377  1.00 33.53 ? 78  LEU A CD2   1 
ATOM   581  N  N     . LEU A 1 79  ? -6.571  3.009   -4.786  1.00 34.54 ? 79  LEU A N     1 
ATOM   582  C  CA    . LEU A 1 79  ? -7.096  2.542   -6.067  1.00 36.74 ? 79  LEU A CA    1 
ATOM   583  C  C     . LEU A 1 79  ? -8.485  3.192   -6.179  1.00 38.20 ? 79  LEU A C     1 
ATOM   584  O  O     . LEU A 1 79  ? -9.508  2.506   -6.298  1.00 37.98 ? 79  LEU A O     1 
ATOM   585  C  CB    . LEU A 1 79  ? -7.229  1.011   -6.099  1.00 36.12 ? 79  LEU A CB    1 
ATOM   586  C  CG    . LEU A 1 79  ? -5.989  0.114   -6.182  1.00 36.94 ? 79  LEU A CG    1 
ATOM   587  C  CD1   . LEU A 1 79  ? -6.448  -1.321  -6.414  1.00 36.59 ? 79  LEU A CD1   1 
ATOM   588  C  CD2   . LEU A 1 79  ? -5.067  0.549   -7.321  1.00 38.36 ? 79  LEU A CD2   1 
ATOM   589  N  N     . ASP A 1 80  ? -8.498  4.523   -6.117  1.00 39.48 ? 80  ASP A N     1 
ATOM   590  C  CA    . ASP A 1 80  ? -9.725  5.313   -6.183  1.00 42.04 ? 80  ASP A CA    1 
ATOM   591  C  C     . ASP A 1 80  ? -10.106 5.777   -7.592  1.00 44.14 ? 80  ASP A C     1 
ATOM   592  O  O     . ASP A 1 80  ? -10.997 6.619   -7.752  1.00 43.72 ? 80  ASP A O     1 
ATOM   593  C  CB    . ASP A 1 80  ? -9.607  6.536   -5.275  1.00 41.86 ? 80  ASP A CB    1 
ATOM   594  C  CG    . ASP A 1 80  ? -8.390  7.389   -5.597  1.00 42.81 ? 80  ASP A CG    1 
ATOM   595  O  OD1   . ASP A 1 80  ? -7.828  7.245   -6.704  1.00 43.97 ? 80  ASP A OD1   1 
ATOM   596  O  OD2   . ASP A 1 80  ? -8.000  8.215   -4.746  1.00 44.14 ? 80  ASP A OD2   1 
ATOM   597  N  N     . VAL A 1 81  ? -9.419  5.249   -8.604  1.00 45.49 ? 81  VAL A N     1 
ATOM   598  C  CA    . VAL A 1 81  ? -9.717  5.597   -9.991  1.00 46.42 ? 81  VAL A CA    1 
ATOM   599  C  C     . VAL A 1 81  ? -10.359 4.383   -10.653 1.00 47.26 ? 81  VAL A C     1 
ATOM   600  O  O     . VAL A 1 81  ? -9.668  3.505   -11.174 1.00 47.02 ? 81  VAL A O     1 
ATOM   601  C  CB    . VAL A 1 81  ? -8.447  5.977   -10.779 1.00 46.79 ? 81  VAL A CB    1 
ATOM   602  C  CG1   . VAL A 1 81  ? -8.823  6.365   -12.207 1.00 46.02 ? 81  VAL A CG1   1 
ATOM   603  C  CG2   . VAL A 1 81  ? -7.731  7.126   -10.089 1.00 46.03 ? 81  VAL A CG2   1 
ATOM   604  N  N     . ALA A 1 82  ? -11.685 4.332   -10.611 1.00 48.03 ? 82  ALA A N     1 
ATOM   605  C  CA    . ALA A 1 82  ? -12.420 3.224   -11.199 1.00 48.67 ? 82  ALA A CA    1 
ATOM   606  C  C     . ALA A 1 82  ? -11.877 2.899   -12.584 1.00 48.78 ? 82  ALA A C     1 
ATOM   607  O  O     . ALA A 1 82  ? -11.761 3.781   -13.442 1.00 49.07 ? 82  ALA A O     1 
ATOM   608  C  CB    . ALA A 1 82  ? -13.904 3.571   -11.284 1.00 49.26 ? 82  ALA A CB    1 
ATOM   609  N  N     . GLY A 1 83  ? -11.526 1.632   -12.789 1.00 48.10 ? 83  GLY A N     1 
ATOM   610  C  CA    . GLY A 1 83  ? -11.010 1.207   -14.080 1.00 47.41 ? 83  GLY A CA    1 
ATOM   611  C  C     . GLY A 1 83  ? -9.511  1.324   -14.293 1.00 46.83 ? 83  GLY A C     1 
ATOM   612  O  O     . GLY A 1 83  ? -8.967  0.679   -15.186 1.00 47.05 ? 83  GLY A O     1 
ATOM   613  N  N     . GLU A 1 84  ? -8.832  2.135   -13.488 1.00 46.25 ? 84  GLU A N     1 
ATOM   614  C  CA    . GLU A 1 84  ? -7.390  2.291   -13.643 1.00 45.91 ? 84  GLU A CA    1 
ATOM   615  C  C     . GLU A 1 84  ? -6.633  1.049   -13.173 1.00 45.51 ? 84  GLU A C     1 
ATOM   616  O  O     . GLU A 1 84  ? -6.808  0.587   -12.043 1.00 46.53 ? 84  GLU A O     1 
ATOM   617  C  CB    . GLU A 1 84  ? -6.895  3.516   -12.863 1.00 46.57 ? 84  GLU A CB    1 
ATOM   618  C  CG    . GLU A 1 84  ? -5.418  3.840   -13.103 1.00 46.74 ? 84  GLU A CG    1 
ATOM   619  C  CD    . GLU A 1 84  ? -4.947  5.066   -12.339 1.00 48.02 ? 84  GLU A CD    1 
ATOM   620  O  OE1   . GLU A 1 84  ? -4.944  5.024   -11.089 1.00 47.34 ? 84  GLU A OE1   1 
ATOM   621  O  OE2   . GLU A 1 84  ? -4.580  6.072   -12.990 1.00 49.47 ? 84  GLU A OE2   1 
ATOM   622  N  N     . PRO A 1 85  ? -5.788  0.481   -14.044 1.00 44.13 ? 85  PRO A N     1 
ATOM   623  C  CA    . PRO A 1 85  ? -5.023  -0.711  -13.656 1.00 44.33 ? 85  PRO A CA    1 
ATOM   624  C  C     . PRO A 1 85  ? -4.065  -0.342  -12.522 1.00 44.28 ? 85  PRO A C     1 
ATOM   625  O  O     . PRO A 1 85  ? -3.498  0.759   -12.510 1.00 44.72 ? 85  PRO A O     1 
ATOM   626  C  CB    . PRO A 1 85  ? -4.283  -1.081  -14.939 1.00 43.78 ? 85  PRO A CB    1 
ATOM   627  C  CG    . PRO A 1 85  ? -5.192  -0.553  -16.018 1.00 44.21 ? 85  PRO A CG    1 
ATOM   628  C  CD    . PRO A 1 85  ? -5.607  0.786   -15.470 1.00 42.86 ? 85  PRO A CD    1 
ATOM   629  N  N     . PRO A 1 86  ? -3.871  -1.255  -11.557 1.00 43.24 ? 86  PRO A N     1 
ATOM   630  C  CA    . PRO A 1 86  ? -2.988  -1.047  -10.403 1.00 42.22 ? 86  PRO A CA    1 
ATOM   631  C  C     . PRO A 1 86  ? -1.555  -0.610  -10.738 1.00 41.87 ? 86  PRO A C     1 
ATOM   632  O  O     . PRO A 1 86  ? -1.011  0.287   -10.094 1.00 40.53 ? 86  PRO A O     1 
ATOM   633  C  CB    . PRO A 1 86  ? -3.029  -2.398  -9.696  1.00 42.25 ? 86  PRO A CB    1 
ATOM   634  C  CG    . PRO A 1 86  ? -4.397  -2.890  -10.014 1.00 42.30 ? 86  PRO A CG    1 
ATOM   635  C  CD    . PRO A 1 86  ? -4.510  -2.578  -11.483 1.00 42.82 ? 86  PRO A CD    1 
ATOM   636  N  N     . HIS A 1 87  ? -0.935  -1.238  -11.733 1.00 41.69 ? 87  HIS A N     1 
ATOM   637  C  CA    . HIS A 1 87  ? 0.427   -0.850  -12.079 1.00 42.79 ? 87  HIS A CA    1 
ATOM   638  C  C     . HIS A 1 87  ? 0.477   0.541   -12.715 1.00 41.04 ? 87  HIS A C     1 
ATOM   639  O  O     . HIS A 1 87  ? 1.530   1.186   -12.744 1.00 41.11 ? 87  HIS A O     1 
ATOM   640  C  CB    . HIS A 1 87  ? 1.089   -1.911  -12.976 1.00 46.04 ? 87  HIS A CB    1 
ATOM   641  C  CG    . HIS A 1 87  ? 0.272   -2.313  -14.162 1.00 50.36 ? 87  HIS A CG    1 
ATOM   642  N  ND1   . HIS A 1 87  ? 0.416   -1.725  -15.401 1.00 51.12 ? 87  HIS A ND1   1 
ATOM   643  C  CD2   . HIS A 1 87  ? -0.697  -3.252  -14.301 1.00 52.65 ? 87  HIS A CD2   1 
ATOM   644  C  CE1   . HIS A 1 87  ? -0.428  -2.283  -16.252 1.00 53.32 ? 87  HIS A CE1   1 
ATOM   645  N  NE2   . HIS A 1 87  ? -1.116  -3.212  -15.610 1.00 54.87 ? 87  HIS A NE2   1 
ATOM   646  N  N     . LEU A 1 88  ? -0.663  1.012   -13.210 1.00 38.67 ? 88  LEU A N     1 
ATOM   647  C  CA    . LEU A 1 88  ? -0.720  2.344   -13.785 1.00 37.22 ? 88  LEU A CA    1 
ATOM   648  C  C     . LEU A 1 88  ? -0.897  3.294   -12.614 1.00 36.07 ? 88  LEU A C     1 
ATOM   649  O  O     . LEU A 1 88  ? -0.319  4.376   -12.591 1.00 36.75 ? 88  LEU A O     1 
ATOM   650  C  CB    . LEU A 1 88  ? -1.892  2.480   -14.766 1.00 38.21 ? 88  LEU A CB    1 
ATOM   651  C  CG    . LEU A 1 88  ? -2.171  3.900   -15.287 1.00 38.37 ? 88  LEU A CG    1 
ATOM   652  C  CD1   . LEU A 1 88  ? -0.888  4.558   -15.754 1.00 36.46 ? 88  LEU A CD1   1 
ATOM   653  C  CD2   . LEU A 1 88  ? -3.179  3.842   -16.415 1.00 38.42 ? 88  LEU A CD2   1 
ATOM   654  N  N     . THR A 1 89  ? -1.697  2.882   -11.638 1.00 35.17 ? 89  THR A N     1 
ATOM   655  C  CA    . THR A 1 89  ? -1.921  3.693   -10.446 1.00 34.50 ? 89  THR A CA    1 
ATOM   656  C  C     . THR A 1 89  ? -0.560  3.900   -9.792  1.00 34.08 ? 89  THR A C     1 
ATOM   657  O  O     . THR A 1 89  ? -0.256  4.971   -9.276  1.00 32.55 ? 89  THR A O     1 
ATOM   658  C  CB    . THR A 1 89  ? -2.834  2.970   -9.435  1.00 36.21 ? 89  THR A CB    1 
ATOM   659  O  OG1   . THR A 1 89  ? -4.070  2.617   -10.067 1.00 36.91 ? 89  THR A OG1   1 
ATOM   660  C  CG2   . THR A 1 89  ? -3.114  3.864   -8.227  1.00 35.82 ? 89  THR A CG2   1 
ATOM   661  N  N     . ALA A 1 90  ? 0.254   2.850   -9.823  1.00 34.95 ? 90  ALA A N     1 
ATOM   662  C  CA    . ALA A 1 90  ? 1.594   2.878   -9.245  1.00 35.73 ? 90  ALA A CA    1 
ATOM   663  C  C     . ALA A 1 90  ? 2.482   3.890   -9.964  1.00 36.88 ? 90  ALA A C     1 
ATOM   664  O  O     . ALA A 1 90  ? 3.020   4.812   -9.344  1.00 37.50 ? 90  ALA A O     1 
ATOM   665  C  CB    . ALA A 1 90  ? 2.223   1.486   -9.318  1.00 34.56 ? 90  ALA A CB    1 
ATOM   666  N  N     . ALA A 1 91  ? 2.631   3.711   -11.274 1.00 36.94 ? 91  ALA A N     1 
ATOM   667  C  CA    . ALA A 1 91  ? 3.454   4.604   -12.082 1.00 36.71 ? 91  ALA A CA    1 
ATOM   668  C  C     . ALA A 1 91  ? 2.984   6.057   -11.970 1.00 36.36 ? 91  ALA A C     1 
ATOM   669  O  O     . ALA A 1 91  ? 3.793   6.975   -11.878 1.00 36.20 ? 91  ALA A O     1 
ATOM   670  C  CB    . ALA A 1 91  ? 3.432   4.152   -13.530 1.00 35.67 ? 91  ALA A CB    1 
ATOM   671  N  N     . ARG A 1 92  ? 1.674   6.264   -11.974 1.00 36.55 ? 92  ARG A N     1 
ATOM   672  C  CA    . ARG A 1 92  ? 1.125   7.608   -11.855 1.00 37.04 ? 92  ARG A CA    1 
ATOM   673  C  C     . ARG A 1 92  ? 1.559   8.263   -10.547 1.00 37.35 ? 92  ARG A C     1 
ATOM   674  O  O     . ARG A 1 92  ? 2.076   9.383   -10.531 1.00 36.79 ? 92  ARG A O     1 
ATOM   675  C  CB    . ARG A 1 92  ? -0.400  7.565   -11.875 1.00 37.32 ? 92  ARG A CB    1 
ATOM   676  C  CG    . ARG A 1 92  ? -1.035  8.942   -11.881 1.00 40.60 ? 92  ARG A CG    1 
ATOM   677  C  CD    . ARG A 1 92  ? -2.506  8.866   -11.564 1.00 43.00 ? 92  ARG A CD    1 
ATOM   678  N  NE    . ARG A 1 92  ? -2.723  8.578   -10.150 1.00 48.29 ? 92  ARG A NE    1 
ATOM   679  C  CZ    . ARG A 1 92  ? -3.853  8.080   -9.660  1.00 51.80 ? 92  ARG A CZ    1 
ATOM   680  N  NH1   . ARG A 1 92  ? -4.870  7.815   -10.472 1.00 55.08 ? 92  ARG A NH1   1 
ATOM   681  N  NH2   . ARG A 1 92  ? -3.970  7.831   -8.364  1.00 54.04 ? 92  ARG A NH2   1 
ATOM   682  N  N     . GLU A 1 93  ? 1.325   7.545   -9.451  1.00 38.48 ? 93  GLU A N     1 
ATOM   683  C  CA    . GLU A 1 93  ? 1.643   8.014   -8.101  1.00 38.38 ? 93  GLU A CA    1 
ATOM   684  C  C     . GLU A 1 93  ? 3.142   8.179   -7.841  1.00 36.82 ? 93  GLU A C     1 
ATOM   685  O  O     . GLU A 1 93  ? 3.555   9.080   -7.113  1.00 37.94 ? 93  GLU A O     1 
ATOM   686  C  CB    . GLU A 1 93  ? 1.013   7.070   -7.058  1.00 39.43 ? 93  GLU A CB    1 
ATOM   687  C  CG    . GLU A 1 93  ? -0.534  7.097   -7.008  1.00 42.77 ? 93  GLU A CG    1 
ATOM   688  C  CD    . GLU A 1 93  ? -1.110  8.243   -6.163  1.00 44.53 ? 93  GLU A CD    1 
ATOM   689  O  OE1   . GLU A 1 93  ? -0.326  9.028   -5.569  1.00 47.99 ? 93  GLU A OE1   1 
ATOM   690  O  OE2   . GLU A 1 93  ? -2.360  8.355   -6.084  1.00 49.29 ? 93  GLU A OE2   1 
ATOM   691  N  N     . LEU A 1 94  ? 3.961   7.318   -8.432  1.00 35.38 ? 94  LEU A N     1 
ATOM   692  C  CA    . LEU A 1 94  ? 5.395   7.432   -8.245  1.00 34.56 ? 94  LEU A CA    1 
ATOM   693  C  C     . LEU A 1 94  ? 5.844   8.788   -8.794  1.00 36.06 ? 94  LEU A C     1 
ATOM   694  O  O     . LEU A 1 94  ? 6.578   9.526   -8.133  1.00 35.76 ? 94  LEU A O     1 
ATOM   695  C  CB    . LEU A 1 94  ? 6.113   6.302   -8.982  1.00 31.63 ? 94  LEU A CB    1 
ATOM   696  C  CG    . LEU A 1 94  ? 7.632   6.332   -8.807  1.00 31.77 ? 94  LEU A CG    1 
ATOM   697  C  CD1   . LEU A 1 94  ? 7.968   5.944   -7.378  1.00 32.82 ? 94  LEU A CD1   1 
ATOM   698  C  CD2   . LEU A 1 94  ? 8.300   5.396   -9.786  1.00 29.05 ? 94  LEU A CD2   1 
ATOM   699  N  N     . ARG A 1 95  ? 5.384   9.110   -10.006 1.00 38.15 ? 95  ARG A N     1 
ATOM   700  C  CA    . ARG A 1 95  ? 5.722   10.364  -10.681 1.00 39.24 ? 95  ARG A CA    1 
ATOM   701  C  C     . ARG A 1 95  ? 5.213   11.575  -9.908  1.00 40.26 ? 95  ARG A C     1 
ATOM   702  O  O     . ARG A 1 95  ? 5.948   12.543  -9.697  1.00 40.36 ? 95  ARG A O     1 
ATOM   703  C  CB    . ARG A 1 95  ? 5.121   10.395  -12.089 1.00 40.50 ? 95  ARG A CB    1 
ATOM   704  C  CG    . ARG A 1 95  ? 5.609   11.563  -12.946 1.00 42.36 ? 95  ARG A CG    1 
ATOM   705  C  CD    . ARG A 1 95  ? 4.752   11.764  -14.191 1.00 44.28 ? 95  ARG A CD    1 
ATOM   706  N  NE    . ARG A 1 95  ? 3.468   12.384  -13.872 1.00 48.49 ? 95  ARG A NE    1 
ATOM   707  C  CZ    . ARG A 1 95  ? 2.291   11.768  -13.953 1.00 50.09 ? 95  ARG A CZ    1 
ATOM   708  N  NH1   . ARG A 1 95  ? 2.227   10.498  -14.350 1.00 50.89 ? 95  ARG A NH1   1 
ATOM   709  N  NH2   . ARG A 1 95  ? 1.177   12.421  -13.632 1.00 50.08 ? 95  ARG A NH2   1 
ATOM   710  N  N     . GLU A 1 96  ? 3.950   11.517  -9.493  1.00 40.60 ? 96  GLU A N     1 
ATOM   711  C  CA    . GLU A 1 96  ? 3.337   12.612  -8.746  1.00 40.10 ? 96  GLU A CA    1 
ATOM   712  C  C     . GLU A 1 96  ? 3.980   12.843  -7.386  1.00 40.16 ? 96  GLU A C     1 
ATOM   713  O  O     . GLU A 1 96  ? 4.190   13.985  -7.000  1.00 41.39 ? 96  GLU A O     1 
ATOM   714  C  CB    . GLU A 1 96  ? 1.843   12.358  -8.514  1.00 39.76 ? 96  GLU A CB    1 
ATOM   715  C  CG    . GLU A 1 96  ? 1.032   11.998  -9.743  1.00 39.22 ? 96  GLU A CG    1 
ATOM   716  C  CD    . GLU A 1 96  ? -0.450  11.868  -9.438  1.00 38.83 ? 96  GLU A CD    1 
ATOM   717  O  OE1   . GLU A 1 96  ? -0.815  11.762  -8.248  1.00 38.07 ? 96  GLU A OE1   1 
ATOM   718  O  OE2   . GLU A 1 96  ? -1.254  11.862  -10.389 1.00 40.45 ? 96  GLU A OE2   1 
ATOM   719  N  N     . GLU A 1 97  ? 4.293   11.769  -6.661  1.00 39.96 ? 97  GLU A N     1 
ATOM   720  C  CA    . GLU A 1 97  ? 4.867   11.903  -5.321  1.00 40.01 ? 97  GLU A CA    1 
ATOM   721  C  C     . GLU A 1 97  ? 6.384   12.102  -5.215  1.00 39.59 ? 97  GLU A C     1 
ATOM   722  O  O     . GLU A 1 97  ? 6.845   12.925  -4.417  1.00 39.50 ? 97  GLU A O     1 
ATOM   723  C  CB    . GLU A 1 97  ? 4.434   10.718  -4.440  1.00 40.41 ? 97  GLU A CB    1 
ATOM   724  C  CG    . GLU A 1 97  ? 2.913   10.591  -4.234  1.00 39.52 ? 97  GLU A CG    1 
ATOM   725  C  CD    . GLU A 1 97  ? 2.546   9.709   -3.042  1.00 40.59 ? 97  GLU A CD    1 
ATOM   726  O  OE1   . GLU A 1 97  ? 3.387   8.875   -2.638  1.00 41.33 ? 97  GLU A OE1   1 
ATOM   727  O  OE2   . GLU A 1 97  ? 1.415   9.836   -2.509  1.00 41.13 ? 97  GLU A OE2   1 
ATOM   728  N  N     . VAL A 1 98  ? 7.167   11.356  -5.986  1.00 39.46 ? 98  VAL A N     1 
ATOM   729  C  CA    . VAL A 1 98  ? 8.622   11.523  -5.936  1.00 39.03 ? 98  VAL A CA    1 
ATOM   730  C  C     . VAL A 1 98  ? 9.221   11.904  -7.289  1.00 40.05 ? 98  VAL A C     1 
ATOM   731  O  O     . VAL A 1 98  ? 10.429  11.786  -7.486  1.00 40.94 ? 98  VAL A O     1 
ATOM   732  C  CB    . VAL A 1 98  ? 9.351   10.251  -5.396  1.00 37.25 ? 98  VAL A CB    1 
ATOM   733  C  CG1   . VAL A 1 98  ? 9.146   10.136  -3.897  1.00 38.10 ? 98  VAL A CG1   1 
ATOM   734  C  CG2   . VAL A 1 98  ? 8.838   9.005   -6.080  1.00 37.14 ? 98  VAL A CG2   1 
ATOM   735  N  N     . GLY A 1 99  ? 8.368   12.359  -8.207  1.00 40.57 ? 99  GLY A N     1 
ATOM   736  C  CA    . GLY A 1 99  ? 8.807   12.776  -9.531  1.00 40.11 ? 99  GLY A CA    1 
ATOM   737  C  C     . GLY A 1 99  ? 9.716   11.811  -10.264 1.00 40.89 ? 99  GLY A C     1 
ATOM   738  O  O     . GLY A 1 99  ? 10.731  12.218  -10.838 1.00 41.03 ? 99  GLY A O     1 
ATOM   739  N  N     . LEU A 1 100 ? 9.357   10.533  -10.258 1.00 41.44 ? 100 LEU A N     1 
ATOM   740  C  CA    . LEU A 1 100 ? 10.163  9.520   -10.923 1.00 41.57 ? 100 LEU A CA    1 
ATOM   741  C  C     . LEU A 1 100 ? 9.384   8.727   -11.969 1.00 42.60 ? 100 LEU A C     1 
ATOM   742  O  O     . LEU A 1 100 ? 8.152   8.659   -11.935 1.00 41.00 ? 100 LEU A O     1 
ATOM   743  C  CB    . LEU A 1 100 ? 10.746  8.548   -9.888  1.00 41.36 ? 100 LEU A CB    1 
ATOM   744  C  CG    . LEU A 1 100 ? 11.830  9.053   -8.931  1.00 40.49 ? 100 LEU A CG    1 
ATOM   745  C  CD1   . LEU A 1 100 ? 12.086  8.044   -7.824  1.00 38.27 ? 100 LEU A CD1   1 
ATOM   746  C  CD2   . LEU A 1 100 ? 13.101  9.300   -9.721  1.00 40.21 ? 100 LEU A CD2   1 
ATOM   747  N  N     . GLN A 1 101 ? 10.135  8.128   -12.892 1.00 44.11 ? 101 GLN A N     1 
ATOM   748  C  CA    . GLN A 1 101 ? 9.599   7.299   -13.967 1.00 44.98 ? 101 GLN A CA    1 
ATOM   749  C  C     . GLN A 1 101 ? 10.526  6.082   -14.066 1.00 44.62 ? 101 GLN A C     1 
ATOM   750  O  O     . GLN A 1 101 ? 11.742  6.230   -14.016 1.00 45.55 ? 101 GLN A O     1 
ATOM   751  C  CB    . GLN A 1 101 ? 9.603   8.090   -15.277 1.00 46.72 ? 101 GLN A CB    1 
ATOM   752  C  CG    . GLN A 1 101 ? 8.326   7.958   -16.086 1.00 52.89 ? 101 GLN A CG    1 
ATOM   753  C  CD    . GLN A 1 101 ? 8.090   9.139   -17.014 1.00 55.91 ? 101 GLN A CD    1 
ATOM   754  O  OE1   . GLN A 1 101 ? 8.899   9.412   -17.908 1.00 60.30 ? 101 GLN A OE1   1 
ATOM   755  N  NE2   . GLN A 1 101 ? 6.978   9.846   -16.807 1.00 55.26 ? 101 GLN A NE2   1 
ATOM   756  N  N     . ALA A 1 102 ? 9.962   4.883   -14.185 1.00 44.28 ? 102 ALA A N     1 
ATOM   757  C  CA    . ALA A 1 102 ? 10.780  3.674   -14.271 1.00 42.77 ? 102 ALA A CA    1 
ATOM   758  C  C     . ALA A 1 102 ? 10.499  2.865   -15.527 1.00 43.16 ? 102 ALA A C     1 
ATOM   759  O  O     . ALA A 1 102 ? 9.354   2.728   -15.953 1.00 41.65 ? 102 ALA A O     1 
ATOM   760  C  CB    . ALA A 1 102 ? 10.560  2.804   -13.036 1.00 41.63 ? 102 ALA A CB    1 
ATOM   761  N  N     . SER A 1 103 ? 11.560  2.320   -16.112 1.00 44.75 ? 103 SER A N     1 
ATOM   762  C  CA    . SER A 1 103 ? 11.440  1.518   -17.320 1.00 45.94 ? 103 SER A CA    1 
ATOM   763  C  C     . SER A 1 103 ? 11.166  0.042   -17.004 1.00 47.00 ? 103 SER A C     1 
ATOM   764  O  O     . SER A 1 103 ? 10.826  -0.737  -17.898 1.00 48.79 ? 103 SER A O     1 
ATOM   765  C  CB    . SER A 1 103 ? 12.716  1.647   -18.170 1.00 45.37 ? 103 SER A CB    1 
ATOM   766  O  OG    . SER A 1 103 ? 13.847  1.094   -17.516 1.00 45.44 ? 103 SER A OG    1 
ATOM   767  N  N     . THR A 1 104 ? 11.299  -0.341  -15.736 1.00 46.08 ? 104 THR A N     1 
ATOM   768  C  CA    . THR A 1 104 ? 11.064  -1.727  -15.342 1.00 44.81 ? 104 THR A CA    1 
ATOM   769  C  C     . THR A 1 104 ? 10.184  -1.815  -14.093 1.00 44.79 ? 104 THR A C     1 
ATOM   770  O  O     . THR A 1 104 ? 10.417  -1.106  -13.115 1.00 45.50 ? 104 THR A O     1 
ATOM   771  C  CB    . THR A 1 104 ? 12.391  -2.448  -15.062 1.00 44.71 ? 104 THR A CB    1 
ATOM   772  O  OG1   . THR A 1 104 ? 13.274  -2.279  -16.177 1.00 44.09 ? 104 THR A OG1   1 
ATOM   773  C  CG2   . THR A 1 104 ? 12.148  -3.934  -14.840 1.00 44.53 ? 104 THR A CG2   1 
ATOM   774  N  N     . TRP A 1 105 ? 9.175   -2.685  -14.135 1.00 43.45 ? 105 TRP A N     1 
ATOM   775  C  CA    . TRP A 1 105 ? 8.268   -2.864  -13.007 1.00 41.76 ? 105 TRP A CA    1 
ATOM   776  C  C     . TRP A 1 105 ? 8.000   -4.327  -12.699 1.00 41.43 ? 105 TRP A C     1 
ATOM   777  O  O     . TRP A 1 105 ? 7.598   -5.089  -13.579 1.00 41.72 ? 105 TRP A O     1 
ATOM   778  C  CB    . TRP A 1 105 ? 6.931   -2.179  -13.273 1.00 41.42 ? 105 TRP A CB    1 
ATOM   779  C  CG    . TRP A 1 105 ? 7.001   -0.695  -13.273 1.00 42.54 ? 105 TRP A CG    1 
ATOM   780  C  CD1   . TRP A 1 105 ? 7.534   0.099   -14.247 1.00 42.09 ? 105 TRP A CD1   1 
ATOM   781  C  CD2   . TRP A 1 105 ? 6.544   0.188   -12.235 1.00 42.04 ? 105 TRP A CD2   1 
ATOM   782  N  NE1   . TRP A 1 105 ? 7.440   1.422   -13.880 1.00 42.34 ? 105 TRP A NE1   1 
ATOM   783  C  CE2   . TRP A 1 105 ? 6.837   1.505   -12.650 1.00 42.05 ? 105 TRP A CE2   1 
ATOM   784  C  CE3   . TRP A 1 105 ? 5.918   -0.006  -10.994 1.00 40.43 ? 105 TRP A CE3   1 
ATOM   785  C  CZ2   . TRP A 1 105 ? 6.524   2.626   -11.868 1.00 40.66 ? 105 TRP A CZ2   1 
ATOM   786  C  CZ3   . TRP A 1 105 ? 5.606   1.111   -10.219 1.00 39.03 ? 105 TRP A CZ3   1 
ATOM   787  C  CH2   . TRP A 1 105 ? 5.910   2.407   -10.661 1.00 39.84 ? 105 TRP A CH2   1 
ATOM   788  N  N     . GLN A 1 106 ? 8.221   -4.711  -11.442 1.00 39.93 ? 106 GLN A N     1 
ATOM   789  C  CA    . GLN A 1 106 ? 7.976   -6.081  -10.989 1.00 37.63 ? 106 GLN A CA    1 
ATOM   790  C  C     . GLN A 1 106 ? 7.229   -6.020  -9.657  1.00 35.95 ? 106 GLN A C     1 
ATOM   791  O  O     . GLN A 1 106 ? 7.182   -4.975  -9.007  1.00 35.35 ? 106 GLN A O     1 
ATOM   792  C  CB    . GLN A 1 106 ? 9.289   -6.828  -10.785 1.00 38.11 ? 106 GLN A CB    1 
ATOM   793  C  CG    . GLN A 1 106 ? 10.345  -6.498  -11.800 1.00 38.45 ? 106 GLN A CG    1 
ATOM   794  C  CD    . GLN A 1 106 ? 11.637  -7.196  -11.499 1.00 37.77 ? 106 GLN A CD    1 
ATOM   795  O  OE1   . GLN A 1 106 ? 11.741  -8.409  -11.640 1.00 37.60 ? 106 GLN A OE1   1 
ATOM   796  N  NE2   . GLN A 1 106 ? 12.634  -6.435  -11.068 1.00 38.32 ? 106 GLN A NE2   1 
ATOM   797  N  N     . VAL A 1 107 ? 6.646   -7.142  -9.255  1.00 33.95 ? 107 VAL A N     1 
ATOM   798  C  CA    . VAL A 1 107 ? 5.911   -7.213  -8.001  1.00 32.73 ? 107 VAL A CA    1 
ATOM   799  C  C     . VAL A 1 107 ? 6.856   -7.579  -6.862  1.00 33.21 ? 107 VAL A C     1 
ATOM   800  O  O     . VAL A 1 107 ? 7.573   -8.574  -6.932  1.00 33.31 ? 107 VAL A O     1 
ATOM   801  C  CB    . VAL A 1 107 ? 4.777   -8.248  -8.101  1.00 31.31 ? 107 VAL A CB    1 
ATOM   802  C  CG1   . VAL A 1 107 ? 4.305   -8.650  -6.727  1.00 29.01 ? 107 VAL A CG1   1 
ATOM   803  C  CG2   . VAL A 1 107 ? 3.630   -7.657  -8.904  1.00 28.66 ? 107 VAL A CG2   1 
ATOM   804  N  N     . LEU A 1 108 ? 6.859   -6.760  -5.814  1.00 33.03 ? 108 LEU A N     1 
ATOM   805  C  CA    . LEU A 1 108 ? 7.731   -6.998  -4.671  1.00 31.62 ? 108 LEU A CA    1 
ATOM   806  C  C     . LEU A 1 108 ? 7.056   -7.815  -3.579  1.00 31.38 ? 108 LEU A C     1 
ATOM   807  O  O     . LEU A 1 108 ? 7.491   -8.925  -3.261  1.00 31.48 ? 108 LEU A O     1 
ATOM   808  C  CB    . LEU A 1 108 ? 8.202   -5.668  -4.078  1.00 30.24 ? 108 LEU A CB    1 
ATOM   809  C  CG    . LEU A 1 108 ? 9.157   -5.816  -2.886  1.00 29.59 ? 108 LEU A CG    1 
ATOM   810  C  CD1   . LEU A 1 108 ? 10.410  -6.574  -3.326  1.00 27.40 ? 108 LEU A CD1   1 
ATOM   811  C  CD2   . LEU A 1 108 ? 9.518   -4.440  -2.340  1.00 29.09 ? 108 LEU A CD2   1 
ATOM   812  N  N     . VAL A 1 109 ? 5.997   -7.251  -3.005  1.00 30.51 ? 109 VAL A N     1 
ATOM   813  C  CA    . VAL A 1 109 ? 5.260   -7.903  -1.933  1.00 28.60 ? 109 VAL A CA    1 
ATOM   814  C  C     . VAL A 1 109 ? 3.833   -7.361  -1.829  1.00 29.02 ? 109 VAL A C     1 
ATOM   815  O  O     . VAL A 1 109 ? 3.587   -6.187  -2.084  1.00 29.86 ? 109 VAL A O     1 
ATOM   816  C  CB    . VAL A 1 109 ? 5.975   -7.684  -0.561  1.00 28.20 ? 109 VAL A CB    1 
ATOM   817  C  CG1   . VAL A 1 109 ? 6.026   -6.199  -0.215  1.00 24.82 ? 109 VAL A CG1   1 
ATOM   818  C  CG2   . VAL A 1 109 ? 5.259   -8.455  0.541   1.00 26.95 ? 109 VAL A CG2   1 
ATOM   819  N  N     . ASP A 1 110 ? 2.892   -8.230  -1.478  1.00 29.99 ? 110 ASP A N     1 
ATOM   820  C  CA    . ASP A 1 110 ? 1.506   -7.816  -1.274  1.00 29.37 ? 110 ASP A CA    1 
ATOM   821  C  C     . ASP A 1 110 ? 1.266   -7.985  0.216   1.00 29.39 ? 110 ASP A C     1 
ATOM   822  O  O     . ASP A 1 110 ? 1.743   -8.952  0.819   1.00 29.92 ? 110 ASP A O     1 
ATOM   823  C  CB    . ASP A 1 110 ? 0.503   -8.719  -2.003  1.00 28.66 ? 110 ASP A CB    1 
ATOM   824  C  CG    . ASP A 1 110 ? 0.646   -8.678  -3.508  1.00 28.46 ? 110 ASP A CG    1 
ATOM   825  O  OD1   . ASP A 1 110 ? 0.982   -7.609  -4.068  1.00 27.72 ? 110 ASP A OD1   1 
ATOM   826  O  OD2   . ASP A 1 110 ? 0.396   -9.730  -4.129  1.00 27.74 ? 110 ASP A OD2   1 
ATOM   827  N  N     . LEU A 1 111 ? 0.541   -7.055  0.823   1.00 28.62 ? 111 LEU A N     1 
ATOM   828  C  CA    . LEU A 1 111 ? 0.257   -7.189  2.240   1.00 27.63 ? 111 LEU A CA    1 
ATOM   829  C  C     . LEU A 1 111 ? -1.182  -6.863  2.555   1.00 27.39 ? 111 LEU A C     1 
ATOM   830  O  O     . LEU A 1 111 ? -1.785  -5.994  1.927   1.00 28.46 ? 111 LEU A O     1 
ATOM   831  C  CB    . LEU A 1 111 ? 1.171   -6.290  3.082   1.00 26.91 ? 111 LEU A CB    1 
ATOM   832  C  CG    . LEU A 1 111 ? 1.045   -4.769  2.969   1.00 27.08 ? 111 LEU A CG    1 
ATOM   833  C  CD1   . LEU A 1 111 ? 1.486   -4.140  4.274   1.00 26.07 ? 111 LEU A CD1   1 
ATOM   834  C  CD2   . LEU A 1 111 ? 1.877   -4.248  1.798   1.00 27.21 ? 111 LEU A CD2   1 
ATOM   835  N  N     . ASP A 1 112 ? -1.739  -7.599  3.509   1.00 27.10 ? 112 ASP A N     1 
ATOM   836  C  CA    . ASP A 1 112 ? -3.091  -7.359  3.963   1.00 26.02 ? 112 ASP A CA    1 
ATOM   837  C  C     . ASP A 1 112 ? -2.823  -6.628  5.256   1.00 26.28 ? 112 ASP A C     1 
ATOM   838  O  O     . ASP A 1 112 ? -2.370  -7.214  6.238   1.00 26.02 ? 112 ASP A O     1 
ATOM   839  C  CB    . ASP A 1 112 ? -3.832  -8.671  4.179   1.00 26.06 ? 112 ASP A CB    1 
ATOM   840  C  CG    . ASP A 1 112 ? -4.139  -9.391  2.860   1.00 27.42 ? 112 ASP A CG    1 
ATOM   841  O  OD1   . ASP A 1 112 ? -4.152  -8.724  1.794   1.00 26.32 ? 112 ASP A OD1   1 
ATOM   842  O  OD2   . ASP A 1 112 ? -4.380  -10.620 2.893   1.00 26.62 ? 112 ASP A OD2   1 
ATOM   843  N  N     . THR A 1 113 ? -3.069  -5.322  5.211   1.00 27.19 ? 113 THR A N     1 
ATOM   844  C  CA    . THR A 1 113 ? -2.820  -4.386  6.303   1.00 27.18 ? 113 THR A CA    1 
ATOM   845  C  C     . THR A 1 113 ? -3.394  -4.688  7.695   1.00 28.51 ? 113 THR A C     1 
ATOM   846  O  O     . THR A 1 113 ? -2.631  -4.876  8.645   1.00 27.76 ? 113 THR A O     1 
ATOM   847  C  CB    . THR A 1 113 ? -3.243  -2.991  5.855   1.00 25.54 ? 113 THR A CB    1 
ATOM   848  O  OG1   . THR A 1 113 ? -4.595  -3.040  5.387   1.00 27.44 ? 113 THR A OG1   1 
ATOM   849  C  CG2   . THR A 1 113 ? -2.352  -2.517  4.714   1.00 24.11 ? 113 THR A CG2   1 
ATOM   850  N  N     . ALA A 1 114 ? -4.719  -4.710  7.829   1.00 29.78 ? 114 ALA A N     1 
ATOM   851  C  CA    . ALA A 1 114 ? -5.363  -5.011  9.116   1.00 30.17 ? 114 ALA A CA    1 
ATOM   852  C  C     . ALA A 1 114 ? -6.455  -6.064  8.886   1.00 30.82 ? 114 ALA A C     1 
ATOM   853  O  O     . ALA A 1 114 ? -7.645  -5.735  8.813   1.00 31.68 ? 114 ALA A O     1 
ATOM   854  C  CB    . ALA A 1 114 ? -5.962  -3.745  9.713   1.00 27.53 ? 114 ALA A CB    1 
ATOM   855  N  N     . PRO A 1 115 ? -6.056  -7.347  8.768   1.00 30.11 ? 115 PRO A N     1 
ATOM   856  C  CA    . PRO A 1 115 ? -6.973  -8.470  8.535   1.00 30.41 ? 115 PRO A CA    1 
ATOM   857  C  C     . PRO A 1 115 ? -8.110  -8.556  9.543   1.00 31.03 ? 115 PRO A C     1 
ATOM   858  O  O     . PRO A 1 115 ? -9.203  -9.009  9.220   1.00 33.08 ? 115 PRO A O     1 
ATOM   859  C  CB    . PRO A 1 115 ? -6.053  -9.695  8.603   1.00 29.66 ? 115 PRO A CB    1 
ATOM   860  C  CG    . PRO A 1 115 ? -4.725  -9.153  8.186   1.00 29.02 ? 115 PRO A CG    1 
ATOM   861  C  CD    . PRO A 1 115 ? -4.672  -7.832  8.910   1.00 29.08 ? 115 PRO A CD    1 
ATOM   862  N  N     . GLY A 1 116 ? -7.847  -8.120  10.764  1.00 31.81 ? 116 GLY A N     1 
ATOM   863  C  CA    . GLY A 1 116 ? -8.865  -8.182  11.788  1.00 31.42 ? 116 GLY A CA    1 
ATOM   864  C  C     . GLY A 1 116 ? -10.152 -7.423  11.527  1.00 32.03 ? 116 GLY A C     1 
ATOM   865  O  O     . GLY A 1 116 ? -11.216 -7.864  11.969  1.00 33.39 ? 116 GLY A O     1 
ATOM   866  N  N     . PHE A 1 117 ? -10.091 -6.302  10.811  1.00 30.57 ? 117 PHE A N     1 
ATOM   867  C  CA    . PHE A 1 117 ? -11.310 -5.528  10.587  1.00 30.48 ? 117 PHE A CA    1 
ATOM   868  C  C     . PHE A 1 117 ? -11.479 -4.811  9.237   1.00 30.94 ? 117 PHE A C     1 
ATOM   869  O  O     . PHE A 1 117 ? -12.438 -4.047  9.061   1.00 30.55 ? 117 PHE A O     1 
ATOM   870  C  CB    . PHE A 1 117 ? -11.442 -4.489  11.694  1.00 28.39 ? 117 PHE A CB    1 
ATOM   871  C  CG    . PHE A 1 117 ? -10.323 -3.494  11.706  1.00 28.91 ? 117 PHE A CG    1 
ATOM   872  C  CD1   . PHE A 1 117 ? -9.120  -3.789  12.334  1.00 27.97 ? 117 PHE A CD1   1 
ATOM   873  C  CD2   . PHE A 1 117 ? -10.462 -2.263  11.060  1.00 29.58 ? 117 PHE A CD2   1 
ATOM   874  C  CE1   . PHE A 1 117 ? -8.070  -2.875  12.323  1.00 27.07 ? 117 PHE A CE1   1 
ATOM   875  C  CE2   . PHE A 1 117 ? -9.419  -1.340  11.042  1.00 27.82 ? 117 PHE A CE2   1 
ATOM   876  C  CZ    . PHE A 1 117 ? -8.220  -1.646  11.676  1.00 27.51 ? 117 PHE A CZ    1 
ATOM   877  N  N     . SER A 1 118 ? -10.569 -5.039  8.296   1.00 30.50 ? 118 SER A N     1 
ATOM   878  C  CA    . SER A 1 118 ? -10.655 -4.374  6.997   1.00 30.27 ? 118 SER A CA    1 
ATOM   879  C  C     . SER A 1 118 ? -10.208 -5.284  5.863   1.00 30.72 ? 118 SER A C     1 
ATOM   880  O  O     . SER A 1 118 ? -9.370  -6.164  6.060   1.00 30.77 ? 118 SER A O     1 
ATOM   881  C  CB    . SER A 1 118 ? -9.800  -3.092  7.009   1.00 29.07 ? 118 SER A CB    1 
ATOM   882  O  OG    . SER A 1 118 ? -9.879  -2.369  5.790   1.00 24.16 ? 118 SER A OG    1 
ATOM   883  N  N     . ASP A 1 119 ? -10.774 -5.066  4.675   1.00 31.30 ? 119 ASP A N     1 
ATOM   884  C  CA    . ASP A 1 119 ? -10.422 -5.863  3.501   1.00 30.76 ? 119 ASP A CA    1 
ATOM   885  C  C     . ASP A 1 119 ? -9.311  -5.201  2.690   1.00 29.64 ? 119 ASP A C     1 
ATOM   886  O  O     . ASP A 1 119 ? -8.915  -5.704  1.639   1.00 29.36 ? 119 ASP A O     1 
ATOM   887  C  CB    . ASP A 1 119 ? -11.643 -6.097  2.591   1.00 31.55 ? 119 ASP A CB    1 
ATOM   888  C  CG    . ASP A 1 119 ? -12.209 -4.806  1.997   1.00 32.29 ? 119 ASP A CG    1 
ATOM   889  O  OD1   . ASP A 1 119 ? -11.476 -3.799  1.906   1.00 32.36 ? 119 ASP A OD1   1 
ATOM   890  O  OD2   . ASP A 1 119 ? -13.396 -4.804  1.601   1.00 34.20 ? 119 ASP A OD2   1 
ATOM   891  N  N     . GLU A 1 120 ? -8.804  -4.071  3.168   1.00 28.57 ? 120 GLU A N     1 
ATOM   892  C  CA    . GLU A 1 120 ? -7.744  -3.407  2.433   1.00 28.09 ? 120 GLU A CA    1 
ATOM   893  C  C     . GLU A 1 120 ? -6.558  -4.342  2.241   1.00 27.76 ? 120 GLU A C     1 
ATOM   894  O  O     . GLU A 1 120 ? -6.161  -5.072  3.153   1.00 27.25 ? 120 GLU A O     1 
ATOM   895  C  CB    . GLU A 1 120 ? -7.269  -2.148  3.154   1.00 25.37 ? 120 GLU A CB    1 
ATOM   896  C  CG    . GLU A 1 120 ? -6.091  -1.493  2.462   1.00 26.05 ? 120 GLU A CG    1 
ATOM   897  C  CD    . GLU A 1 120 ? -5.435  -0.412  3.303   1.00 30.14 ? 120 GLU A CD    1 
ATOM   898  O  OE1   . GLU A 1 120 ? -5.160  -0.667  4.495   1.00 31.02 ? 120 GLU A OE1   1 
ATOM   899  O  OE2   . GLU A 1 120 ? -5.178  0.694   2.778   1.00 33.16 ? 120 GLU A OE2   1 
ATOM   900  N  N     . SER A 1 121 ? -6.013  -4.315  1.032   1.00 27.68 ? 121 SER A N     1 
ATOM   901  C  CA    . SER A 1 121 ? -4.845  -5.096  0.663   1.00 26.18 ? 121 SER A CA    1 
ATOM   902  C  C     . SER A 1 121 ? -4.003  -4.106  -0.134  1.00 26.95 ? 121 SER A C     1 
ATOM   903  O  O     . SER A 1 121 ? -4.555  -3.232  -0.819  1.00 27.90 ? 121 SER A O     1 
ATOM   904  C  CB    . SER A 1 121 ? -5.243  -6.277  -0.213  1.00 26.06 ? 121 SER A CB    1 
ATOM   905  O  OG    . SER A 1 121 ? -4.153  -7.162  -0.379  1.00 26.26 ? 121 SER A OG    1 
ATOM   906  N  N     . VAL A 1 122 ? -2.682  -4.221  -0.039  1.00 25.65 ? 122 VAL A N     1 
ATOM   907  C  CA    . VAL A 1 122 ? -1.790  -3.307  -0.739  1.00 23.49 ? 122 VAL A CA    1 
ATOM   908  C  C     . VAL A 1 122 ? -0.696  -4.051  -1.502  1.00 23.14 ? 122 VAL A C     1 
ATOM   909  O  O     . VAL A 1 122 ? -0.027  -4.931  -0.964  1.00 23.27 ? 122 VAL A O     1 
ATOM   910  C  CB    . VAL A 1 122 ? -1.132  -2.313  0.262   1.00 24.08 ? 122 VAL A CB    1 
ATOM   911  C  CG1   . VAL A 1 122 ? -0.196  -1.380  -0.467  1.00 22.83 ? 122 VAL A CG1   1 
ATOM   912  C  CG2   . VAL A 1 122 ? -2.203  -1.512  0.998   1.00 23.53 ? 122 VAL A CG2   1 
ATOM   913  N  N     . ARG A 1 123 ? -0.523  -3.703  -2.770  1.00 23.49 ? 123 ARG A N     1 
ATOM   914  C  CA    . ARG A 1 123 ? 0.501   -4.333  -3.581  1.00 23.33 ? 123 ARG A CA    1 
ATOM   915  C  C     . ARG A 1 123 ? 1.681   -3.380  -3.699  1.00 24.15 ? 123 ARG A C     1 
ATOM   916  O  O     . ARG A 1 123 ? 1.524   -2.225  -4.103  1.00 23.63 ? 123 ARG A O     1 
ATOM   917  C  CB    . ARG A 1 123 ? -0.044  -4.684  -4.967  1.00 23.94 ? 123 ARG A CB    1 
ATOM   918  C  CG    . ARG A 1 123 ? 1.050   -4.940  -5.998  1.00 26.50 ? 123 ARG A CG    1 
ATOM   919  C  CD    . ARG A 1 123 ? 0.609   -5.866  -7.105  1.00 26.17 ? 123 ARG A CD    1 
ATOM   920  N  NE    . ARG A 1 123 ? 0.611   -7.257  -6.665  1.00 29.29 ? 123 ARG A NE    1 
ATOM   921  C  CZ    . ARG A 1 123 ? 0.353   -8.294  -7.458  1.00 29.97 ? 123 ARG A CZ    1 
ATOM   922  N  NH1   . ARG A 1 123 ? 0.068   -8.097  -8.741  1.00 29.91 ? 123 ARG A NH1   1 
ATOM   923  N  NH2   . ARG A 1 123 ? 0.394   -9.530  -6.972  1.00 28.83 ? 123 ARG A NH2   1 
ATOM   924  N  N     . VAL A 1 124 ? 2.863   -3.863  -3.325  1.00 24.34 ? 124 VAL A N     1 
ATOM   925  C  CA    . VAL A 1 124 ? 4.069   -3.054  -3.384  1.00 25.33 ? 124 VAL A CA    1 
ATOM   926  C  C     . VAL A 1 124 ? 4.908   -3.474  -4.570  1.00 26.83 ? 124 VAL A C     1 
ATOM   927  O  O     . VAL A 1 124 ? 5.286   -4.634  -4.694  1.00 29.41 ? 124 VAL A O     1 
ATOM   928  C  CB    . VAL A 1 124 ? 4.919   -3.202  -2.099  1.00 23.18 ? 124 VAL A CB    1 
ATOM   929  C  CG1   . VAL A 1 124 ? 6.138   -2.303  -2.175  1.00 21.30 ? 124 VAL A CG1   1 
ATOM   930  C  CG2   . VAL A 1 124 ? 4.086   -2.850  -0.894  1.00 21.69 ? 124 VAL A CG2   1 
ATOM   931  N  N     . TYR A 1 125 ? 5.195   -2.525  -5.448  1.00 29.70 ? 125 TYR A N     1 
ATOM   932  C  CA    . TYR A 1 125 ? 6.005   -2.818  -6.620  1.00 31.92 ? 125 TYR A CA    1 
ATOM   933  C  C     . TYR A 1 125 ? 7.444   -2.392  -6.403  1.00 32.50 ? 125 TYR A C     1 
ATOM   934  O  O     . TYR A 1 125 ? 7.736   -1.543  -5.563  1.00 32.55 ? 125 TYR A O     1 
ATOM   935  C  CB    . TYR A 1 125 ? 5.489   -2.072  -7.855  1.00 32.38 ? 125 TYR A CB    1 
ATOM   936  C  CG    . TYR A 1 125 ? 4.102   -2.451  -8.313  1.00 34.16 ? 125 TYR A CG    1 
ATOM   937  C  CD1   . TYR A 1 125 ? 2.970   -1.782  -7.831  1.00 35.63 ? 125 TYR A CD1   1 
ATOM   938  C  CD2   . TYR A 1 125 ? 3.919   -3.466  -9.247  1.00 34.38 ? 125 TYR A CD2   1 
ATOM   939  C  CE1   . TYR A 1 125 ? 1.687   -2.123  -8.280  1.00 35.50 ? 125 TYR A CE1   1 
ATOM   940  C  CE2   . TYR A 1 125 ? 2.651   -3.811  -9.695  1.00 35.19 ? 125 TYR A CE2   1 
ATOM   941  C  CZ    . TYR A 1 125 ? 1.544   -3.141  -9.214  1.00 33.99 ? 125 TYR A CZ    1 
ATOM   942  O  OH    . TYR A 1 125 ? 0.302   -3.495  -9.684  1.00 36.17 ? 125 TYR A OH    1 
ATOM   943  N  N     . LEU A 1 126 ? 8.334   -3.004  -7.171  1.00 33.42 ? 126 LEU A N     1 
ATOM   944  C  CA    . LEU A 1 126 ? 9.741   -2.664  -7.151  1.00 34.50 ? 126 LEU A CA    1 
ATOM   945  C  C     . LEU A 1 126 ? 9.962   -2.042  -8.532  1.00 36.29 ? 126 LEU A C     1 
ATOM   946  O  O     . LEU A 1 126 ? 9.830   -2.725  -9.552  1.00 36.98 ? 126 LEU A O     1 
ATOM   947  C  CB    . LEU A 1 126 ? 10.613  -3.916  -7.004  1.00 33.13 ? 126 LEU A CB    1 
ATOM   948  C  CG    . LEU A 1 126 ? 12.090  -3.688  -7.379  1.00 34.75 ? 126 LEU A CG    1 
ATOM   949  C  CD1   . LEU A 1 126 ? 12.742  -2.761  -6.363  1.00 35.56 ? 126 LEU A CD1   1 
ATOM   950  C  CD2   . LEU A 1 126 ? 12.843  -5.007  -7.436  1.00 33.43 ? 126 LEU A CD2   1 
ATOM   951  N  N     . ALA A 1 127 ? 10.266  -0.749  -8.576  1.00 36.88 ? 127 ALA A N     1 
ATOM   952  C  CA    . ALA A 1 127 ? 10.504  -0.081  -9.853  1.00 37.71 ? 127 ALA A CA    1 
ATOM   953  C  C     . ALA A 1 127 ? 11.997  0.210   -10.044 1.00 39.59 ? 127 ALA A C     1 
ATOM   954  O  O     . ALA A 1 127 ? 12.641  0.768   -9.153  1.00 39.74 ? 127 ALA A O     1 
ATOM   955  C  CB    . ALA A 1 127 ? 9.699   1.210   -9.923  1.00 36.89 ? 127 ALA A CB    1 
ATOM   956  N  N     . THR A 1 128 ? 12.538  -0.175  -11.202 1.00 40.74 ? 128 THR A N     1 
ATOM   957  C  CA    . THR A 1 128 ? 13.954  0.039   -11.519 1.00 40.98 ? 128 THR A CA    1 
ATOM   958  C  C     . THR A 1 128 ? 14.146  0.775   -12.850 1.00 41.92 ? 128 THR A C     1 
ATOM   959  O  O     . THR A 1 128 ? 13.185  0.990   -13.588 1.00 41.71 ? 128 THR A O     1 
ATOM   960  C  CB    . THR A 1 128 ? 14.725  -1.297  -11.564 1.00 40.99 ? 128 THR A CB    1 
ATOM   961  O  OG1   . THR A 1 128 ? 14.086  -2.193  -12.484 1.00 41.45 ? 128 THR A OG1   1 
ATOM   962  C  CG2   . THR A 1 128 ? 14.767  -1.931  -10.176 1.00 39.72 ? 128 THR A CG2   1 
ATOM   963  N  N     . GLY A 1 129 ? 15.388  1.156   -13.155 1.00 42.23 ? 129 GLY A N     1 
ATOM   964  C  CA    . GLY A 1 129 ? 15.658  1.894   -14.384 1.00 43.06 ? 129 GLY A CA    1 
ATOM   965  C  C     . GLY A 1 129 ? 14.965  3.239   -14.273 1.00 43.24 ? 129 GLY A C     1 
ATOM   966  O  O     . GLY A 1 129 ? 14.183  3.638   -15.136 1.00 43.47 ? 129 GLY A O     1 
ATOM   967  N  N     . LEU A 1 130 ? 15.280  3.944   -13.193 1.00 44.68 ? 130 LEU A N     1 
ATOM   968  C  CA    . LEU A 1 130 ? 14.671  5.225   -12.875 1.00 45.08 ? 130 LEU A CA    1 
ATOM   969  C  C     . LEU A 1 130 ? 15.090  6.422   -13.711 1.00 46.60 ? 130 LEU A C     1 
ATOM   970  O  O     . LEU A 1 130 ? 16.225  6.534   -14.158 1.00 47.05 ? 130 LEU A O     1 
ATOM   971  C  CB    . LEU A 1 130 ? 14.883  5.521   -11.386 1.00 44.63 ? 130 LEU A CB    1 
ATOM   972  C  CG    . LEU A 1 130 ? 14.577  4.356   -10.426 1.00 43.63 ? 130 LEU A CG    1 
ATOM   973  C  CD1   . LEU A 1 130 ? 14.699  4.821   -8.973  1.00 42.40 ? 130 LEU A CD1   1 
ATOM   974  C  CD2   . LEU A 1 130 ? 13.180  3.820   -10.703 1.00 41.34 ? 130 LEU A CD2   1 
ATOM   975  N  N     . ARG A 1 131 ? 14.136  7.322   -13.901 1.00 48.73 ? 131 ARG A N     1 
ATOM   976  C  CA    . ARG A 1 131 ? 14.330  8.530   -14.681 1.00 51.51 ? 131 ARG A CA    1 
ATOM   977  C  C     . ARG A 1 131 ? 13.673  9.644   -13.887 1.00 52.21 ? 131 ARG A C     1 
ATOM   978  O  O     . ARG A 1 131 ? 12.581  9.465   -13.358 1.00 52.53 ? 131 ARG A O     1 
ATOM   979  C  CB    . ARG A 1 131 ? 13.629  8.397   -16.037 1.00 54.11 ? 131 ARG A CB    1 
ATOM   980  C  CG    . ARG A 1 131 ? 13.924  9.519   -17.011 1.00 57.99 ? 131 ARG A CG    1 
ATOM   981  C  CD    . ARG A 1 131 ? 15.137  9.179   -17.866 1.00 60.85 ? 131 ARG A CD    1 
ATOM   982  N  NE    . ARG A 1 131 ? 15.765  10.371  -18.433 1.00 62.90 ? 131 ARG A NE    1 
ATOM   983  C  CZ    . ARG A 1 131 ? 16.859  10.344  -19.187 1.00 63.49 ? 131 ARG A CZ    1 
ATOM   984  N  NH1   . ARG A 1 131 ? 17.440  9.183   -19.472 1.00 64.03 ? 131 ARG A NH1   1 
ATOM   985  N  NH2   . ARG A 1 131 ? 17.388  11.477  -19.630 1.00 63.69 ? 131 ARG A NH2   1 
ATOM   986  N  N     . GLU A 1 132 ? 14.329  10.790  -13.791 1.00 53.51 ? 132 GLU A N     1 
ATOM   987  C  CA    . GLU A 1 132 ? 13.756  11.903  -13.059 1.00 55.28 ? 132 GLU A CA    1 
ATOM   988  C  C     . GLU A 1 132 ? 12.947  12.749  -14.020 1.00 56.24 ? 132 GLU A C     1 
ATOM   989  O  O     . GLU A 1 132 ? 13.474  13.281  -14.994 1.00 57.26 ? 132 GLU A O     1 
ATOM   990  C  CB    . GLU A 1 132 ? 14.865  12.719  -12.415 1.00 57.53 ? 132 GLU A CB    1 
ATOM   991  C  CG    . GLU A 1 132 ? 15.701  11.882  -11.461 1.00 61.73 ? 132 GLU A CG    1 
ATOM   992  C  CD    . GLU A 1 132 ? 16.743  12.695  -10.726 1.00 63.75 ? 132 GLU A CD    1 
ATOM   993  O  OE1   . GLU A 1 132 ? 17.630  13.256  -11.407 1.00 65.05 ? 132 GLU A OE1   1 
ATOM   994  O  OE2   . GLU A 1 132 ? 16.672  12.766  -9.474  1.00 63.92 ? 132 GLU A OE2   1 
ATOM   995  N  N     . VAL A 1 133 ? 11.653  12.853  -13.747 1.00 57.05 ? 133 VAL A N     1 
ATOM   996  C  CA    . VAL A 1 133 ? 10.740  13.608  -14.592 1.00 57.39 ? 133 VAL A CA    1 
ATOM   997  C  C     . VAL A 1 133 ? 10.013  14.631  -13.730 1.00 59.01 ? 133 VAL A C     1 
ATOM   998  O  O     . VAL A 1 133 ? 10.215  14.685  -12.520 1.00 57.86 ? 133 VAL A O     1 
ATOM   999  C  CB    . VAL A 1 133 ? 9.731   12.639  -15.291 1.00 56.20 ? 133 VAL A CB    1 
ATOM   1000 C  CG1   . VAL A 1 133 ? 8.694   13.410  -16.078 1.00 56.26 ? 133 VAL A CG1   1 
ATOM   1001 C  CG2   . VAL A 1 133 ? 10.485  11.700  -16.229 1.00 53.92 ? 133 VAL A CG2   1 
ATOM   1002 N  N     . GLY A 1 134 ? 9.184   15.453  -14.359 1.00 62.39 ? 134 GLY A N     1 
ATOM   1003 C  CA    . GLY A 1 134 ? 8.451   16.473  -13.631 1.00 67.53 ? 134 GLY A CA    1 
ATOM   1004 C  C     . GLY A 1 134 ? 7.455   15.964  -12.602 1.00 70.23 ? 134 GLY A C     1 
ATOM   1005 O  O     . GLY A 1 134 ? 6.939   14.850  -12.713 1.00 71.13 ? 134 GLY A O     1 
ATOM   1006 N  N     . ARG A 1 135 ? 7.182   16.802  -11.603 1.00 72.35 ? 135 ARG A N     1 
ATOM   1007 C  CA    . ARG A 1 135 ? 6.251   16.486  -10.523 1.00 74.77 ? 135 ARG A CA    1 
ATOM   1008 C  C     . ARG A 1 135 ? 5.184   17.593  -10.477 1.00 76.14 ? 135 ARG A C     1 
ATOM   1009 O  O     . ARG A 1 135 ? 5.510   18.778  -10.523 1.00 76.23 ? 135 ARG A O     1 
ATOM   1010 C  CB    . ARG A 1 135 ? 7.030   16.408  -9.202  1.00 75.68 ? 135 ARG A CB    1 
ATOM   1011 C  CG    . ARG A 1 135 ? 6.244   15.948  -7.986  1.00 77.60 ? 135 ARG A CG    1 
ATOM   1012 C  CD    . ARG A 1 135 ? 7.154   15.857  -6.762  1.00 79.69 ? 135 ARG A CD    1 
ATOM   1013 N  NE    . ARG A 1 135 ? 6.417   15.605  -5.520  1.00 83.05 ? 135 ARG A NE    1 
ATOM   1014 C  CZ    . ARG A 1 135 ? 5.550   16.452  -4.965  1.00 83.81 ? 135 ARG A CZ    1 
ATOM   1015 N  NH1   . ARG A 1 135 ? 5.300   17.623  -5.538  1.00 85.21 ? 135 ARG A NH1   1 
ATOM   1016 N  NH2   . ARG A 1 135 ? 4.930   16.131  -3.834  1.00 83.31 ? 135 ARG A NH2   1 
ATOM   1017 N  N     . PRO A 1 136 ? 3.893   17.216  -10.413 1.00 77.89 ? 136 PRO A N     1 
ATOM   1018 C  CA    . PRO A 1 136 ? 2.779   18.177  -10.368 1.00 79.31 ? 136 PRO A CA    1 
ATOM   1019 C  C     . PRO A 1 136 ? 2.667   18.983  -9.073  1.00 81.12 ? 136 PRO A C     1 
ATOM   1020 O  O     . PRO A 1 136 ? 3.468   18.819  -8.148  1.00 81.66 ? 136 PRO A O     1 
ATOM   1021 C  CB    . PRO A 1 136 ? 1.548   17.294  -10.585 1.00 78.66 ? 136 PRO A CB    1 
ATOM   1022 C  CG    . PRO A 1 136 ? 2.089   16.122  -11.362 1.00 78.88 ? 136 PRO A CG    1 
ATOM   1023 C  CD    . PRO A 1 136 ? 3.388   15.851  -10.654 1.00 78.26 ? 136 PRO A CD    1 
ATOM   1024 N  N     . GLU A 1 137 ? 1.668   19.860  -9.022  1.00 82.23 ? 137 GLU A N     1 
ATOM   1025 C  CA    . GLU A 1 137 ? 1.429   20.676  -7.839  1.00 83.24 ? 137 GLU A CA    1 
ATOM   1026 C  C     . GLU A 1 137 ? 0.569   19.842  -6.899  1.00 82.29 ? 137 GLU A C     1 
ATOM   1027 O  O     . GLU A 1 137 ? -0.530  19.429  -7.268  1.00 82.49 ? 137 GLU A O     1 
ATOM   1028 C  CB    . GLU A 1 137 ? 0.696   21.965  -8.213  1.00 84.73 ? 137 GLU A CB    1 
ATOM   1029 C  CG    . GLU A 1 137 ? 0.575   22.951  -7.064  1.00 87.26 ? 137 GLU A CG    1 
ATOM   1030 C  CD    . GLU A 1 137 ? -0.228  24.172  -7.441  1.00 88.68 ? 137 GLU A CD    1 
ATOM   1031 O  OE1   . GLU A 1 137 ? -1.411  23.999  -7.806  1.00 89.62 ? 137 GLU A OE1   1 
ATOM   1032 O  OE2   . GLU A 1 137 ? 0.321   25.295  -7.375  1.00 89.24 ? 137 GLU A OE2   1 
ATOM   1033 N  N     . ALA A 1 138 ? 1.066   19.594  -5.689  1.00 81.21 ? 138 ALA A N     1 
ATOM   1034 C  CA    . ALA A 1 138 ? 0.345   18.777  -4.715  1.00 80.55 ? 138 ALA A CA    1 
ATOM   1035 C  C     . ALA A 1 138 ? -0.698  19.527  -3.883  1.00 80.31 ? 138 ALA A C     1 
ATOM   1036 O  O     . ALA A 1 138 ? -0.632  20.746  -3.717  1.00 79.88 ? 138 ALA A O     1 
ATOM   1037 C  CB    . ALA A 1 138 ? 1.341   18.079  -3.791  1.00 81.01 ? 138 ALA A CB    1 
ATOM   1038 N  N     . HIS A 1 139 ? -1.657  18.764  -3.365  1.00 80.02 ? 139 HIS A N     1 
ATOM   1039 C  CA    . HIS A 1 139 ? -2.748  19.275  -2.546  1.00 79.76 ? 139 HIS A CA    1 
ATOM   1040 C  C     . HIS A 1 139 ? -2.795  18.549  -1.194  1.00 78.50 ? 139 HIS A C     1 
ATOM   1041 O  O     . HIS A 1 139 ? -2.315  17.420  -1.073  1.00 78.28 ? 139 HIS A O     1 
ATOM   1042 C  CB    . HIS A 1 139 ? -4.098  19.077  -3.278  1.00 81.38 ? 139 HIS A CB    1 
ATOM   1043 C  CG    . HIS A 1 139 ? -4.344  20.043  -4.402  1.00 82.90 ? 139 HIS A CG    1 
ATOM   1044 N  ND1   . HIS A 1 139 ? -3.543  20.111  -5.522  1.00 83.31 ? 139 HIS A ND1   1 
ATOM   1045 C  CD2   . HIS A 1 139 ? -5.310  20.977  -4.573  1.00 83.35 ? 139 HIS A CD2   1 
ATOM   1046 C  CE1   . HIS A 1 139 ? -4.003  21.049  -6.333  1.00 83.15 ? 139 HIS A CE1   1 
ATOM   1047 N  NE2   . HIS A 1 139 ? -5.074  21.589  -5.780  1.00 83.66 ? 139 HIS A NE2   1 
ATOM   1048 N  N     . HIS A 1 140 ? -3.359  19.208  -0.182  1.00 77.43 ? 140 HIS A N     1 
ATOM   1049 C  CA    . HIS A 1 140 ? -3.512  18.610  1.149   1.00 76.31 ? 140 HIS A CA    1 
ATOM   1050 C  C     . HIS A 1 140 ? -2.267  18.014  1.792   1.00 74.46 ? 140 HIS A C     1 
ATOM   1051 O  O     . HIS A 1 140 ? -1.203  18.625  1.842   1.00 73.58 ? 140 HIS A O     1 
ATOM   1052 C  CB    . HIS A 1 140 ? -4.581  17.519  1.089   1.00 78.05 ? 140 HIS A CB    1 
ATOM   1053 C  CG    . HIS A 1 140 ? -5.903  18.002  0.587   1.00 80.35 ? 140 HIS A CG    1 
ATOM   1054 N  ND1   . HIS A 1 140 ? -6.591  19.037  1.182   1.00 81.73 ? 140 HIS A ND1   1 
ATOM   1055 C  CD2   . HIS A 1 140 ? -6.676  17.582  -0.442  1.00 81.32 ? 140 HIS A CD2   1 
ATOM   1056 C  CE1   . HIS A 1 140 ? -7.731  19.232  0.546   1.00 82.45 ? 140 HIS A CE1   1 
ATOM   1057 N  NE2   . HIS A 1 140 ? -7.808  18.361  -0.444  1.00 82.37 ? 140 HIS A NE2   1 
ATOM   1058 N  N     . GLU A 1 141 ? -2.430  16.800  2.300   1.00 72.72 ? 141 GLU A N     1 
ATOM   1059 C  CA    . GLU A 1 141 ? -1.358  16.073  2.957   1.00 71.65 ? 141 GLU A CA    1 
ATOM   1060 C  C     . GLU A 1 141 ? -0.111  15.992  2.098   1.00 69.07 ? 141 GLU A C     1 
ATOM   1061 O  O     . GLU A 1 141 ? 1.011   15.984  2.610   1.00 68.45 ? 141 GLU A O     1 
ATOM   1062 C  CB    . GLU A 1 141 ? -1.832  14.669  3.281   1.00 74.57 ? 141 GLU A CB    1 
ATOM   1063 C  CG    . GLU A 1 141 ? -3.208  14.656  3.893   1.00 77.95 ? 141 GLU A CG    1 
ATOM   1064 C  CD    . GLU A 1 141 ? -3.215  13.914  5.199   1.00 81.03 ? 141 GLU A CD    1 
ATOM   1065 O  OE1   . GLU A 1 141 ? -2.904  12.699  5.198   1.00 84.54 ? 141 GLU A OE1   1 
ATOM   1066 O  OE2   . GLU A 1 141 ? -3.514  14.547  6.231   1.00 81.33 ? 141 GLU A OE2   1 
ATOM   1067 N  N     . GLU A 1 142 ? -0.310  15.923  0.786   1.00 66.86 ? 142 GLU A N     1 
ATOM   1068 C  CA    . GLU A 1 142 ? 0.800   15.831  -0.153  1.00 65.37 ? 142 GLU A CA    1 
ATOM   1069 C  C     . GLU A 1 142 ? 1.550   17.154  -0.358  1.00 64.71 ? 142 GLU A C     1 
ATOM   1070 O  O     . GLU A 1 142 ? 2.738   17.145  -0.676  1.00 64.62 ? 142 GLU A O     1 
ATOM   1071 C  CB    . GLU A 1 142 ? 0.294   15.312  -1.499  1.00 64.05 ? 142 GLU A CB    1 
ATOM   1072 C  CG    . GLU A 1 142 ? -0.284  13.902  -1.465  1.00 62.77 ? 142 GLU A CG    1 
ATOM   1073 C  CD    . GLU A 1 142 ? -0.479  13.332  -2.853  1.00 61.82 ? 142 GLU A CD    1 
ATOM   1074 O  OE1   . GLU A 1 142 ? 0.010   13.954  -3.826  1.00 61.14 ? 142 GLU A OE1   1 
ATOM   1075 O  OE2   . GLU A 1 142 ? -1.102  12.255  -2.975  1.00 60.09 ? 142 GLU A OE2   1 
ATOM   1076 N  N     . ALA A 1 143 ? 0.860   18.280  -0.175  1.00 63.62 ? 143 ALA A N     1 
ATOM   1077 C  CA    . ALA A 1 143 ? 1.478   19.596  -0.339  1.00 62.84 ? 143 ALA A CA    1 
ATOM   1078 C  C     . ALA A 1 143 ? 2.398   19.888  0.839   1.00 62.70 ? 143 ALA A C     1 
ATOM   1079 O  O     . ALA A 1 143 ? 3.192   20.832  0.804   1.00 62.99 ? 143 ALA A O     1 
ATOM   1080 C  CB    . ALA A 1 143 ? 0.406   20.679  -0.440  1.00 62.25 ? 143 ALA A CB    1 
ATOM   1081 N  N     . ASP A 1 144 ? 2.282   19.073  1.882   1.00 62.01 ? 144 ASP A N     1 
ATOM   1082 C  CA    . ASP A 1 144 ? 3.089   19.246  3.078   1.00 60.71 ? 144 ASP A CA    1 
ATOM   1083 C  C     . ASP A 1 144 ? 4.237   18.239  3.147   1.00 59.10 ? 144 ASP A C     1 
ATOM   1084 O  O     . ASP A 1 144 ? 5.277   18.521  3.745   1.00 58.76 ? 144 ASP A O     1 
ATOM   1085 C  CB    . ASP A 1 144 ? 2.201   19.107  4.321   1.00 62.82 ? 144 ASP A CB    1 
ATOM   1086 C  CG    . ASP A 1 144 ? 2.939   19.437  5.611   1.00 65.00 ? 144 ASP A CG    1 
ATOM   1087 O  OD1   . ASP A 1 144 ? 4.003   18.838  5.867   1.00 66.73 ? 144 ASP A OD1   1 
ATOM   1088 O  OD2   . ASP A 1 144 ? 2.456   20.297  6.375   1.00 66.79 ? 144 ASP A OD2   1 
ATOM   1089 N  N     . MET A 1 145 ? 4.059   17.074  2.529   1.00 57.11 ? 145 MET A N     1 
ATOM   1090 C  CA    . MET A 1 145 ? 5.091   16.041  2.575   1.00 55.62 ? 145 MET A CA    1 
ATOM   1091 C  C     . MET A 1 145 ? 6.370   16.331  1.790   1.00 53.93 ? 145 MET A C     1 
ATOM   1092 O  O     . MET A 1 145 ? 6.359   17.010  0.752   1.00 53.80 ? 145 MET A O     1 
ATOM   1093 C  CB    . MET A 1 145 ? 4.524   14.677  2.138   1.00 55.80 ? 145 MET A CB    1 
ATOM   1094 C  CG    . MET A 1 145 ? 4.044   14.591  0.698   1.00 56.21 ? 145 MET A CG    1 
ATOM   1095 S  SD    . MET A 1 145 ? 3.826   12.876  0.136   1.00 56.63 ? 145 MET A SD    1 
ATOM   1096 C  CE    . MET A 1 145 ? 4.870   12.858  -1.334  1.00 57.23 ? 145 MET A CE    1 
ATOM   1097 N  N     . THR A 1 146 ? 7.474   15.808  2.319   1.00 50.99 ? 146 THR A N     1 
ATOM   1098 C  CA    . THR A 1 146 ? 8.795   15.953  1.717   1.00 47.74 ? 146 THR A CA    1 
ATOM   1099 C  C     . THR A 1 146 ? 9.326   14.549  1.383   1.00 45.79 ? 146 THR A C     1 
ATOM   1100 O  O     . THR A 1 146 ? 8.586   13.571  1.476   1.00 46.11 ? 146 THR A O     1 
ATOM   1101 C  CB    . THR A 1 146 ? 9.769   16.709  2.682   1.00 46.61 ? 146 THR A CB    1 
ATOM   1102 O  OG1   . THR A 1 146 ? 9.761   16.086  3.971   1.00 44.98 ? 146 THR A OG1   1 
ATOM   1103 C  CG2   . THR A 1 146 ? 9.348   18.173  2.839   1.00 43.66 ? 146 THR A CG2   1 
ATOM   1104 N  N     . MET A 1 147 ? 10.591  14.440  0.990   1.00 44.18 ? 147 MET A N     1 
ATOM   1105 C  CA    . MET A 1 147 ? 11.157  13.136  0.637   1.00 42.14 ? 147 MET A CA    1 
ATOM   1106 C  C     . MET A 1 147 ? 12.663  13.065  0.861   1.00 39.96 ? 147 MET A C     1 
ATOM   1107 O  O     . MET A 1 147 ? 13.325  14.083  0.989   1.00 41.06 ? 147 MET A O     1 
ATOM   1108 C  CB    . MET A 1 147 ? 10.892  12.834  -0.830  1.00 43.73 ? 147 MET A CB    1 
ATOM   1109 C  CG    . MET A 1 147 ? 11.763  13.661  -1.747  1.00 45.10 ? 147 MET A CG    1 
ATOM   1110 S  SD    . MET A 1 147 ? 11.682  13.154  -3.455  1.00 50.58 ? 147 MET A SD    1 
ATOM   1111 C  CE    . MET A 1 147 ? 10.629  14.523  -4.175  1.00 49.12 ? 147 MET A CE    1 
ATOM   1112 N  N     . GLY A 1 148 ? 13.204  11.854  0.884   1.00 37.82 ? 148 GLY A N     1 
ATOM   1113 C  CA    . GLY A 1 148 ? 14.632  11.683  1.070   1.00 35.62 ? 148 GLY A CA    1 
ATOM   1114 C  C     . GLY A 1 148 ? 15.084  10.359  0.488   1.00 34.67 ? 148 GLY A C     1 
ATOM   1115 O  O     . GLY A 1 148 ? 14.315  9.398   0.472   1.00 34.80 ? 148 GLY A O     1 
ATOM   1116 N  N     . TRP A 1 149 ? 16.316  10.302  -0.006  1.00 33.50 ? 149 TRP A N     1 
ATOM   1117 C  CA    . TRP A 1 149 ? 16.834  9.059   -0.573  1.00 33.12 ? 149 TRP A CA    1 
ATOM   1118 C  C     . TRP A 1 149 ? 17.593  8.272   0.471   1.00 32.93 ? 149 TRP A C     1 
ATOM   1119 O  O     . TRP A 1 149 ? 18.390  8.832   1.224   1.00 33.40 ? 149 TRP A O     1 
ATOM   1120 C  CB    . TRP A 1 149 ? 17.744  9.329   -1.771  1.00 32.49 ? 149 TRP A CB    1 
ATOM   1121 C  CG    . TRP A 1 149 ? 16.988  9.609   -3.017  1.00 31.66 ? 149 TRP A CG    1 
ATOM   1122 C  CD1   . TRP A 1 149 ? 16.438  10.797  -3.390  1.00 31.18 ? 149 TRP A CD1   1 
ATOM   1123 C  CD2   . TRP A 1 149 ? 16.640  8.663   -4.037  1.00 31.88 ? 149 TRP A CD2   1 
ATOM   1124 N  NE1   . TRP A 1 149 ? 15.768  10.653  -4.580  1.00 31.61 ? 149 TRP A NE1   1 
ATOM   1125 C  CE2   . TRP A 1 149 ? 15.875  9.352   -5.000  1.00 31.85 ? 149 TRP A CE2   1 
ATOM   1126 C  CE3   . TRP A 1 149 ? 16.899  7.297   -4.228  1.00 31.60 ? 149 TRP A CE3   1 
ATOM   1127 C  CZ2   . TRP A 1 149 ? 15.366  8.723   -6.145  1.00 31.44 ? 149 TRP A CZ2   1 
ATOM   1128 C  CZ3   . TRP A 1 149 ? 16.394  6.671   -5.367  1.00 30.36 ? 149 TRP A CZ3   1 
ATOM   1129 C  CH2   . TRP A 1 149 ? 15.636  7.385   -6.308  1.00 31.59 ? 149 TRP A CH2   1 
ATOM   1130 N  N     . TYR A 1 150 ? 17.344  6.968   0.510   1.00 32.67 ? 150 TYR A N     1 
ATOM   1131 C  CA    . TYR A 1 150 ? 17.987  6.109   1.490   1.00 32.44 ? 150 TYR A CA    1 
ATOM   1132 C  C     . TYR A 1 150 ? 18.601  4.846   0.930   1.00 34.35 ? 150 TYR A C     1 
ATOM   1133 O  O     . TYR A 1 150 ? 18.036  4.197   0.045   1.00 35.13 ? 150 TYR A O     1 
ATOM   1134 C  CB    . TYR A 1 150 ? 16.994  5.671   2.573   1.00 29.76 ? 150 TYR A CB    1 
ATOM   1135 C  CG    . TYR A 1 150 ? 16.348  6.791   3.347   1.00 29.55 ? 150 TYR A CG    1 
ATOM   1136 C  CD1   . TYR A 1 150 ? 15.280  7.521   2.811   1.00 28.28 ? 150 TYR A CD1   1 
ATOM   1137 C  CD2   . TYR A 1 150 ? 16.806  7.128   4.618   1.00 27.54 ? 150 TYR A CD2   1 
ATOM   1138 C  CE1   . TYR A 1 150 ? 14.688  8.557   3.529   1.00 27.23 ? 150 TYR A CE1   1 
ATOM   1139 C  CE2   . TYR A 1 150 ? 16.226  8.158   5.340   1.00 28.20 ? 150 TYR A CE2   1 
ATOM   1140 C  CZ    . TYR A 1 150 ? 15.171  8.870   4.798   1.00 27.65 ? 150 TYR A CZ    1 
ATOM   1141 O  OH    . TYR A 1 150 ? 14.614  9.892   5.537   1.00 26.18 ? 150 TYR A OH    1 
ATOM   1142 N  N     . PRO A 1 151 ? 19.791  4.488   1.427   1.00 35.35 ? 151 PRO A N     1 
ATOM   1143 C  CA    . PRO A 1 151 ? 20.403  3.257   0.933   1.00 34.68 ? 151 PRO A CA    1 
ATOM   1144 C  C     . PRO A 1 151 ? 19.498  2.168   1.538   1.00 34.73 ? 151 PRO A C     1 
ATOM   1145 O  O     . PRO A 1 151 ? 19.124  2.261   2.710   1.00 34.52 ? 151 PRO A O     1 
ATOM   1146 C  CB    . PRO A 1 151 ? 21.794  3.296   1.566   1.00 34.86 ? 151 PRO A CB    1 
ATOM   1147 C  CG    . PRO A 1 151 ? 22.074  4.774   1.662   1.00 34.57 ? 151 PRO A CG    1 
ATOM   1148 C  CD    . PRO A 1 151 ? 20.766  5.307   2.172   1.00 34.26 ? 151 PRO A CD    1 
ATOM   1149 N  N     . ILE A 1 152 ? 19.129  1.161   0.752   1.00 34.02 ? 152 ILE A N     1 
ATOM   1150 C  CA    . ILE A 1 152 ? 18.241  0.110   1.245   1.00 33.94 ? 152 ILE A CA    1 
ATOM   1151 C  C     . ILE A 1 152 ? 18.620  -0.440  2.617   1.00 33.87 ? 152 ILE A C     1 
ATOM   1152 O  O     . ILE A 1 152 ? 17.752  -0.671  3.459   1.00 34.33 ? 152 ILE A O     1 
ATOM   1153 C  CB    . ILE A 1 152 ? 18.122  -1.061  0.222   1.00 32.86 ? 152 ILE A CB    1 
ATOM   1154 C  CG1   . ILE A 1 152 ? 17.300  -0.598  -0.989  1.00 33.58 ? 152 ILE A CG1   1 
ATOM   1155 C  CG2   . ILE A 1 152 ? 17.461  -2.276  0.872   1.00 31.47 ? 152 ILE A CG2   1 
ATOM   1156 C  CD1   . ILE A 1 152 ? 17.090  -1.654  -2.057  1.00 31.97 ? 152 ILE A CD1   1 
ATOM   1157 N  N     . ALA A 1 153 ? 19.911  -0.638  2.851   1.00 34.03 ? 153 ALA A N     1 
ATOM   1158 C  CA    . ALA A 1 153 ? 20.362  -1.172  4.130   1.00 34.16 ? 153 ALA A CA    1 
ATOM   1159 C  C     . ALA A 1 153 ? 20.048  -0.231  5.291   1.00 34.37 ? 153 ALA A C     1 
ATOM   1160 O  O     . ALA A 1 153 ? 19.645  -0.681  6.369   1.00 34.19 ? 153 ALA A O     1 
ATOM   1161 C  CB    . ALA A 1 153 ? 21.852  -1.464  4.075   1.00 34.91 ? 153 ALA A CB    1 
ATOM   1162 N  N     . GLU A 1 154 ? 20.234  1.071   5.083   1.00 34.46 ? 154 GLU A N     1 
ATOM   1163 C  CA    . GLU A 1 154 ? 19.948  2.033   6.145   1.00 36.02 ? 154 GLU A CA    1 
ATOM   1164 C  C     . GLU A 1 154 ? 18.445  2.091   6.400   1.00 34.22 ? 154 GLU A C     1 
ATOM   1165 O  O     . GLU A 1 154 ? 17.990  2.212   7.544   1.00 33.21 ? 154 GLU A O     1 
ATOM   1166 C  CB    . GLU A 1 154 ? 20.465  3.423   5.771   1.00 39.45 ? 154 GLU A CB    1 
ATOM   1167 C  CG    . GLU A 1 154 ? 20.372  4.441   6.920   1.00 46.62 ? 154 GLU A CG    1 
ATOM   1168 C  CD    . GLU A 1 154 ? 21.245  4.095   8.151   1.00 49.42 ? 154 GLU A CD    1 
ATOM   1169 O  OE1   . GLU A 1 154 ? 22.491  4.003   8.017   1.00 50.28 ? 154 GLU A OE1   1 
ATOM   1170 O  OE2   . GLU A 1 154 ? 20.676  3.931   9.258   1.00 50.57 ? 154 GLU A OE2   1 
ATOM   1171 N  N     . ALA A 1 155 ? 17.684  1.999   5.316   1.00 32.83 ? 155 ALA A N     1 
ATOM   1172 C  CA    . ALA A 1 155 ? 16.234  2.014   5.381   1.00 31.69 ? 155 ALA A CA    1 
ATOM   1173 C  C     . ALA A 1 155 ? 15.800  0.800   6.194   1.00 30.46 ? 155 ALA A C     1 
ATOM   1174 O  O     . ALA A 1 155 ? 14.884  0.885   7.015   1.00 29.97 ? 155 ALA A O     1 
ATOM   1175 C  CB    . ALA A 1 155 ? 15.654  1.955   3.978   1.00 30.39 ? 155 ALA A CB    1 
ATOM   1176 N  N     . ALA A 1 156 ? 16.473  -0.324  5.958   1.00 29.90 ? 156 ALA A N     1 
ATOM   1177 C  CA    . ALA A 1 156 ? 16.192  -1.568  6.674   1.00 29.94 ? 156 ALA A CA    1 
ATOM   1178 C  C     . ALA A 1 156 ? 16.533  -1.384  8.152   1.00 30.02 ? 156 ALA A C     1 
ATOM   1179 O  O     . ALA A 1 156 ? 15.782  -1.826  9.024   1.00 30.05 ? 156 ALA A O     1 
ATOM   1180 C  CB    . ALA A 1 156 ? 17.007  -2.710  6.088   1.00 27.28 ? 156 ALA A CB    1 
ATOM   1181 N  N     . ARG A 1 157 ? 17.658  -0.730  8.436   1.00 29.69 ? 157 ARG A N     1 
ATOM   1182 C  CA    . ARG A 1 157 ? 18.045  -0.496  9.823   1.00 30.71 ? 157 ARG A CA    1 
ATOM   1183 C  C     . ARG A 1 157 ? 17.054  0.452   10.486  1.00 31.10 ? 157 ARG A C     1 
ATOM   1184 O  O     . ARG A 1 157 ? 16.750  0.312   11.674  1.00 31.61 ? 157 ARG A O     1 
ATOM   1185 C  CB    . ARG A 1 157 ? 19.466  0.077   9.923   1.00 29.67 ? 157 ARG A CB    1 
ATOM   1186 C  CG    . ARG A 1 157 ? 20.566  -0.966  9.758   1.00 32.38 ? 157 ARG A CG    1 
ATOM   1187 C  CD    . ARG A 1 157 ? 21.932  -0.417  10.165  1.00 35.70 ? 157 ARG A CD    1 
ATOM   1188 N  NE    . ARG A 1 157 ? 22.391  0.657   9.285   1.00 38.06 ? 157 ARG A NE    1 
ATOM   1189 C  CZ    . ARG A 1 157 ? 22.957  0.465   8.096   1.00 38.42 ? 157 ARG A CZ    1 
ATOM   1190 N  NH1   . ARG A 1 157 ? 23.143  -0.766  7.644   1.00 39.90 ? 157 ARG A NH1   1 
ATOM   1191 N  NH2   . ARG A 1 157 ? 23.322  1.499   7.346   1.00 37.37 ? 157 ARG A NH2   1 
ATOM   1192 N  N     . ARG A 1 158 ? 16.539  1.409   9.718   1.00 29.97 ? 158 ARG A N     1 
ATOM   1193 C  CA    . ARG A 1 158 ? 15.578  2.356   10.269  1.00 28.54 ? 158 ARG A CA    1 
ATOM   1194 C  C     . ARG A 1 158 ? 14.314  1.619   10.720  1.00 28.53 ? 158 ARG A C     1 
ATOM   1195 O  O     . ARG A 1 158 ? 13.702  1.986   11.720  1.00 27.66 ? 158 ARG A O     1 
ATOM   1196 C  CB    . ARG A 1 158 ? 15.232  3.428   9.230   1.00 28.61 ? 158 ARG A CB    1 
ATOM   1197 C  CG    . ARG A 1 158 ? 16.396  4.336   8.846   1.00 28.50 ? 158 ARG A CG    1 
ATOM   1198 C  CD    . ARG A 1 158 ? 16.017  5.272   7.707   1.00 27.87 ? 158 ARG A CD    1 
ATOM   1199 N  NE    . ARG A 1 158 ? 15.010  6.255   8.103   1.00 29.46 ? 158 ARG A NE    1 
ATOM   1200 C  CZ    . ARG A 1 158 ? 15.268  7.375   8.774   1.00 29.69 ? 158 ARG A CZ    1 
ATOM   1201 N  NH1   . ARG A 1 158 ? 16.504  7.672   9.129   1.00 28.83 ? 158 ARG A NH1   1 
ATOM   1202 N  NH2   . ARG A 1 158 ? 14.286  8.208   9.082   1.00 29.94 ? 158 ARG A NH2   1 
ATOM   1203 N  N     . VAL A 1 159 ? 13.929  0.579   9.984   1.00 28.07 ? 159 VAL A N     1 
ATOM   1204 C  CA    . VAL A 1 159 ? 12.745  -0.205  10.335  1.00 29.21 ? 159 VAL A CA    1 
ATOM   1205 C  C     . VAL A 1 159 ? 12.970  -0.905  11.673  1.00 30.38 ? 159 VAL A C     1 
ATOM   1206 O  O     . VAL A 1 159 ? 12.138  -0.822  12.583  1.00 30.56 ? 159 VAL A O     1 
ATOM   1207 C  CB    . VAL A 1 159 ? 12.431  -1.308  9.274   1.00 28.62 ? 159 VAL A CB    1 
ATOM   1208 C  CG1   . VAL A 1 159 ? 11.262  -2.158  9.744   1.00 27.69 ? 159 VAL A CG1   1 
ATOM   1209 C  CG2   . VAL A 1 159 ? 12.104  -0.685  7.924   1.00 29.37 ? 159 VAL A CG2   1 
ATOM   1210 N  N     . LEU A 1 160 ? 14.104  -1.598  11.775  1.00 31.51 ? 160 LEU A N     1 
ATOM   1211 C  CA    . LEU A 1 160 ? 14.469  -2.348  12.971  1.00 32.53 ? 160 LEU A CA    1 
ATOM   1212 C  C     . LEU A 1 160 ? 14.806  -1.469  14.164  1.00 32.77 ? 160 LEU A C     1 
ATOM   1213 O  O     . LEU A 1 160 ? 15.071  -1.960  15.266  1.00 33.57 ? 160 LEU A O     1 
ATOM   1214 C  CB    . LEU A 1 160 ? 15.656  -3.270  12.674  1.00 33.17 ? 160 LEU A CB    1 
ATOM   1215 C  CG    . LEU A 1 160 ? 15.363  -4.590  11.952  1.00 34.13 ? 160 LEU A CG    1 
ATOM   1216 C  CD1   . LEU A 1 160 ? 14.232  -5.321  12.657  1.00 36.01 ? 160 LEU A CD1   1 
ATOM   1217 C  CD2   . LEU A 1 160 ? 14.983  -4.323  10.528  1.00 36.54 ? 160 LEU A CD2   1 
ATOM   1218 N  N     . ARG A 1 161 ? 14.777  -0.167  13.944  1.00 32.20 ? 161 ARG A N     1 
ATOM   1219 C  CA    . ARG A 1 161 ? 15.097  0.783   14.990  1.00 31.25 ? 161 ARG A CA    1 
ATOM   1220 C  C     . ARG A 1 161 ? 13.860  1.599   15.342  1.00 30.35 ? 161 ARG A C     1 
ATOM   1221 O  O     . ARG A 1 161 ? 13.921  2.513   16.155  1.00 30.34 ? 161 ARG A O     1 
ATOM   1222 C  CB    . ARG A 1 161 ? 16.212  1.684   14.485  1.00 33.24 ? 161 ARG A CB    1 
ATOM   1223 C  CG    . ARG A 1 161 ? 16.773  2.650   15.475  1.00 34.67 ? 161 ARG A CG    1 
ATOM   1224 C  CD    . ARG A 1 161 ? 17.743  3.556   14.755  1.00 35.84 ? 161 ARG A CD    1 
ATOM   1225 N  NE    . ARG A 1 161 ? 18.829  2.805   14.137  1.00 37.28 ? 161 ARG A NE    1 
ATOM   1226 C  CZ    . ARG A 1 161 ? 19.249  2.991   12.891  1.00 37.50 ? 161 ARG A CZ    1 
ATOM   1227 N  NH1   . ARG A 1 161 ? 18.667  3.901   12.119  1.00 34.98 ? 161 ARG A NH1   1 
ATOM   1228 N  NH2   . ARG A 1 161 ? 20.267  2.278   12.426  1.00 38.93 ? 161 ARG A NH2   1 
ATOM   1229 N  N     . GLY A 1 162 ? 12.739  1.266   14.715  1.00 28.86 ? 162 GLY A N     1 
ATOM   1230 C  CA    . GLY A 1 162 ? 11.500  1.968   14.991  1.00 27.73 ? 162 GLY A CA    1 
ATOM   1231 C  C     . GLY A 1 162 ? 11.329  3.319   14.315  1.00 27.62 ? 162 GLY A C     1 
ATOM   1232 O  O     . GLY A 1 162 ? 10.357  4.027   14.592  1.00 25.92 ? 162 GLY A O     1 
ATOM   1233 N  N     . GLU A 1 163 ? 12.257  3.680   13.428  1.00 28.48 ? 163 GLU A N     1 
ATOM   1234 C  CA    . GLU A 1 163 ? 12.185  4.964   12.725  1.00 28.15 ? 163 GLU A CA    1 
ATOM   1235 C  C     . GLU A 1 163 ? 11.249  4.918   11.507  1.00 27.92 ? 163 GLU A C     1 
ATOM   1236 O  O     . GLU A 1 163 ? 10.832  5.962   10.983  1.00 27.61 ? 163 GLU A O     1 
ATOM   1237 C  CB    . GLU A 1 163 ? 13.596  5.413   12.353  1.00 28.59 ? 163 GLU A CB    1 
ATOM   1238 C  CG    . GLU A 1 163 ? 14.508  5.388   13.568  1.00 29.52 ? 163 GLU A CG    1 
ATOM   1239 C  CD    . GLU A 1 163 ? 15.840  6.037   13.325  1.00 31.57 ? 163 GLU A CD    1 
ATOM   1240 O  OE1   . GLU A 1 163 ? 16.491  5.687   12.322  1.00 33.36 ? 163 GLU A OE1   1 
ATOM   1241 O  OE2   . GLU A 1 163 ? 16.241  6.891   14.144  1.00 31.67 ? 163 GLU A OE2   1 
ATOM   1242 N  N     . ILE A 1 164 ? 10.929  3.697   11.073  1.00 27.07 ? 164 ILE A N     1 
ATOM   1243 C  CA    . ILE A 1 164 ? 9.977   3.451   9.987   1.00 25.39 ? 164 ILE A CA    1 
ATOM   1244 C  C     . ILE A 1 164 ? 8.954   2.471   10.589  1.00 24.90 ? 164 ILE A C     1 
ATOM   1245 O  O     . ILE A 1 164 ? 9.318   1.375   11.009  1.00 24.99 ? 164 ILE A O     1 
ATOM   1246 C  CB    . ILE A 1 164 ? 10.637  2.808   8.734   1.00 24.80 ? 164 ILE A CB    1 
ATOM   1247 C  CG1   . ILE A 1 164 ? 11.662  3.768   8.113   1.00 23.70 ? 164 ILE A CG1   1 
ATOM   1248 C  CG2   . ILE A 1 164 ? 9.565   2.486   7.691   1.00 22.77 ? 164 ILE A CG2   1 
ATOM   1249 C  CD1   . ILE A 1 164 ? 12.373  3.196   6.892   1.00 19.73 ? 164 ILE A CD1   1 
ATOM   1250 N  N     . VAL A 1 165 ? 7.686   2.875   10.659  1.00 24.06 ? 165 VAL A N     1 
ATOM   1251 C  CA    . VAL A 1 165 ? 6.650   2.020   11.228  1.00 23.21 ? 165 VAL A CA    1 
ATOM   1252 C  C     . VAL A 1 165 ? 5.443   1.752   10.329  1.00 25.11 ? 165 VAL A C     1 
ATOM   1253 O  O     . VAL A 1 165 ? 4.634   0.870   10.625  1.00 25.61 ? 165 VAL A O     1 
ATOM   1254 C  CB    . VAL A 1 165 ? 6.139   2.576   12.575  1.00 22.95 ? 165 VAL A CB    1 
ATOM   1255 C  CG1   . VAL A 1 165 ? 7.229   2.451   13.631  1.00 21.27 ? 165 VAL A CG1   1 
ATOM   1256 C  CG2   . VAL A 1 165 ? 5.698   4.030   12.412  1.00 22.02 ? 165 VAL A CG2   1 
ATOM   1257 N  N     . ASN A 1 166 ? 5.301   2.500   9.240   1.00 25.38 ? 166 ASN A N     1 
ATOM   1258 C  CA    . ASN A 1 166 ? 4.181   2.270   8.335   1.00 25.23 ? 166 ASN A CA    1 
ATOM   1259 C  C     . ASN A 1 166 ? 4.324   0.838   7.802   1.00 25.37 ? 166 ASN A C     1 
ATOM   1260 O  O     . ASN A 1 166 ? 5.345   0.488   7.227   1.00 25.53 ? 166 ASN A O     1 
ATOM   1261 C  CB    . ASN A 1 166 ? 4.218   3.285   7.185   1.00 26.43 ? 166 ASN A CB    1 
ATOM   1262 C  CG    . ASN A 1 166 ? 3.090   3.087   6.197   1.00 24.81 ? 166 ASN A CG    1 
ATOM   1263 O  OD1   . ASN A 1 166 ? 2.999   2.050   5.540   1.00 24.53 ? 166 ASN A OD1   1 
ATOM   1264 N  ND2   . ASN A 1 166 ? 2.220   4.084   6.089   1.00 26.14 ? 166 ASN A ND2   1 
ATOM   1265 N  N     . SER A 1 167 ? 3.299   0.015   7.997   1.00 25.43 ? 167 SER A N     1 
ATOM   1266 C  CA    . SER A 1 167 ? 3.334   -1.384  7.573   1.00 24.24 ? 167 SER A CA    1 
ATOM   1267 C  C     . SER A 1 167 ? 3.645   -1.629  6.103   1.00 24.98 ? 167 SER A C     1 
ATOM   1268 O  O     . SER A 1 167 ? 4.226   -2.656  5.749   1.00 26.18 ? 167 SER A O     1 
ATOM   1269 C  CB    . SER A 1 167 ? 2.009   -2.065  7.912   1.00 24.41 ? 167 SER A CB    1 
ATOM   1270 O  OG    . SER A 1 167 ? 0.993   -1.639  7.029   1.00 23.35 ? 167 SER A OG    1 
ATOM   1271 N  N     . ILE A 1 168 ? 3.240   -0.706  5.245   1.00 24.83 ? 168 ILE A N     1 
ATOM   1272 C  CA    . ILE A 1 168 ? 3.494   -0.853  3.820   1.00 24.61 ? 168 ILE A CA    1 
ATOM   1273 C  C     . ILE A 1 168 ? 4.973   -0.632  3.538   1.00 25.51 ? 168 ILE A C     1 
ATOM   1274 O  O     . ILE A 1 168 ? 5.584   -1.369  2.757   1.00 25.41 ? 168 ILE A O     1 
ATOM   1275 C  CB    . ILE A 1 168 ? 2.650   0.153   3.011   1.00 24.88 ? 168 ILE A CB    1 
ATOM   1276 C  CG1   . ILE A 1 168 ? 1.167   -0.181  3.188   1.00 21.96 ? 168 ILE A CG1   1 
ATOM   1277 C  CG2   . ILE A 1 168 ? 3.052   0.116   1.533   1.00 24.00 ? 168 ILE A CG2   1 
ATOM   1278 C  CD1   . ILE A 1 168 ? 0.280   1.013   3.154   1.00 22.55 ? 168 ILE A CD1   1 
ATOM   1279 N  N     . ALA A 1 169 ? 5.544   0.381   4.190   1.00 25.72 ? 169 ALA A N     1 
ATOM   1280 C  CA    . ALA A 1 169 ? 6.953   0.721   4.029   1.00 23.88 ? 169 ALA A CA    1 
ATOM   1281 C  C     . ALA A 1 169 ? 7.859   -0.358  4.627   1.00 25.28 ? 169 ALA A C     1 
ATOM   1282 O  O     . ALA A 1 169 ? 8.936   -0.649  4.087   1.00 25.94 ? 169 ALA A O     1 
ATOM   1283 C  CB    . ALA A 1 169 ? 7.232   2.061   4.684   1.00 21.65 ? 169 ALA A CB    1 
ATOM   1284 N  N     . ILE A 1 170 ? 7.426   -0.943  5.743   1.00 25.30 ? 170 ILE A N     1 
ATOM   1285 C  CA    . ILE A 1 170 ? 8.195   -1.990  6.417   1.00 24.91 ? 170 ILE A CA    1 
ATOM   1286 C  C     . ILE A 1 170 ? 8.305   -3.204  5.515   1.00 25.14 ? 170 ILE A C     1 
ATOM   1287 O  O     . ILE A 1 170 ? 9.390   -3.764  5.326   1.00 25.73 ? 170 ILE A O     1 
ATOM   1288 C  CB    . ILE A 1 170 ? 7.531   -2.441  7.749   1.00 23.97 ? 170 ILE A CB    1 
ATOM   1289 C  CG1   . ILE A 1 170 ? 7.754   -1.387  8.839   1.00 23.65 ? 170 ILE A CG1   1 
ATOM   1290 C  CG2   . ILE A 1 170 ? 8.096   -3.797  8.180   1.00 23.52 ? 170 ILE A CG2   1 
ATOM   1291 C  CD1   . ILE A 1 170 ? 7.054   -1.701  10.151  1.00 21.09 ? 170 ILE A CD1   1 
ATOM   1292 N  N     . ALA A 1 171 ? 7.161   -3.605  4.973   1.00 25.86 ? 171 ALA A N     1 
ATOM   1293 C  CA    . ALA A 1 171 ? 7.087   -4.753  4.081   1.00 26.10 ? 171 ALA A CA    1 
ATOM   1294 C  C     . ALA A 1 171 ? 7.966   -4.537  2.849   1.00 26.33 ? 171 ALA A C     1 
ATOM   1295 O  O     . ALA A 1 171 ? 8.814   -5.364  2.530   1.00 26.87 ? 171 ALA A O     1 
ATOM   1296 C  CB    . ALA A 1 171 ? 5.637   -4.989  3.664   1.00 24.32 ? 171 ALA A CB    1 
ATOM   1297 N  N     . GLY A 1 172 ? 7.764   -3.416  2.162   1.00 27.41 ? 172 GLY A N     1 
ATOM   1298 C  CA    . GLY A 1 172 ? 8.547   -3.133  0.975   1.00 27.91 ? 172 GLY A CA    1 
ATOM   1299 C  C     . GLY A 1 172 ? 10.031  -2.963  1.248   1.00 28.70 ? 172 GLY A C     1 
ATOM   1300 O  O     . GLY A 1 172 ? 10.867  -3.464  0.491   1.00 29.13 ? 172 GLY A O     1 
ATOM   1301 N  N     . VAL A 1 173 ? 10.369  -2.254  2.322   1.00 27.70 ? 173 VAL A N     1 
ATOM   1302 C  CA    . VAL A 1 173 ? 11.764  -2.033  2.653   1.00 26.04 ? 173 VAL A CA    1 
ATOM   1303 C  C     . VAL A 1 173 ? 12.468  -3.330  2.987   1.00 26.30 ? 173 VAL A C     1 
ATOM   1304 O  O     . VAL A 1 173 ? 13.547  -3.608  2.454   1.00 26.98 ? 173 VAL A O     1 
ATOM   1305 C  CB    . VAL A 1 173 ? 11.930  -1.057  3.835   1.00 26.09 ? 173 VAL A CB    1 
ATOM   1306 C  CG1   . VAL A 1 173 ? 13.339  -1.183  4.411   1.00 24.76 ? 173 VAL A CG1   1 
ATOM   1307 C  CG2   . VAL A 1 173 ? 11.676  0.373   3.370   1.00 21.60 ? 173 VAL A CG2   1 
ATOM   1308 N  N     . LEU A 1 174 ? 11.870  -4.131  3.862   1.00 26.19 ? 174 LEU A N     1 
ATOM   1309 C  CA    . LEU A 1 174 ? 12.506  -5.396  4.238   1.00 26.27 ? 174 LEU A CA    1 
ATOM   1310 C  C     . LEU A 1 174 ? 12.483  -6.409  3.104   1.00 25.33 ? 174 LEU A C     1 
ATOM   1311 O  O     . LEU A 1 174 ? 13.380  -7.237  3.002   1.00 25.29 ? 174 LEU A O     1 
ATOM   1312 C  CB    . LEU A 1 174 ? 11.854  -5.982  5.489   1.00 22.76 ? 174 LEU A CB    1 
ATOM   1313 C  CG    . LEU A 1 174 ? 12.006  -5.106  6.733   1.00 23.39 ? 174 LEU A CG    1 
ATOM   1314 C  CD1   . LEU A 1 174 ? 11.509  -5.876  7.945   1.00 23.87 ? 174 LEU A CD1   1 
ATOM   1315 C  CD2   . LEU A 1 174 ? 13.466  -4.697  6.917   1.00 21.09 ? 174 LEU A CD2   1 
ATOM   1316 N  N     . ALA A 1 175 ? 11.465  -6.326  2.248   1.00 25.43 ? 175 ALA A N     1 
ATOM   1317 C  CA    . ALA A 1 175 ? 11.333  -7.228  1.109   1.00 26.27 ? 175 ALA A CA    1 
ATOM   1318 C  C     . ALA A 1 175 ? 12.396  -6.921  0.067   1.00 27.11 ? 175 ALA A C     1 
ATOM   1319 O  O     . ALA A 1 175 ? 13.032  -7.829  -0.461  1.00 27.84 ? 175 ALA A O     1 
ATOM   1320 C  CB    . ALA A 1 175 ? 9.949   -7.106  0.488   1.00 26.09 ? 175 ALA A CB    1 
ATOM   1321 N  N     . VAL A 1 176 ? 12.592  -5.644  -0.241  1.00 28.37 ? 176 VAL A N     1 
ATOM   1322 C  CA    . VAL A 1 176 ? 13.610  -5.289  -1.217  1.00 30.39 ? 176 VAL A CA    1 
ATOM   1323 C  C     . VAL A 1 176 ? 14.983  -5.568  -0.596  1.00 31.37 ? 176 VAL A C     1 
ATOM   1324 O  O     . VAL A 1 176 ? 15.922  -5.955  -1.290  1.00 32.62 ? 176 VAL A O     1 
ATOM   1325 C  CB    . VAL A 1 176 ? 13.494  -3.811  -1.643  1.00 30.61 ? 176 VAL A CB    1 
ATOM   1326 C  CG1   . VAL A 1 176 ? 13.839  -2.904  -0.485  1.00 33.83 ? 176 VAL A CG1   1 
ATOM   1327 C  CG2   . VAL A 1 176 ? 14.399  -3.542  -2.830  1.00 31.17 ? 176 VAL A CG2   1 
ATOM   1328 N  N     . HIS A 1 177 ? 15.095  -5.392  0.717   1.00 32.21 ? 177 HIS A N     1 
ATOM   1329 C  CA    . HIS A 1 177 ? 16.360  -5.672  1.392   1.00 32.64 ? 177 HIS A CA    1 
ATOM   1330 C  C     . HIS A 1 177 ? 16.722  -7.139  1.186   1.00 32.15 ? 177 HIS A C     1 
ATOM   1331 O  O     . HIS A 1 177 ? 17.879  -7.466  0.944   1.00 32.62 ? 177 HIS A O     1 
ATOM   1332 C  CB    . HIS A 1 177 ? 16.268  -5.369  2.893   1.00 33.93 ? 177 HIS A CB    1 
ATOM   1333 C  CG    . HIS A 1 177 ? 17.533  -5.652  3.646   1.00 33.21 ? 177 HIS A CG    1 
ATOM   1334 N  ND1   . HIS A 1 177 ? 18.731  -5.039  3.348   1.00 33.61 ? 177 HIS A ND1   1 
ATOM   1335 C  CD2   . HIS A 1 177 ? 17.792  -6.505  4.665   1.00 32.79 ? 177 HIS A CD2   1 
ATOM   1336 C  CE1   . HIS A 1 177 ? 19.674  -5.507  4.146   1.00 32.34 ? 177 HIS A CE1   1 
ATOM   1337 N  NE2   . HIS A 1 177 ? 19.131  -6.398  4.953   1.00 32.80 ? 177 HIS A NE2   1 
ATOM   1338 N  N     . ALA A 1 178 ? 15.729  -8.018  1.287   1.00 31.90 ? 178 ALA A N     1 
ATOM   1339 C  CA    . ALA A 1 178 ? 15.941  -9.451  1.086   1.00 32.47 ? 178 ALA A CA    1 
ATOM   1340 C  C     . ALA A 1 178 ? 16.362  -9.722  -0.360  1.00 33.54 ? 178 ALA A C     1 
ATOM   1341 O  O     . ALA A 1 178 ? 17.125  -10.641 -0.642  1.00 34.10 ? 178 ALA A O     1 
ATOM   1342 C  CB    . ALA A 1 178 ? 14.665  -10.222 1.405   1.00 29.93 ? 178 ALA A CB    1 
ATOM   1343 N  N     . VAL A 1 179 ? 15.857  -8.915  -1.279  1.00 35.14 ? 179 VAL A N     1 
ATOM   1344 C  CA    . VAL A 1 179 ? 16.188  -9.089  -2.677  1.00 35.61 ? 179 VAL A CA    1 
ATOM   1345 C  C     . VAL A 1 179 ? 17.614  -8.624  -2.952  1.00 37.14 ? 179 VAL A C     1 
ATOM   1346 O  O     . VAL A 1 179 ? 18.364  -9.297  -3.660  1.00 39.44 ? 179 VAL A O     1 
ATOM   1347 C  CB    . VAL A 1 179 ? 15.200  -8.314  -3.573  1.00 34.31 ? 179 VAL A CB    1 
ATOM   1348 C  CG1   . VAL A 1 179 ? 15.669  -8.339  -5.020  1.00 35.24 ? 179 VAL A CG1   1 
ATOM   1349 C  CG2   . VAL A 1 179 ? 13.821  -8.934  -3.460  1.00 31.86 ? 179 VAL A CG2   1 
ATOM   1350 N  N     . THR A 1 180 ? 17.992  -7.485  -2.382  1.00 37.73 ? 180 THR A N     1 
ATOM   1351 C  CA    . THR A 1 180 ? 19.334  -6.944  -2.591  1.00 38.18 ? 180 THR A CA    1 
ATOM   1352 C  C     . THR A 1 180 ? 20.429  -7.766  -1.918  1.00 38.63 ? 180 THR A C     1 
ATOM   1353 O  O     . THR A 1 180 ? 21.605  -7.620  -2.245  1.00 38.17 ? 180 THR A O     1 
ATOM   1354 C  CB    . THR A 1 180 ? 19.446  -5.501  -2.083  1.00 37.85 ? 180 THR A CB    1 
ATOM   1355 O  OG1   . THR A 1 180 ? 19.255  -5.480  -0.664  1.00 38.94 ? 180 THR A OG1   1 
ATOM   1356 C  CG2   . THR A 1 180 ? 18.411  -4.624  -2.758  1.00 36.51 ? 180 THR A CG2   1 
ATOM   1357 N  N     . THR A 1 181 ? 20.044  -8.617  -0.973  1.00 39.21 ? 181 THR A N     1 
ATOM   1358 C  CA    . THR A 1 181 ? 21.002  -9.464  -0.281  1.00 38.48 ? 181 THR A CA    1 
ATOM   1359 C  C     . THR A 1 181 ? 21.001  -10.825 -0.953  1.00 39.02 ? 181 THR A C     1 
ATOM   1360 O  O     . THR A 1 181 ? 21.595  -11.776 -0.455  1.00 39.51 ? 181 THR A O     1 
ATOM   1361 C  CB    . THR A 1 181 ? 20.629  -9.663  1.185   1.00 38.70 ? 181 THR A CB    1 
ATOM   1362 O  OG1   . THR A 1 181 ? 19.373  -10.345 1.260   1.00 40.51 ? 181 THR A OG1   1 
ATOM   1363 C  CG2   . THR A 1 181 ? 20.548  -8.321  1.907   1.00 37.89 ? 181 THR A CG2   1 
ATOM   1364 N  N     . GLY A 1 182 ? 20.312  -10.914 -2.084  1.00 38.86 ? 182 GLY A N     1 
ATOM   1365 C  CA    . GLY A 1 182 ? 20.264  -12.164 -2.814  1.00 39.76 ? 182 GLY A CA    1 
ATOM   1366 C  C     . GLY A 1 182 ? 19.454  -13.270 -2.169  1.00 40.19 ? 182 GLY A C     1 
ATOM   1367 O  O     . GLY A 1 182 ? 19.568  -14.432 -2.569  1.00 40.62 ? 182 GLY A O     1 
ATOM   1368 N  N     . PHE A 1 183 ? 18.633  -12.925 -1.183  1.00 40.32 ? 183 PHE A N     1 
ATOM   1369 C  CA    . PHE A 1 183 ? 17.814  -13.928 -0.519  1.00 39.75 ? 183 PHE A CA    1 
ATOM   1370 C  C     . PHE A 1 183 ? 16.619  -14.289 -1.386  1.00 39.95 ? 183 PHE A C     1 
ATOM   1371 O  O     . PHE A 1 183 ? 16.266  -15.456 -1.496  1.00 39.57 ? 183 PHE A O     1 
ATOM   1372 C  CB    . PHE A 1 183 ? 17.322  -13.422 0.842   1.00 40.73 ? 183 PHE A CB    1 
ATOM   1373 C  CG    . PHE A 1 183 ? 16.571  -14.460 1.637   1.00 41.96 ? 183 PHE A CG    1 
ATOM   1374 C  CD1   . PHE A 1 183 ? 17.245  -15.546 2.204   1.00 40.83 ? 183 PHE A CD1   1 
ATOM   1375 C  CD2   . PHE A 1 183 ? 15.185  -14.380 1.787   1.00 41.53 ? 183 PHE A CD2   1 
ATOM   1376 C  CE1   . PHE A 1 183 ? 16.552  -16.538 2.906   1.00 40.44 ? 183 PHE A CE1   1 
ATOM   1377 C  CE2   . PHE A 1 183 ? 14.484  -15.371 2.488   1.00 41.76 ? 183 PHE A CE2   1 
ATOM   1378 C  CZ    . PHE A 1 183 ? 15.172  -16.453 3.047   1.00 39.98 ? 183 PHE A CZ    1 
ATOM   1379 N  N     . ALA A 1 184 ? 16.006  -13.286 -2.008  1.00 41.13 ? 184 ALA A N     1 
ATOM   1380 C  CA    . ALA A 1 184 ? 14.837  -13.511 -2.857  1.00 43.52 ? 184 ALA A CA    1 
ATOM   1381 C  C     . ALA A 1 184 ? 14.920  -12.754 -4.185  1.00 45.03 ? 184 ALA A C     1 
ATOM   1382 O  O     . ALA A 1 184 ? 15.856  -11.977 -4.415  1.00 45.27 ? 184 ALA A O     1 
ATOM   1383 C  CB    . ALA A 1 184 ? 13.564  -13.110 -2.102  1.00 41.90 ? 184 ALA A CB    1 
ATOM   1384 N  N     . GLN A 1 185 ? 13.938  -12.989 -5.053  1.00 46.07 ? 185 GLN A N     1 
ATOM   1385 C  CA    . GLN A 1 185 ? 13.876  -12.340 -6.366  1.00 49.37 ? 185 GLN A CA    1 
ATOM   1386 C  C     . GLN A 1 185 ? 12.544  -11.609 -6.539  1.00 49.64 ? 185 GLN A C     1 
ATOM   1387 O  O     . GLN A 1 185 ? 11.545  -11.975 -5.912  1.00 51.18 ? 185 GLN A O     1 
ATOM   1388 C  CB    . GLN A 1 185 ? 13.971  -13.381 -7.492  1.00 52.38 ? 185 GLN A CB    1 
ATOM   1389 C  CG    . GLN A 1 185 ? 15.205  -14.253 -7.496  1.00 57.26 ? 185 GLN A CG    1 
ATOM   1390 C  CD    . GLN A 1 185 ? 16.464  -13.450 -7.692  1.00 60.66 ? 185 GLN A CD    1 
ATOM   1391 O  OE1   . GLN A 1 185 ? 16.535  -12.609 -8.589  1.00 62.26 ? 185 GLN A OE1   1 
ATOM   1392 N  NE2   . GLN A 1 185 ? 17.474  -13.706 -6.856  1.00 63.37 ? 185 GLN A NE2   1 
ATOM   1393 N  N     . PRO A 1 186 ? 12.508  -10.562 -7.388  1.00 48.07 ? 186 PRO A N     1 
ATOM   1394 C  CA    . PRO A 1 186 ? 11.252  -9.834  -7.607  1.00 47.18 ? 186 PRO A CA    1 
ATOM   1395 C  C     . PRO A 1 186 ? 10.296  -10.776 -8.351  1.00 46.75 ? 186 PRO A C     1 
ATOM   1396 O  O     . PRO A 1 186 ? 10.660  -11.914 -8.653  1.00 47.22 ? 186 PRO A O     1 
ATOM   1397 C  CB    . PRO A 1 186 ? 11.677  -8.655  -8.473  1.00 46.84 ? 186 PRO A CB    1 
ATOM   1398 C  CG    . PRO A 1 186 ? 13.078  -8.415  -8.043  1.00 48.15 ? 186 PRO A CG    1 
ATOM   1399 C  CD    . PRO A 1 186 ? 13.645  -9.813  -7.947  1.00 48.08 ? 186 PRO A CD    1 
ATOM   1400 N  N     . ARG A 1 187 ? 9.089   -10.315 -8.653  1.00 44.21 ? 187 ARG A N     1 
ATOM   1401 C  CA    . ARG A 1 187 ? 8.138   -11.163 -9.349  1.00 41.90 ? 187 ARG A CA    1 
ATOM   1402 C  C     . ARG A 1 187 ? 7.486   -10.448 -10.522 1.00 42.15 ? 187 ARG A C     1 
ATOM   1403 O  O     . ARG A 1 187 ? 7.470   -9.221  -10.570 1.00 41.96 ? 187 ARG A O     1 
ATOM   1404 C  CB    . ARG A 1 187 ? 7.071   -11.666 -8.371  1.00 41.33 ? 187 ARG A CB    1 
ATOM   1405 C  CG    . ARG A 1 187 ? 7.550   -12.797 -7.461  1.00 40.94 ? 187 ARG A CG    1 
ATOM   1406 C  CD    . ARG A 1 187 ? 6.489   -13.186 -6.431  1.00 40.17 ? 187 ARG A CD    1 
ATOM   1407 N  NE    . ARG A 1 187 ? 6.397   -12.221 -5.335  1.00 39.85 ? 187 ARG A NE    1 
ATOM   1408 C  CZ    . ARG A 1 187 ? 5.298   -12.014 -4.615  1.00 39.15 ? 187 ARG A CZ    1 
ATOM   1409 N  NH1   . ARG A 1 187 ? 4.196   -12.708 -4.875  1.00 37.76 ? 187 ARG A NH1   1 
ATOM   1410 N  NH2   . ARG A 1 187 ? 5.291   -11.097 -3.651  1.00 37.77 ? 187 ARG A NH2   1 
ATOM   1411 N  N     . PRO A 1 188 ? 6.951   -11.216 -11.493 1.00 42.28 ? 188 PRO A N     1 
ATOM   1412 C  CA    . PRO A 1 188 ? 6.281   -10.713 -12.700 1.00 42.03 ? 188 PRO A CA    1 
ATOM   1413 C  C     . PRO A 1 188 ? 5.069   -9.854  -12.372 1.00 42.17 ? 188 PRO A C     1 
ATOM   1414 O  O     . PRO A 1 188 ? 4.367   -10.114 -11.397 1.00 41.57 ? 188 PRO A O     1 
ATOM   1415 C  CB    . PRO A 1 188 ? 5.879   -11.992 -13.430 1.00 42.14 ? 188 PRO A CB    1 
ATOM   1416 C  CG    . PRO A 1 188 ? 6.935   -12.962 -13.017 1.00 42.18 ? 188 PRO A CG    1 
ATOM   1417 C  CD    . PRO A 1 188 ? 7.059   -12.686 -11.542 1.00 42.20 ? 188 PRO A CD    1 
ATOM   1418 N  N     . LEU A 1 189 ? 4.812   -8.843  -13.194 1.00 42.50 ? 189 LEU A N     1 
ATOM   1419 C  CA    . LEU A 1 189 ? 3.676   -7.968  -12.956 1.00 44.88 ? 189 LEU A CA    1 
ATOM   1420 C  C     . LEU A 1 189 ? 2.339   -8.694  -12.979 1.00 46.84 ? 189 LEU A C     1 
ATOM   1421 O  O     . LEU A 1 189 ? 1.375   -8.251  -12.346 1.00 47.93 ? 189 LEU A O     1 
ATOM   1422 C  CB    . LEU A 1 189 ? 3.643   -6.832  -13.977 1.00 44.46 ? 189 LEU A CB    1 
ATOM   1423 C  CG    . LEU A 1 189 ? 4.465   -5.591  -13.650 1.00 44.60 ? 189 LEU A CG    1 
ATOM   1424 C  CD1   . LEU A 1 189 ? 4.206   -4.541  -14.715 1.00 43.02 ? 189 LEU A CD1   1 
ATOM   1425 C  CD2   . LEU A 1 189 ? 4.091   -5.065  -12.269 1.00 41.72 ? 189 LEU A CD2   1 
ATOM   1426 N  N     . ASP A 1 190 ? 2.274   -9.802  -13.713 1.00 48.80 ? 190 ASP A N     1 
ATOM   1427 C  CA    . ASP A 1 190 ? 1.037   -10.574 -13.803 1.00 49.50 ? 190 ASP A CA    1 
ATOM   1428 C  C     . ASP A 1 190 ? 0.874   -11.561 -12.648 1.00 48.12 ? 190 ASP A C     1 
ATOM   1429 O  O     . ASP A 1 190 ? 0.134   -12.537 -12.765 1.00 49.18 ? 190 ASP A O     1 
ATOM   1430 C  CB    . ASP A 1 190 ? 0.950   -11.323 -15.147 1.00 52.02 ? 190 ASP A CB    1 
ATOM   1431 C  CG    . ASP A 1 190 ? 2.182   -12.162 -15.442 1.00 53.86 ? 190 ASP A CG    1 
ATOM   1432 O  OD1   . ASP A 1 190 ? 2.654   -12.885 -14.540 1.00 56.15 ? 190 ASP A OD1   1 
ATOM   1433 O  OD2   . ASP A 1 190 ? 2.674   -12.107 -16.587 1.00 56.99 ? 190 ASP A OD2   1 
ATOM   1434 N  N     . THR A 1 191 ? 1.569   -11.311 -11.540 1.00 46.08 ? 191 THR A N     1 
ATOM   1435 C  CA    . THR A 1 191 ? 1.466   -12.175 -10.366 1.00 43.17 ? 191 THR A CA    1 
ATOM   1436 C  C     . THR A 1 191 ? 0.081   -11.959 -9.767  1.00 42.14 ? 191 THR A C     1 
ATOM   1437 O  O     . THR A 1 191 ? -0.388  -10.821 -9.682  1.00 41.67 ? 191 THR A O     1 
ATOM   1438 C  CB    . THR A 1 191 ? 2.536   -11.828 -9.310  1.00 42.20 ? 191 THR A CB    1 
ATOM   1439 O  OG1   . THR A 1 191 ? 3.834   -12.066 -9.857  1.00 42.34 ? 191 THR A OG1   1 
ATOM   1440 C  CG2   . THR A 1 191 ? 2.356   -12.677 -8.061  1.00 40.16 ? 191 THR A CG2   1 
ATOM   1441 N  N     . GLU A 1 192 ? -0.572  -13.048 -9.368  1.00 40.85 ? 192 GLU A N     1 
ATOM   1442 C  CA    . GLU A 1 192 ? -1.913  -12.970 -8.793  1.00 41.08 ? 192 GLU A CA    1 
ATOM   1443 C  C     . GLU A 1 192 ? -1.927  -12.182 -7.499  1.00 38.73 ? 192 GLU A C     1 
ATOM   1444 O  O     . GLU A 1 192 ? -1.057  -12.351 -6.646  1.00 39.65 ? 192 GLU A O     1 
ATOM   1445 C  CB    . GLU A 1 192 ? -2.480  -14.373 -8.535  1.00 44.61 ? 192 GLU A CB    1 
ATOM   1446 C  CG    . GLU A 1 192 ? -1.676  -15.232 -7.543  1.00 51.21 ? 192 GLU A CG    1 
ATOM   1447 C  CD    . GLU A 1 192 ? -2.163  -16.688 -7.473  1.00 54.55 ? 192 GLU A CD    1 
ATOM   1448 O  OE1   . GLU A 1 192 ? -3.345  -16.912 -7.123  1.00 59.28 ? 192 GLU A OE1   1 
ATOM   1449 O  OE2   . GLU A 1 192 ? -1.369  -17.610 -7.767  1.00 54.50 ? 192 GLU A OE2   1 
ATOM   1450 N  N     . TRP A 1 193 ? -2.912  -11.305 -7.372  1.00 35.33 ? 193 TRP A N     1 
ATOM   1451 C  CA    . TRP A 1 193 ? -3.078  -10.498 -6.176  1.00 32.69 ? 193 TRP A CA    1 
ATOM   1452 C  C     . TRP A 1 193 ? -4.358  -11.060 -5.587  1.00 31.44 ? 193 TRP A C     1 
ATOM   1453 O  O     . TRP A 1 193 ? -5.458  -10.627 -5.920  1.00 30.94 ? 193 TRP A O     1 
ATOM   1454 C  CB    . TRP A 1 193 ? -3.237  -9.018  -6.547  1.00 32.44 ? 193 TRP A CB    1 
ATOM   1455 C  CG    . TRP A 1 193 ? -3.299  -8.061  -5.371  1.00 32.73 ? 193 TRP A CG    1 
ATOM   1456 C  CD1   . TRP A 1 193 ? -3.139  -8.366  -4.041  1.00 32.30 ? 193 TRP A CD1   1 
ATOM   1457 C  CD2   . TRP A 1 193 ? -3.560  -6.648  -5.427  1.00 32.90 ? 193 TRP A CD2   1 
ATOM   1458 N  NE1   . TRP A 1 193 ? -3.289  -7.232  -3.274  1.00 31.64 ? 193 TRP A NE1   1 
ATOM   1459 C  CE2   . TRP A 1 193 ? -3.548  -6.166  -4.098  1.00 32.37 ? 193 TRP A CE2   1 
ATOM   1460 C  CE3   . TRP A 1 193 ? -3.807  -5.744  -6.472  1.00 33.08 ? 193 TRP A CE3   1 
ATOM   1461 C  CZ2   . TRP A 1 193 ? -3.772  -4.817  -3.788  1.00 32.94 ? 193 TRP A CZ2   1 
ATOM   1462 C  CZ3   . TRP A 1 193 ? -4.030  -4.399  -6.160  1.00 32.79 ? 193 TRP A CZ3   1 
ATOM   1463 C  CH2   . TRP A 1 193 ? -4.012  -3.953  -4.831  1.00 32.83 ? 193 TRP A CH2   1 
ATOM   1464 N  N     . ILE A 1 194 ? -4.194  -12.053 -4.723  1.00 30.01 ? 194 ILE A N     1 
ATOM   1465 C  CA    . ILE A 1 194 ? -5.313  -12.743 -4.096  1.00 28.92 ? 194 ILE A CA    1 
ATOM   1466 C  C     . ILE A 1 194 ? -6.381  -11.912 -3.401  1.00 29.68 ? 194 ILE A C     1 
ATOM   1467 O  O     . ILE A 1 194 ? -7.571  -12.107 -3.650  1.00 31.08 ? 194 ILE A O     1 
ATOM   1468 C  CB    . ILE A 1 194 ? -4.806  -13.773 -3.075  1.00 28.12 ? 194 ILE A CB    1 
ATOM   1469 C  CG1   . ILE A 1 194 ? -3.829  -14.729 -3.754  1.00 28.66 ? 194 ILE A CG1   1 
ATOM   1470 C  CG2   . ILE A 1 194 ? -5.979  -14.529 -2.469  1.00 24.70 ? 194 ILE A CG2   1 
ATOM   1471 C  CD1   . ILE A 1 194 ? -3.333  -15.836 -2.848  1.00 32.62 ? 194 ILE A CD1   1 
ATOM   1472 N  N     . ASP A 1 195 ? -5.958  -10.995 -2.535  1.00 29.67 ? 195 ASP A N     1 
ATOM   1473 C  CA    . ASP A 1 195 ? -6.888  -10.192 -1.751  1.00 28.55 ? 195 ASP A CA    1 
ATOM   1474 C  C     . ASP A 1 195 ? -7.179  -8.778  -2.212  1.00 28.16 ? 195 ASP A C     1 
ATOM   1475 O  O     . ASP A 1 195 ? -7.612  -7.954  -1.419  1.00 26.97 ? 195 ASP A O     1 
ATOM   1476 C  CB    . ASP A 1 195 ? -6.413  -10.159 -0.294  1.00 29.32 ? 195 ASP A CB    1 
ATOM   1477 C  CG    . ASP A 1 195 ? -6.194  -11.553 0.278   1.00 30.11 ? 195 ASP A CG    1 
ATOM   1478 O  OD1   . ASP A 1 195 ? -7.152  -12.357 0.290   1.00 30.56 ? 195 ASP A OD1   1 
ATOM   1479 O  OD2   . ASP A 1 195 ? -5.065  -11.850 0.714   1.00 29.58 ? 195 ASP A OD2   1 
ATOM   1480 N  N     . ARG A 1 196 ? -6.958  -8.483  -3.485  1.00 29.49 ? 196 ARG A N     1 
ATOM   1481 C  CA    . ARG A 1 196 ? -7.243  -7.139  -3.966  1.00 31.15 ? 196 ARG A CA    1 
ATOM   1482 C  C     . ARG A 1 196 ? -8.716  -6.827  -3.705  1.00 32.61 ? 196 ARG A C     1 
ATOM   1483 O  O     . ARG A 1 196 ? -9.601  -7.548  -4.173  1.00 33.02 ? 196 ARG A O     1 
ATOM   1484 C  CB    . ARG A 1 196 ? -6.949  -7.030  -5.459  1.00 31.08 ? 196 ARG A CB    1 
ATOM   1485 C  CG    . ARG A 1 196 ? -7.414  -5.717  -6.057  1.00 33.49 ? 196 ARG A CG    1 
ATOM   1486 C  CD    . ARG A 1 196 ? -7.226  -5.688  -7.559  1.00 34.59 ? 196 ARG A CD    1 
ATOM   1487 N  NE    . ARG A 1 196 ? -7.812  -4.490  -8.154  1.00 35.82 ? 196 ARG A NE    1 
ATOM   1488 C  CZ    . ARG A 1 196 ? -7.747  -4.194  -9.450  1.00 36.34 ? 196 ARG A CZ    1 
ATOM   1489 N  NH1   . ARG A 1 196 ? -7.123  -5.009  -10.296 1.00 34.32 ? 196 ARG A NH1   1 
ATOM   1490 N  NH2   . ARG A 1 196 ? -8.296  -3.071  -9.903  1.00 35.90 ? 196 ARG A NH2   1 
ATOM   1491 N  N     . PRO A 1 197 ? -8.998  -5.746  -2.952  1.00 33.70 ? 197 PRO A N     1 
ATOM   1492 C  CA    . PRO A 1 197 ? -10.360 -5.324  -2.611  1.00 34.33 ? 197 PRO A CA    1 
ATOM   1493 C  C     . PRO A 1 197 ? -11.261 -5.085  -3.822  1.00 35.87 ? 197 PRO A C     1 
ATOM   1494 O  O     . PRO A 1 197 ? -10.797 -4.650  -4.885  1.00 35.60 ? 197 PRO A O     1 
ATOM   1495 C  CB    . PRO A 1 197 ? -10.138 -4.041  -1.812  1.00 32.46 ? 197 PRO A CB    1 
ATOM   1496 C  CG    . PRO A 1 197 ? -8.805  -4.244  -1.204  1.00 32.67 ? 197 PRO A CG    1 
ATOM   1497 C  CD    . PRO A 1 197 ? -8.017  -4.831  -2.344  1.00 33.57 ? 197 PRO A CD    1 
ATOM   1498 N  N     . THR A 1 198 ? -12.553 -5.359  -3.635  1.00 35.98 ? 198 THR A N     1 
ATOM   1499 C  CA    . THR A 1 198 ? -13.553 -5.177  -4.678  1.00 35.54 ? 198 THR A CA    1 
ATOM   1500 C  C     . THR A 1 198 ? -14.849 -4.593  -4.121  1.00 37.16 ? 198 THR A C     1 
ATOM   1501 O  O     . THR A 1 198 ? -15.550 -3.855  -4.807  1.00 37.86 ? 198 THR A O     1 
ATOM   1502 C  CB    . THR A 1 198 ? -13.869 -6.508  -5.368  1.00 34.34 ? 198 THR A CB    1 
ATOM   1503 O  OG1   . THR A 1 198 ? -14.249 -7.477  -4.389  1.00 36.30 ? 198 THR A OG1   1 
ATOM   1504 C  CG2   . THR A 1 198 ? -12.652 -7.022  -6.118  1.00 34.54 ? 198 THR A CG2   1 
ATOM   1505 N  N     . ALA A 1 199 ? -15.144 -4.905  -2.866  1.00 38.46 ? 199 ALA A N     1 
ATOM   1506 C  CA    . ALA A 1 199 ? -16.364 -4.445  -2.212  1.00 39.41 ? 199 ALA A CA    1 
ATOM   1507 C  C     . ALA A 1 199 ? -16.695 -2.956  -2.316  1.00 40.35 ? 199 ALA A C     1 
ATOM   1508 O  O     . ALA A 1 199 ? -17.732 -2.592  -2.870  1.00 41.75 ? 199 ALA A O     1 
ATOM   1509 C  CB    . ALA A 1 199 ? -16.348 -4.863  -0.738  1.00 40.00 ? 199 ALA A CB    1 
ATOM   1510 N  N     . PHE A 1 200 ? -15.835 -2.096  -1.777  1.00 40.56 ? 200 PHE A N     1 
ATOM   1511 C  CA    . PHE A 1 200 ? -16.098 -0.661  -1.806  1.00 40.87 ? 200 PHE A CA    1 
ATOM   1512 C  C     . PHE A 1 200 ? -16.183 -0.104  -3.219  1.00 43.44 ? 200 PHE A C     1 
ATOM   1513 O  O     . PHE A 1 200 ? -17.083 0.679   -3.521  1.00 44.53 ? 200 PHE A O     1 
ATOM   1514 C  CB    . PHE A 1 200 ? -15.036 0.111   -1.025  1.00 38.71 ? 200 PHE A CB    1 
ATOM   1515 C  CG    . PHE A 1 200 ? -15.420 1.537   -0.736  1.00 37.63 ? 200 PHE A CG    1 
ATOM   1516 C  CD1   . PHE A 1 200 ? -16.502 1.825   0.090   1.00 37.09 ? 200 PHE A CD1   1 
ATOM   1517 C  CD2   . PHE A 1 200 ? -14.698 2.596   -1.285  1.00 37.91 ? 200 PHE A CD2   1 
ATOM   1518 C  CE1   . PHE A 1 200 ? -16.864 3.147   0.375   1.00 37.09 ? 200 PHE A CE1   1 
ATOM   1519 C  CE2   . PHE A 1 200 ? -15.050 3.925   -1.008  1.00 37.87 ? 200 PHE A CE2   1 
ATOM   1520 C  CZ    . PHE A 1 200 ? -16.138 4.200   -0.174  1.00 37.56 ? 200 PHE A CZ    1 
ATOM   1521 N  N     . ALA A 1 201 ? -15.245 -0.495  -4.081  1.00 44.91 ? 201 ALA A N     1 
ATOM   1522 C  CA    . ALA A 1 201 ? -15.246 -0.022  -5.462  1.00 45.79 ? 201 ALA A CA    1 
ATOM   1523 C  C     . ALA A 1 201 ? -16.538 -0.469  -6.139  1.00 46.98 ? 201 ALA A C     1 
ATOM   1524 O  O     . ALA A 1 201 ? -17.116 0.261   -6.945  1.00 47.67 ? 201 ALA A O     1 
ATOM   1525 C  CB    . ALA A 1 201 ? -14.051 -0.578  -6.211  1.00 44.34 ? 201 ALA A CB    1 
ATOM   1526 N  N     . ALA A 1 202 ? -16.981 -1.675  -5.794  1.00 46.87 ? 202 ALA A N     1 
ATOM   1527 C  CA    . ALA A 1 202 ? -18.198 -2.240  -6.353  1.00 46.90 ? 202 ALA A CA    1 
ATOM   1528 C  C     . ALA A 1 202 ? -19.448 -1.479  -5.933  1.00 47.77 ? 202 ALA A C     1 
ATOM   1529 O  O     . ALA A 1 202 ? -20.466 -1.555  -6.616  1.00 47.91 ? 202 ALA A O     1 
ATOM   1530 C  CB    . ALA A 1 202 ? -18.335 -3.700  -5.947  1.00 47.41 ? 202 ALA A CB    1 
ATOM   1531 N  N     . ARG A 1 203 ? -19.382 -0.762  -4.813  1.00 48.80 ? 203 ARG A N     1 
ATOM   1532 C  CA    . ARG A 1 203 ? -20.536 -0.008  -4.338  1.00 50.68 ? 203 ARG A CA    1 
ATOM   1533 C  C     . ARG A 1 203 ? -21.125 0.920   -5.382  1.00 53.65 ? 203 ARG A C     1 
ATOM   1534 O  O     . ARG A 1 203 ? -22.344 0.976   -5.557  1.00 55.51 ? 203 ARG A O     1 
ATOM   1535 C  CB    . ARG A 1 203 ? -20.184 0.778   -3.081  1.00 48.24 ? 203 ARG A CB    1 
ATOM   1536 C  CG    . ARG A 1 203 ? -20.259 -0.087  -1.861  1.00 44.39 ? 203 ARG A CG    1 
ATOM   1537 C  CD    . ARG A 1 203 ? -19.917 0.646   -0.582  1.00 43.37 ? 203 ARG A CD    1 
ATOM   1538 N  NE    . ARG A 1 203 ? -20.093 -0.276  0.534   1.00 42.64 ? 203 ARG A NE    1 
ATOM   1539 C  CZ    . ARG A 1 203 ? -21.278 -0.675  0.984   1.00 42.29 ? 203 ARG A CZ    1 
ATOM   1540 N  NH1   . ARG A 1 203 ? -22.385 -0.201  0.422   1.00 41.71 ? 203 ARG A NH1   1 
ATOM   1541 N  NH2   . ARG A 1 203 ? -21.360 -1.598  1.939   1.00 39.52 ? 203 ARG A NH2   1 
ATOM   1542 N  N     . ARG A 1 204 ? -20.280 1.662   -6.076  1.00 55.90 ? 204 ARG A N     1 
ATOM   1543 C  CA    . ARG A 1 204 ? -20.823 2.529   -7.095  1.00 59.21 ? 204 ARG A CA    1 
ATOM   1544 C  C     . ARG A 1 204 ? -20.408 2.073   -8.480  1.00 60.12 ? 204 ARG A C     1 
ATOM   1545 O  O     . ARG A 1 204 ? -20.884 2.681   -9.447  1.00 61.48 ? 204 ARG A O     1 
ATOM   1546 C  CB    . ARG A 1 204 ? -20.409 3.979   -6.851  1.00 60.96 ? 204 ARG A CB    1 
ATOM   1547 C  CG    . ARG A 1 204 ? -21.247 4.679   -5.791  1.00 61.90 ? 204 ARG A CG    1 
ATOM   1548 C  CD    . ARG A 1 204 ? -21.523 6.099   -6.239  1.00 64.16 ? 204 ARG A CD    1 
ATOM   1549 N  NE    . ARG A 1 204 ? -21.224 7.129   -5.240  1.00 66.51 ? 204 ARG A NE    1 
ATOM   1550 C  CZ    . ARG A 1 204 ? -20.456 8.190   -5.482  1.00 67.48 ? 204 ARG A CZ    1 
ATOM   1551 N  NH1   . ARG A 1 204 ? -19.897 8.345   -6.682  1.00 67.90 ? 204 ARG A NH1   1 
ATOM   1552 N  NH2   . ARG A 1 204 ? -20.288 9.125   -4.555  1.00 67.99 ? 204 ARG A NH2   1 
HETATM 1553 MN MN    . MN  B 2 .   ? -0.028  8.830   -1.282  1.00 40.67 ? 401 MN  A MN    1 
HETATM 1554 MN MN    . MN  C 2 .   ? -0.769  10.445  -4.054  1.00 55.26 ? 402 MN  A MN    1 
HETATM 1555 MN MN    . MN  D 2 .   ? -4.133  9.216   -5.231  1.00 61.67 ? 403 MN  A MN    1 
HETATM 1556 P  PA    . ADV E 3 .   ? -3.092  8.887   -2.156  1.00 56.12 ? 301 ADV A PA    1 
HETATM 1557 O  "O5'" . ADV E 3 .   ? -4.104  10.047  -1.850  1.00 57.90 ? 301 ADV A "O5'" 1 
HETATM 1558 C  "C5'" . ADV E 3 .   ? -3.681  11.263  -1.183  1.00 61.86 ? 301 ADV A "C5'" 1 
HETATM 1559 C  "C4'" . ADV E 3 .   ? -4.691  12.093  -1.051  1.00 65.51 ? 301 ADV A "C4'" 1 
HETATM 1560 O  "O4'" . ADV E 3 .   ? -5.703  11.704  -0.295  1.00 67.06 ? 301 ADV A "O4'" 1 
HETATM 1561 C  "C3'" . ADV E 3 .   ? -4.362  13.073  0.144   1.00 66.79 ? 301 ADV A "C3'" 1 
HETATM 1562 O  "O3'" . ADV E 3 .   ? -3.472  14.211  -0.450  1.00 64.70 ? 301 ADV A "O3'" 1 
HETATM 1563 C  "C2'" . ADV E 3 .   ? -5.555  13.544  0.687   1.00 67.75 ? 301 ADV A "C2'" 1 
HETATM 1564 O  "O2'" . ADV E 3 .   ? -6.079  14.511  -0.004  1.00 69.28 ? 301 ADV A "O2'" 1 
HETATM 1565 C  "C1'" . ADV E 3 .   ? -6.431  12.227  0.732   1.00 67.21 ? 301 ADV A "C1'" 1 
HETATM 1566 N  N9    . ADV E 3 .   ? -6.857  11.559  1.923   1.00 67.57 ? 301 ADV A N9    1 
HETATM 1567 C  C8    . ADV E 3 .   ? -5.918  10.986  2.806   1.00 68.14 ? 301 ADV A C8    1 
HETATM 1568 N  N7    . ADV E 3 .   ? -6.542  10.402  3.874   1.00 67.05 ? 301 ADV A N7    1 
HETATM 1569 C  C5    . ADV E 3 .   ? -7.882  10.584  3.705   1.00 65.85 ? 301 ADV A C5    1 
HETATM 1570 C  C6    . ADV E 3 .   ? -8.967  10.200  4.472   1.00 63.90 ? 301 ADV A C6    1 
HETATM 1571 N  N6    . ADV E 3 .   ? -8.708  9.515   5.618   1.00 60.41 ? 301 ADV A N6    1 
HETATM 1572 N  N1    . ADV E 3 .   ? -10.294 10.515  4.080   1.00 64.19 ? 301 ADV A N1    1 
HETATM 1573 C  C2    . ADV E 3 .   ? -10.568 11.226  2.890   1.00 66.00 ? 301 ADV A C2    1 
HETATM 1574 N  N3    . ADV E 3 .   ? -9.456  11.619  2.098   1.00 66.86 ? 301 ADV A N3    1 
HETATM 1575 C  C4    . ADV E 3 .   ? -8.131  11.315  2.472   1.00 67.06 ? 301 ADV A C4    1 
HETATM 1576 C  CX    . ADV E 3 .   ? -2.950  7.839   -0.941  1.00 51.29 ? 301 ADV A CX    1 
HETATM 1577 P  PB    . ADV E 3 .   ? -2.372  7.807   0.530   1.00 44.32 ? 301 ADV A PB    1 
HETATM 1578 O  O1B   . ADV E 3 .   ? -3.070  8.823   1.426   1.00 42.76 ? 301 ADV A O1B   1 
HETATM 1579 O  OR5   . ADV E 3 .   ? -0.855  8.119   0.476   1.00 40.99 ? 301 ADV A OR5   1 
HETATM 1580 O  O2A   . ADV E 3 .   ? -1.628  9.546   -2.412  1.00 53.86 ? 301 ADV A O2A   1 
HETATM 1581 O  O2B   . ADV E 3 .   ? -2.523  6.437   1.170   1.00 41.83 ? 301 ADV A O2B   1 
HETATM 1582 O  O1A   . ADV E 3 .   ? -3.783  8.238   -3.405  1.00 56.92 ? 301 ADV A O1A   1 
HETATM 1583 O  O     . HOH F 4 .   ? -5.933  10.042  -4.476  1.00 60.31 ? 404 HOH A O     1 
HETATM 1584 O  O     . HOH F 4 .   ? -5.121  7.634   -6.273  1.00 55.31 ? 405 HOH A O     1 
HETATM 1585 O  O     . HOH F 4 .   ? 0.107   10.802  -0.507  1.00 41.24 ? 406 HOH A O     1 
HETATM 1586 O  O     . HOH F 4 .   ? -2.798  10.864  -4.726  1.00 59.18 ? 407 HOH A O     1 
HETATM 1587 O  O     . HOH F 4 .   ? 2.472   6.679   1.591   1.00 25.95 ? 408 HOH A O     1 
HETATM 1588 O  O     . HOH F 4 .   ? 1.708   3.906   2.391   1.00 39.40 ? 409 HOH A O     1 
HETATM 1589 O  O     . HOH F 4 .   ? -2.460  4.195   1.233   1.00 33.74 ? 410 HOH A O     1 
HETATM 1590 O  O     . HOH F 4 .   ? -3.203  2.733   4.553   1.00 14.56 ? 411 HOH A O     1 
HETATM 1591 O  O     . HOH F 4 .   ? 1.925   8.461   -0.576  1.00 41.57 ? 412 HOH A O     1 
HETATM 1592 O  O     . HOH F 4 .   ? -2.507  11.373  2.191   1.00 55.30 ? 413 HOH A O     1 
HETATM 1593 O  O     . HOH F 4 .   ? 6.706   4.925   9.029   1.00 27.74 ? 414 HOH A O     1 
HETATM 1594 O  O     . HOH F 4 .   ? 10.335  4.047   -3.099  1.00 23.31 ? 415 HOH A O     1 
HETATM 1595 O  O     . HOH F 4 .   ? 4.407   3.390   2.775   1.00 25.18 ? 416 HOH A O     1 
HETATM 1596 O  O     . HOH F 4 .   ? -9.653  -7.562  -0.090  1.00 29.60 ? 417 HOH A O     1 
HETATM 1597 O  O     . HOH F 4 .   ? -3.379  -10.365 -1.344  1.00 31.71 ? 418 HOH A O     1 
HETATM 1598 O  O     . HOH F 4 .   ? 8.044   7.000   10.657  1.00 21.78 ? 419 HOH A O     1 
HETATM 1599 O  O     . HOH F 4 .   ? -6.894  -4.786  5.905   1.00 25.88 ? 420 HOH A O     1 
HETATM 1600 O  O     . HOH F 4 .   ? -13.520 -3.169  -0.619  1.00 27.54 ? 421 HOH A O     1 
HETATM 1601 O  O     . HOH F 4 .   ? 10.977  8.619   11.985  1.00 43.01 ? 422 HOH A O     1 
HETATM 1602 O  O     . HOH F 4 .   ? 20.861  9.471   -0.089  1.00 34.97 ? 423 HOH A O     1 
HETATM 1603 O  O     . HOH F 4 .   ? -7.020  3.215   -9.116  1.00 39.11 ? 424 HOH A O     1 
HETATM 1604 O  O     . HOH F 4 .   ? 11.978  12.035  10.821  1.00 35.75 ? 425 HOH A O     1 
HETATM 1605 O  O     . HOH F 4 .   ? -15.391 -6.805  2.175   1.00 36.98 ? 426 HOH A O     1 
HETATM 1606 O  O     . HOH F 4 .   ? 2.445   8.072   -15.222 1.00 32.29 ? 427 HOH A O     1 
HETATM 1607 O  O     . HOH F 4 .   ? -3.973  22.115  0.594   1.00 32.35 ? 428 HOH A O     1 
HETATM 1608 O  O     . HOH F 4 .   ? -13.309 -6.364  -1.098  1.00 40.51 ? 429 HOH A O     1 
HETATM 1609 O  O     . HOH F 4 .   ? 22.396  3.014   10.863  1.00 44.15 ? 430 HOH A O     1 
HETATM 1610 O  O     . HOH F 4 .   ? 7.009   4.883   -14.284 1.00 24.67 ? 431 HOH A O     1 
HETATM 1611 O  O     . HOH F 4 .   ? 2.387   15.751  4.998   1.00 27.18 ? 432 HOH A O     1 
HETATM 1612 O  O     . HOH F 4 .   ? -12.736 -1.934  -3.546  1.00 35.77 ? 433 HOH A O     1 
HETATM 1613 O  O     . HOH F 4 .   ? 9.451   -0.512  13.513  1.00 39.71 ? 434 HOH A O     1 
HETATM 1614 O  O     . HOH F 4 .   ? -3.803  12.093  7.652   1.00 40.62 ? 435 HOH A O     1 
HETATM 1615 O  O     . HOH F 4 .   ? 9.948   11.621  13.386  1.00 43.71 ? 436 HOH A O     1 
HETATM 1616 O  O     . HOH F 4 .   ? 6.210   6.944   -12.975 1.00 27.24 ? 437 HOH A O     1 
HETATM 1617 O  O     . HOH F 4 .   ? -11.412 -10.457 9.814   1.00 40.73 ? 438 HOH A O     1 
HETATM 1618 O  O     . HOH F 4 .   ? 17.763  12.788  0.272   1.00 41.13 ? 439 HOH A O     1 
HETATM 1619 O  O     . HOH F 4 .   ? 6.975   12.269  13.606  1.00 44.96 ? 440 HOH A O     1 
HETATM 1620 O  O     . HOH F 4 .   ? 8.173   9.701   11.954  1.00 30.45 ? 441 HOH A O     1 
HETATM 1621 O  O     . HOH F 4 .   ? -26.179 -6.487  11.923  1.00 38.81 ? 442 HOH A O     1 
HETATM 1622 O  O     . HOH F 4 .   ? 15.852  -1.012  -16.219 1.00 45.90 ? 443 HOH A O     1 
HETATM 1623 O  O     . HOH F 4 .   ? 5.037   -14.601 -10.327 1.00 42.24 ? 444 HOH A O     1 
HETATM 1624 O  O     . HOH F 4 .   ? -9.723  3.542   -0.297  1.00 70.17 ? 445 HOH A O     1 
HETATM 1625 O  O     . HOH F 4 .   ? -4.682  13.310  15.353  1.00 39.65 ? 446 HOH A O     1 
HETATM 1626 O  O     . HOH F 4 .   ? 20.280  5.594   -11.059 1.00 31.99 ? 447 HOH A O     1 
HETATM 1627 O  O     . HOH F 4 .   ? -15.465 -9.004  3.762   1.00 40.12 ? 448 HOH A O     1 
HETATM 1628 O  O     . HOH F 4 .   ? -2.218  15.980  -3.844  1.00 43.44 ? 449 HOH A O     1 
HETATM 1629 O  O     . HOH F 4 .   ? 0.128   -5.818  -11.607 1.00 33.88 ? 450 HOH A O     1 
HETATM 1630 O  O     . HOH F 4 .   ? -6.165  12.556  -4.781  1.00 48.91 ? 451 HOH A O     1 
HETATM 1631 O  O     . HOH F 4 .   ? 4.161   18.085  11.799  1.00 57.46 ? 452 HOH A O     1 
HETATM 1632 O  O     . HOH F 4 .   ? 19.099  -1.139  12.551  1.00 50.56 ? 453 HOH A O     1 
HETATM 1633 O  O     . HOH F 4 .   ? -1.654  -11.661 -2.950  1.00 25.12 ? 454 HOH A O     1 
HETATM 1634 O  O     . HOH F 4 .   ? -10.931 -1.413  -5.675  1.00 45.55 ? 455 HOH A O     1 
HETATM 1635 O  O     . HOH F 4 .   ? -6.380  4.532   3.459   1.00 36.29 ? 456 HOH A O     1 
HETATM 1636 O  O     . HOH F 4 .   ? 7.476   15.710  -1.500  1.00 48.57 ? 457 HOH A O     1 
HETATM 1637 O  O     . HOH F 4 .   ? 22.700  6.984   -7.320  1.00 50.76 ? 458 HOH A O     1 
HETATM 1638 O  O     . HOH F 4 .   ? 11.755  -3.706  -11.145 1.00 33.64 ? 459 HOH A O     1 
HETATM 1639 O  O     . HOH F 4 .   ? 13.120  -16.012 -2.512  1.00 52.85 ? 460 HOH A O     1 
HETATM 1640 O  O     . HOH F 4 .   ? 6.549   16.805  5.492   1.00 32.14 ? 461 HOH A O     1 
HETATM 1641 O  O     . HOH F 4 .   ? -14.128 7.165   4.502   1.00 31.74 ? 462 HOH A O     1 
HETATM 1642 O  O     . HOH F 4 .   ? -10.045 9.235   -3.160  1.00 40.83 ? 463 HOH A O     1 
HETATM 1643 O  O     . HOH F 4 .   ? -12.803 6.283   -13.971 1.00 46.51 ? 464 HOH A O     1 
HETATM 1644 O  O     . HOH F 4 .   ? -15.393 1.461   -9.219  1.00 52.18 ? 465 HOH A O     1 
HETATM 1645 O  O     . HOH F 4 .   ? -0.188  4.330   4.428   1.00 34.22 ? 466 HOH A O     1 
HETATM 1646 O  O     . HOH F 4 .   ? 5.987   -8.720  -15.422 1.00 57.08 ? 467 HOH A O     1 
HETATM 1647 O  O     . HOH F 4 .   ? 23.598  3.296   -1.653  1.00 44.74 ? 468 HOH A O     1 
HETATM 1648 O  O     . HOH F 4 .   ? 18.148  3.958   -11.847 1.00 35.13 ? 469 HOH A O     1 
HETATM 1649 O  O     . HOH F 4 .   ? -11.718 1.964   -7.772  1.00 45.22 ? 470 HOH A O     1 
HETATM 1650 O  O     . HOH F 4 .   ? 21.544  0.812   14.236  1.00 37.79 ? 471 HOH A O     1 
HETATM 1651 O  O     . HOH F 4 .   ? 12.955  6.659   6.055   1.00 26.91 ? 472 HOH A O     1 
# 
